data_8ZE2
#
_entry.id   8ZE2
#
_cell.length_a   1.00
_cell.length_b   1.00
_cell.length_c   1.00
_cell.angle_alpha   90.00
_cell.angle_beta   90.00
_cell.angle_gamma   90.00
#
_symmetry.space_group_name_H-M   'P 1'
#
loop_
_entity.id
_entity.type
_entity.pdbx_description
1 polymer 'Gustatory receptor for sugar taste 64a'
2 branched alpha-D-glucopyranose-(1-2)-alpha-D-fructofuranose
#
_entity_poly.entity_id   1
_entity_poly.type   'polypeptide(L)'
_entity_poly.pdbx_seq_one_letter_code
;MKGPNLNFRKTPSKDNGVKQVESLARPETPPPKFVEDSNLEFNVLASEKLPNYTNLDLFHRAVFPFMFLAQCVAIMPLVG
IRESNPRRVRFAYKSIPMFVTLIFMIATSILFLSMFTHLLKIGITAKNFVGLVFFGCVLSAYVVFIRLAKKWPAVVRIWT
RTEIPFTKPPYEIPKRNLSRRVQLAALAIIGLSLGEHALYQVSAILSYTRRIQMCANITTVPSFNNYMQTNYDYVFQLLP
YSPIIAVLILLINGACTFVWNYMDLFIMMISKGLSYRFEQITTRIRKLEHEEVCESVFIQIREHYVKMCELLEFVDSAMS
SLILLSCVNNLYFVCYQLLNVFNKLRWPINYIYFWYSLLYLIGRTAFVFLTAADINEESKRGLGVLRRVSSRSWCVEVER
LIFQMTTQTVALSGKKFYFLTRRLLFGMAGTIVTYELVLLQFDEPNRRKGLQPLCALEGGSSGGWSHPQFEK
;
_entity_poly.pdbx_strand_id   A,B,C,D
#
# COMPACT_ATOMS: atom_id res chain seq x y z
N LEU A 56 32.17 27.61 -16.75
CA LEU A 56 30.78 27.76 -17.17
C LEU A 56 29.87 26.91 -16.29
N ASP A 57 28.63 27.34 -16.10
CA ASP A 57 27.67 26.64 -15.26
C ASP A 57 27.19 25.40 -15.99
N LEU A 58 28.00 24.34 -15.93
CA LEU A 58 27.68 23.06 -16.51
C LEU A 58 27.70 21.99 -15.43
N PHE A 59 26.98 20.89 -15.69
CA PHE A 59 27.03 19.76 -14.78
C PHE A 59 28.43 19.17 -14.74
N HIS A 60 29.07 19.00 -15.90
CA HIS A 60 30.38 18.38 -15.95
C HIS A 60 31.43 19.22 -15.22
N ARG A 61 31.39 20.54 -15.41
CA ARG A 61 32.29 21.42 -14.68
C ARG A 61 31.97 21.49 -13.21
N ALA A 62 30.79 21.04 -12.80
CA ALA A 62 30.42 20.97 -11.39
C ALA A 62 30.73 19.62 -10.75
N VAL A 63 30.98 18.58 -11.56
CA VAL A 63 31.29 17.27 -11.02
C VAL A 63 32.77 16.95 -11.12
N PHE A 64 33.45 17.42 -12.17
CA PHE A 64 34.84 17.01 -12.37
C PHE A 64 35.77 17.40 -11.23
N PRO A 65 35.54 18.47 -10.45
CA PRO A 65 36.30 18.60 -9.20
C PRO A 65 36.07 17.46 -8.24
N PHE A 66 34.95 16.74 -8.35
CA PHE A 66 34.69 15.56 -7.55
C PHE A 66 34.86 14.26 -8.32
N MET A 67 34.64 14.27 -9.64
CA MET A 67 34.99 13.11 -10.46
C MET A 67 36.50 12.85 -10.39
N PHE A 68 37.30 13.91 -10.43
CA PHE A 68 38.75 13.74 -10.33
C PHE A 68 39.14 13.19 -8.96
N LEU A 69 38.50 13.67 -7.89
CA LEU A 69 38.78 13.15 -6.56
C LEU A 69 38.36 11.70 -6.43
N ALA A 70 37.25 11.31 -7.08
CA ALA A 70 36.82 9.92 -7.08
C ALA A 70 37.77 9.04 -7.88
N GLN A 71 38.29 9.53 -9.01
CA GLN A 71 39.26 8.79 -9.78
C GLN A 71 40.62 8.72 -9.08
N CYS A 72 40.89 9.63 -8.15
CA CYS A 72 42.09 9.51 -7.32
C CYS A 72 42.04 8.22 -6.51
N VAL A 73 40.88 7.89 -5.95
CA VAL A 73 40.69 6.60 -5.28
C VAL A 73 40.13 5.62 -6.30
N ALA A 74 40.21 5.99 -7.58
CA ALA A 74 39.84 5.14 -8.72
C ALA A 74 38.38 4.69 -8.65
N ILE A 75 37.49 5.67 -8.76
CA ILE A 75 36.06 5.42 -8.85
C ILE A 75 35.61 5.76 -10.27
N MET A 76 34.96 4.81 -10.92
CA MET A 76 34.28 5.02 -12.18
C MET A 76 35.29 5.54 -13.20
N PRO A 77 36.19 4.68 -13.67
CA PRO A 77 37.35 5.16 -14.43
C PRO A 77 36.97 5.75 -15.77
N LEU A 78 37.58 6.89 -16.09
CA LEU A 78 37.46 7.50 -17.41
C LEU A 78 38.76 8.22 -17.71
N VAL A 79 39.03 8.39 -18.99
CA VAL A 79 40.26 9.04 -19.45
C VAL A 79 39.92 10.47 -19.86
N GLY A 80 40.60 11.43 -19.24
CA GLY A 80 40.35 12.83 -19.52
C GLY A 80 39.30 13.48 -18.64
N ILE A 81 39.10 12.98 -17.41
CA ILE A 81 38.08 13.56 -16.54
C ILE A 81 38.46 14.96 -16.06
N ARG A 82 39.74 15.33 -16.13
CA ARG A 82 40.16 16.65 -15.69
C ARG A 82 39.87 17.73 -16.73
N GLU A 83 39.64 17.35 -17.98
CA GLU A 83 39.39 18.33 -19.03
C GLU A 83 38.06 19.04 -18.81
N SER A 84 38.01 20.30 -19.23
CA SER A 84 36.81 21.12 -19.11
C SER A 84 35.81 20.88 -20.22
N ASN A 85 36.14 20.05 -21.21
CA ASN A 85 35.24 19.73 -22.29
C ASN A 85 34.68 18.33 -22.11
N PRO A 86 33.36 18.14 -22.14
CA PRO A 86 32.79 16.82 -21.87
C PRO A 86 32.84 15.85 -23.05
N ARG A 87 33.54 16.20 -24.14
CA ARG A 87 33.67 15.30 -25.27
C ARG A 87 35.02 14.60 -25.34
N ARG A 88 36.03 15.09 -24.63
CA ARG A 88 37.33 14.42 -24.57
C ARG A 88 37.37 13.30 -23.54
N VAL A 89 36.34 13.18 -22.70
CA VAL A 89 36.31 12.12 -21.70
C VAL A 89 35.86 10.82 -22.36
N ARG A 90 36.66 9.77 -22.20
CA ARG A 90 36.42 8.51 -22.90
C ARG A 90 36.60 7.35 -21.92
N PHE A 91 36.26 6.16 -22.41
CA PHE A 91 36.51 4.91 -21.70
C PHE A 91 37.45 4.07 -22.54
N ALA A 92 38.75 4.31 -22.39
CA ALA A 92 39.77 3.65 -23.19
C ALA A 92 40.69 2.88 -22.26
N TYR A 93 41.07 1.68 -22.67
CA TYR A 93 41.85 0.80 -21.80
C TYR A 93 43.34 1.12 -21.84
N LYS A 94 43.75 2.01 -22.72
CA LYS A 94 45.16 2.31 -22.96
C LYS A 94 45.54 3.66 -22.33
N SER A 95 45.67 3.69 -21.01
CA SER A 95 46.12 4.87 -20.28
C SER A 95 46.32 4.49 -18.82
N ILE A 96 46.44 5.51 -17.96
CA ILE A 96 46.60 5.25 -16.53
C ILE A 96 45.30 4.86 -15.81
N PRO A 97 44.11 5.42 -16.13
CA PRO A 97 42.98 5.28 -15.18
C PRO A 97 42.35 3.89 -15.07
N MET A 98 42.19 3.15 -16.17
CA MET A 98 41.67 1.80 -15.99
C MET A 98 42.70 0.91 -15.27
N PHE A 99 43.99 1.20 -15.46
CA PHE A 99 44.99 0.47 -14.70
C PHE A 99 44.90 0.76 -13.21
N VAL A 100 44.72 2.02 -12.83
CA VAL A 100 44.66 2.34 -11.42
C VAL A 100 43.37 1.80 -10.80
N THR A 101 42.26 1.82 -11.57
CA THR A 101 41.03 1.26 -11.02
C THR A 101 41.08 -0.26 -10.98
N LEU A 102 41.86 -0.89 -11.87
CA LEU A 102 42.03 -2.33 -11.83
C LEU A 102 42.88 -2.75 -10.63
N ILE A 103 43.95 -2.01 -10.35
CA ILE A 103 44.75 -2.29 -9.17
C ILE A 103 43.91 -2.09 -7.91
N PHE A 104 43.16 -0.98 -7.86
CA PHE A 104 42.30 -0.71 -6.72
C PHE A 104 41.18 -1.75 -6.62
N MET A 105 40.72 -2.28 -7.76
CA MET A 105 39.66 -3.28 -7.76
C MET A 105 40.16 -4.62 -7.28
N ILE A 106 41.38 -5.01 -7.68
CA ILE A 106 41.96 -6.23 -7.13
C ILE A 106 42.27 -6.06 -5.65
N ALA A 107 42.65 -4.85 -5.23
CA ALA A 107 42.85 -4.60 -3.80
C ALA A 107 41.54 -4.80 -3.04
N THR A 108 40.47 -4.17 -3.52
CA THR A 108 39.16 -4.34 -2.89
C THR A 108 38.68 -5.79 -2.98
N SER A 109 39.06 -6.50 -4.04
CA SER A 109 38.64 -7.89 -4.21
C SER A 109 39.40 -8.80 -3.26
N ILE A 110 40.68 -8.56 -3.03
CA ILE A 110 41.41 -9.30 -2.01
C ILE A 110 40.83 -9.00 -0.63
N LEU A 111 40.46 -7.74 -0.38
CA LEU A 111 39.78 -7.42 0.87
C LEU A 111 38.49 -8.23 1.01
N PHE A 112 37.65 -8.20 -0.01
CA PHE A 112 36.36 -8.88 0.03
C PHE A 112 36.55 -10.38 0.20
N LEU A 113 37.48 -10.97 -0.55
CA LEU A 113 37.68 -12.42 -0.47
C LEU A 113 38.29 -12.83 0.87
N SER A 114 39.25 -12.04 1.37
CA SER A 114 39.86 -12.35 2.66
C SER A 114 38.82 -12.28 3.78
N MET A 115 38.00 -11.23 3.78
CA MET A 115 36.97 -11.15 4.82
C MET A 115 35.86 -12.18 4.58
N PHE A 116 35.64 -12.57 3.32
CA PHE A 116 34.67 -13.61 2.99
C PHE A 116 35.11 -14.94 3.62
N THR A 117 36.37 -15.31 3.41
CA THR A 117 36.90 -16.53 4.03
C THR A 117 36.96 -16.40 5.54
N HIS A 118 37.31 -15.21 6.05
CA HIS A 118 37.42 -15.02 7.50
C HIS A 118 36.06 -15.16 8.18
N LEU A 119 35.01 -14.62 7.58
CA LEU A 119 33.67 -14.72 8.13
C LEU A 119 32.98 -16.03 7.79
N LEU A 120 33.50 -16.81 6.84
CA LEU A 120 33.09 -18.21 6.75
C LEU A 120 33.78 -19.03 7.84
N LYS A 121 35.02 -18.69 8.17
CA LYS A 121 35.73 -19.35 9.26
C LYS A 121 35.10 -19.03 10.61
N ILE A 122 34.58 -17.81 10.75
CA ILE A 122 33.96 -17.39 12.01
C ILE A 122 32.44 -17.51 12.00
N GLY A 123 31.82 -17.60 10.84
CA GLY A 123 30.37 -17.72 10.76
C GLY A 123 29.68 -16.44 10.33
N ILE A 124 28.93 -16.50 9.24
CA ILE A 124 28.21 -15.34 8.72
C ILE A 124 26.92 -15.18 9.52
N THR A 125 26.77 -14.05 10.20
CA THR A 125 25.55 -13.69 10.91
C THR A 125 25.05 -12.36 10.39
N ALA A 126 23.90 -11.94 10.91
CA ALA A 126 23.38 -10.61 10.56
C ALA A 126 24.32 -9.51 11.04
N LYS A 127 25.05 -9.76 12.13
CA LYS A 127 26.02 -8.78 12.61
C LYS A 127 27.32 -8.82 11.80
N ASN A 128 27.69 -9.99 11.28
CA ASN A 128 28.89 -10.12 10.47
C ASN A 128 28.63 -9.89 8.99
N PHE A 129 27.38 -9.96 8.53
CA PHE A 129 27.08 -9.69 7.13
C PHE A 129 27.33 -8.24 6.73
N VAL A 130 27.50 -7.35 7.70
CA VAL A 130 27.73 -5.94 7.37
C VAL A 130 28.98 -5.78 6.53
N GLY A 131 30.05 -6.49 6.88
CA GLY A 131 31.25 -6.44 6.06
C GLY A 131 31.04 -6.99 4.67
N LEU A 132 30.27 -8.09 4.56
CA LEU A 132 29.96 -8.64 3.25
C LEU A 132 29.25 -7.61 2.38
N VAL A 133 28.19 -7.00 2.92
CA VAL A 133 27.46 -6.00 2.13
C VAL A 133 28.34 -4.81 1.83
N PHE A 134 29.17 -4.38 2.77
CA PHE A 134 30.01 -3.22 2.54
C PHE A 134 30.99 -3.45 1.40
N PHE A 135 31.75 -4.55 1.45
CA PHE A 135 32.77 -4.75 0.43
C PHE A 135 32.17 -5.24 -0.88
N GLY A 136 31.14 -6.09 -0.83
CA GLY A 136 30.43 -6.46 -2.05
C GLY A 136 29.77 -5.28 -2.71
N CYS A 137 29.27 -4.32 -1.92
CA CYS A 137 28.67 -3.13 -2.48
C CYS A 137 29.72 -2.17 -3.03
N VAL A 138 30.91 -2.14 -2.42
CA VAL A 138 32.00 -1.36 -3.01
C VAL A 138 32.41 -1.95 -4.35
N LEU A 139 32.55 -3.27 -4.42
CA LEU A 139 32.90 -3.91 -5.69
C LEU A 139 31.80 -3.77 -6.72
N SER A 140 30.54 -3.88 -6.29
CA SER A 140 29.41 -3.69 -7.20
C SER A 140 29.32 -2.25 -7.65
N ALA A 141 29.65 -1.29 -6.79
CA ALA A 141 29.73 0.10 -7.21
C ALA A 141 30.83 0.28 -8.23
N TYR A 142 31.97 -0.38 -8.03
CA TYR A 142 33.02 -0.38 -9.04
C TYR A 142 32.51 -0.90 -10.38
N VAL A 143 31.78 -2.01 -10.35
CA VAL A 143 31.32 -2.65 -11.58
C VAL A 143 30.28 -1.78 -12.29
N VAL A 144 29.26 -1.34 -11.56
CA VAL A 144 28.24 -0.50 -12.16
C VAL A 144 28.77 0.89 -12.50
N PHE A 145 29.87 1.32 -11.87
CA PHE A 145 30.52 2.55 -12.28
C PHE A 145 31.33 2.35 -13.56
N ILE A 146 31.91 1.18 -13.75
CA ILE A 146 32.52 0.86 -15.04
C ILE A 146 31.45 0.86 -16.13
N ARG A 147 30.32 0.22 -15.85
CA ARG A 147 29.22 0.23 -16.81
C ARG A 147 28.69 1.64 -17.04
N LEU A 148 28.63 2.46 -15.99
CA LEU A 148 28.24 3.86 -16.13
C LEU A 148 29.23 4.61 -17.01
N ALA A 149 30.53 4.35 -16.84
CA ALA A 149 31.55 4.99 -17.66
C ALA A 149 31.53 4.48 -19.08
N LYS A 150 31.00 3.29 -19.33
CA LYS A 150 30.85 2.82 -20.70
C LYS A 150 29.91 3.71 -21.51
N LYS A 151 28.98 4.39 -20.84
CA LYS A 151 28.05 5.30 -21.49
C LYS A 151 28.23 6.75 -21.05
N TRP A 152 29.12 7.02 -20.09
CA TRP A 152 29.36 8.35 -19.56
C TRP A 152 29.87 9.29 -20.62
N PRO A 153 30.67 8.84 -21.60
CA PRO A 153 30.85 9.65 -22.81
C PRO A 153 29.49 10.10 -23.34
N ALA A 154 28.62 9.14 -23.66
CA ALA A 154 27.31 9.46 -24.20
C ALA A 154 26.43 10.15 -23.17
N VAL A 155 26.58 9.78 -21.88
CA VAL A 155 25.72 10.36 -20.86
C VAL A 155 26.02 11.85 -20.70
N VAL A 156 27.30 12.21 -20.57
CA VAL A 156 27.64 13.62 -20.47
C VAL A 156 27.43 14.33 -21.80
N ARG A 157 27.53 13.61 -22.93
CA ARG A 157 27.22 14.22 -24.21
C ARG A 157 25.77 14.69 -24.25
N ILE A 158 24.84 13.79 -23.90
CA ILE A 158 23.43 14.17 -23.92
C ILE A 158 23.12 15.17 -22.82
N TRP A 159 23.78 15.05 -21.66
CA TRP A 159 23.56 15.99 -20.57
C TRP A 159 23.95 17.40 -20.98
N THR A 160 25.16 17.56 -21.53
CA THR A 160 25.60 18.86 -22.00
C THR A 160 24.74 19.36 -23.16
N ARG A 161 24.36 18.46 -24.07
CA ARG A 161 23.58 18.86 -25.24
C ARG A 161 22.22 19.42 -24.83
N THR A 162 21.58 18.79 -23.85
CA THR A 162 20.29 19.28 -23.36
C THR A 162 20.41 20.38 -22.31
N GLU A 163 21.59 20.60 -21.75
CA GLU A 163 21.78 21.67 -20.76
C GLU A 163 22.37 22.93 -21.37
N ILE A 164 22.72 22.92 -22.66
CA ILE A 164 23.11 24.17 -23.33
C ILE A 164 21.97 25.18 -23.35
N PRO A 165 20.73 24.83 -23.72
CA PRO A 165 19.66 25.83 -23.69
C PRO A 165 19.32 26.34 -22.30
N PHE A 166 19.79 25.69 -21.25
CA PHE A 166 19.52 26.11 -19.88
C PHE A 166 20.52 27.15 -19.39
N THR A 167 21.53 27.49 -20.19
CA THR A 167 22.44 28.59 -19.92
C THR A 167 22.16 29.78 -20.84
N LYS A 168 20.89 30.00 -21.14
CA LYS A 168 20.44 30.99 -22.11
C LYS A 168 19.71 32.14 -21.44
N PRO A 169 19.55 33.27 -22.13
CA PRO A 169 18.84 34.42 -21.54
C PRO A 169 17.44 34.08 -21.06
N PRO A 170 16.68 33.19 -21.73
CA PRO A 170 15.37 32.82 -21.17
C PRO A 170 15.44 32.24 -19.77
N TYR A 171 16.57 31.65 -19.37
CA TYR A 171 16.77 31.12 -18.04
C TYR A 171 17.75 32.00 -17.26
N GLU A 172 17.94 31.67 -16.00
CA GLU A 172 18.78 32.48 -15.12
C GLU A 172 19.31 31.65 -13.98
N ILE A 173 20.31 32.20 -13.30
CA ILE A 173 20.94 31.56 -12.14
C ILE A 173 20.48 32.33 -10.89
N PRO A 174 19.56 31.78 -10.09
CA PRO A 174 18.94 32.59 -9.02
C PRO A 174 19.90 33.06 -7.94
N LYS A 175 20.43 32.15 -7.13
CA LYS A 175 21.40 32.53 -6.10
C LYS A 175 22.65 31.66 -6.17
N ARG A 176 22.45 30.35 -6.17
CA ARG A 176 23.53 29.37 -6.15
C ARG A 176 23.59 28.67 -7.50
N ASN A 177 24.65 28.91 -8.26
CA ASN A 177 24.80 28.24 -9.54
C ASN A 177 25.04 26.75 -9.33
N LEU A 178 24.88 25.99 -10.41
CA LEU A 178 25.08 24.54 -10.33
C LEU A 178 26.47 24.22 -9.79
N SER A 179 27.47 25.04 -10.11
CA SER A 179 28.80 24.88 -9.55
C SER A 179 28.74 24.90 -8.02
N ARG A 180 28.32 26.02 -7.44
CA ARG A 180 28.30 26.12 -5.98
C ARG A 180 27.22 25.26 -5.36
N ARG A 181 26.08 25.09 -6.03
CA ARG A 181 25.03 24.24 -5.48
C ARG A 181 25.49 22.80 -5.35
N VAL A 182 26.23 22.30 -6.35
CA VAL A 182 26.82 20.97 -6.23
C VAL A 182 27.95 20.96 -5.21
N GLN A 183 28.78 22.01 -5.23
CA GLN A 183 29.99 22.03 -4.40
C GLN A 183 29.66 22.05 -2.92
N LEU A 184 28.67 22.85 -2.51
CA LEU A 184 28.33 22.93 -1.10
C LEU A 184 27.87 21.59 -0.56
N ALA A 185 26.91 20.96 -1.24
CA ALA A 185 26.38 19.68 -0.79
C ALA A 185 27.43 18.58 -0.89
N ALA A 186 28.24 18.60 -1.94
CA ALA A 186 29.25 17.56 -2.10
C ALA A 186 30.36 17.70 -1.06
N LEU A 187 30.78 18.93 -0.77
CA LEU A 187 31.76 19.15 0.28
C LEU A 187 31.17 18.87 1.66
N ALA A 188 29.88 19.09 1.85
CA ALA A 188 29.24 18.71 3.10
C ALA A 188 29.24 17.20 3.27
N ILE A 189 28.90 16.47 2.20
CA ILE A 189 28.91 15.01 2.29
C ILE A 189 30.32 14.49 2.48
N ILE A 190 31.31 15.09 1.81
CA ILE A 190 32.69 14.69 2.02
C ILE A 190 33.15 15.03 3.43
N GLY A 191 32.67 16.15 3.97
CA GLY A 191 32.99 16.51 5.34
C GLY A 191 32.41 15.57 6.36
N LEU A 192 31.13 15.20 6.20
CA LEU A 192 30.54 14.23 7.11
C LEU A 192 31.05 12.81 6.86
N SER A 193 31.52 12.51 5.65
CA SER A 193 32.16 11.22 5.41
C SER A 193 33.51 11.16 6.10
N LEU A 194 34.33 12.21 5.93
CA LEU A 194 35.58 12.31 6.66
C LEU A 194 35.33 12.32 8.16
N GLY A 195 34.24 12.93 8.60
CA GLY A 195 33.89 12.89 10.01
C GLY A 195 33.50 11.50 10.48
N GLU A 196 32.68 10.81 9.70
CA GLU A 196 32.26 9.46 10.07
C GLU A 196 33.46 8.53 10.17
N HIS A 197 34.32 8.54 9.15
CA HIS A 197 35.53 7.72 9.21
C HIS A 197 36.49 8.25 10.27
N ALA A 198 36.47 9.56 10.52
CA ALA A 198 37.34 10.16 11.52
C ALA A 198 37.02 9.63 12.89
N LEU A 199 35.77 9.77 13.33
CA LEU A 199 35.40 9.19 14.63
C LEU A 199 35.28 7.68 14.58
N TYR A 200 35.26 7.04 13.40
CA TYR A 200 35.38 5.59 13.38
C TYR A 200 36.76 5.18 13.87
N GLN A 201 37.81 5.77 13.28
CA GLN A 201 39.15 5.55 13.81
C GLN A 201 39.29 6.09 15.24
N VAL A 202 38.67 7.24 15.55
CA VAL A 202 38.77 7.77 16.90
C VAL A 202 38.24 6.75 17.91
N SER A 203 37.03 6.26 17.69
CA SER A 203 36.48 5.22 18.55
C SER A 203 37.37 4.00 18.57
N ALA A 204 37.84 3.55 17.40
CA ALA A 204 38.65 2.34 17.33
C ALA A 204 39.90 2.48 18.21
N ILE A 205 40.73 3.47 17.92
CA ILE A 205 42.01 3.58 18.61
C ILE A 205 41.84 3.93 20.08
N LEU A 206 40.96 4.87 20.43
CA LEU A 206 40.81 5.11 21.87
C LEU A 206 40.24 3.87 22.56
N SER A 207 39.04 3.40 22.20
CA SER A 207 38.49 2.23 22.88
C SER A 207 39.52 1.10 22.98
N TYR A 208 40.35 0.95 21.94
CA TYR A 208 41.35 -0.11 21.91
C TYR A 208 42.52 0.15 22.87
N THR A 209 42.99 1.41 22.97
CA THR A 209 44.10 1.71 23.88
C THR A 209 43.63 1.90 25.32
N ARG A 210 42.57 2.68 25.53
CA ARG A 210 41.89 2.73 26.80
C ARG A 210 41.26 1.40 27.19
N ARG A 211 41.33 0.39 26.30
CA ARG A 211 41.15 -1.01 26.63
C ARG A 211 42.49 -1.68 26.90
N ILE A 212 43.58 -1.22 26.28
CA ILE A 212 44.91 -1.75 26.59
C ILE A 212 45.30 -1.40 28.02
N GLN A 213 44.91 -0.20 28.48
CA GLN A 213 45.28 0.26 29.81
C GLN A 213 44.55 -0.52 30.89
N MET A 214 43.58 -1.35 30.51
CA MET A 214 42.92 -2.25 31.44
C MET A 214 42.96 -3.67 30.87
N CYS A 215 43.68 -4.55 31.56
CA CYS A 215 43.93 -5.91 31.09
C CYS A 215 44.50 -5.95 29.67
N ALA A 216 44.29 -7.07 28.98
CA ALA A 216 44.73 -7.25 27.59
C ALA A 216 46.23 -6.97 27.41
N ASN A 217 47.03 -7.42 28.38
CA ASN A 217 48.49 -7.31 28.32
C ASN A 217 48.90 -5.85 28.14
N ILE A 218 48.72 -5.11 29.24
CA ILE A 218 48.93 -3.65 29.23
C ILE A 218 50.30 -3.29 28.66
N THR A 219 51.24 -4.23 28.69
CA THR A 219 52.59 -3.95 28.20
C THR A 219 52.62 -3.69 26.69
N THR A 220 51.58 -4.09 25.97
CA THR A 220 51.48 -3.81 24.54
C THR A 220 51.34 -2.31 24.34
N VAL A 221 52.37 -1.68 23.78
CA VAL A 221 52.29 -0.23 23.57
C VAL A 221 51.35 0.05 22.42
N PRO A 222 50.33 0.89 22.60
CA PRO A 222 49.48 1.28 21.47
C PRO A 222 50.30 1.83 20.32
N SER A 223 50.19 1.17 19.16
CA SER A 223 50.98 1.55 18.00
C SER A 223 50.13 1.38 16.74
N PHE A 224 50.72 1.81 15.62
CA PHE A 224 50.03 1.70 14.33
C PHE A 224 49.91 0.24 13.91
N ASN A 225 51.01 -0.52 14.01
CA ASN A 225 50.99 -1.92 13.60
C ASN A 225 50.08 -2.75 14.50
N ASN A 226 50.05 -2.44 15.79
CA ASN A 226 49.15 -3.12 16.71
C ASN A 226 47.69 -2.82 16.35
N TYR A 227 47.37 -1.56 16.01
CA TYR A 227 46.01 -1.25 15.56
C TYR A 227 45.67 -1.99 14.29
N MET A 228 46.66 -2.18 13.40
CA MET A 228 46.45 -3.02 12.23
C MET A 228 46.13 -4.47 12.60
N GLN A 229 46.92 -5.05 13.49
CA GLN A 229 46.80 -6.47 13.78
C GLN A 229 45.69 -6.79 14.78
N THR A 230 45.05 -5.79 15.37
CA THR A 230 43.94 -6.04 16.28
C THR A 230 42.61 -5.52 15.75
N ASN A 231 42.51 -4.22 15.47
CA ASN A 231 41.23 -3.65 15.04
C ASN A 231 40.98 -3.82 13.55
N TYR A 232 41.99 -4.15 12.76
CA TYR A 232 41.82 -4.37 11.32
C TYR A 232 42.14 -5.83 11.04
N ASP A 233 41.16 -6.70 11.28
CA ASP A 233 41.28 -8.12 11.06
C ASP A 233 40.91 -8.44 9.61
N TYR A 234 40.62 -9.71 9.33
CA TYR A 234 40.17 -10.19 8.02
C TYR A 234 41.13 -9.78 6.90
N VAL A 235 42.36 -9.42 7.26
CA VAL A 235 43.37 -9.09 6.27
C VAL A 235 44.68 -9.86 6.46
N PHE A 236 44.97 -10.37 7.65
CA PHE A 236 46.23 -11.06 7.91
C PHE A 236 46.11 -12.58 7.84
N GLN A 237 44.91 -13.12 7.76
CA GLN A 237 44.76 -14.56 7.53
C GLN A 237 45.02 -14.92 6.07
N LEU A 238 45.06 -13.92 5.18
CA LEU A 238 45.37 -14.14 3.77
C LEU A 238 46.64 -13.39 3.35
N LEU A 239 46.78 -12.14 3.77
CA LEU A 239 47.95 -11.36 3.41
C LEU A 239 48.95 -11.33 4.55
N PRO A 240 50.25 -11.29 4.27
CA PRO A 240 51.24 -11.22 5.33
C PRO A 240 51.22 -9.87 6.04
N TYR A 241 51.64 -9.89 7.30
CA TYR A 241 51.67 -8.66 8.10
C TYR A 241 52.90 -7.82 7.73
N SER A 242 52.67 -6.56 7.38
CA SER A 242 53.75 -5.65 7.01
C SER A 242 53.29 -4.21 7.08
N PRO A 243 54.13 -3.29 7.58
CA PRO A 243 53.79 -1.87 7.53
C PRO A 243 53.32 -1.39 6.16
N ILE A 244 53.97 -1.85 5.09
CA ILE A 244 53.60 -1.38 3.75
C ILE A 244 52.21 -1.87 3.37
N ILE A 245 51.96 -3.17 3.56
CA ILE A 245 50.62 -3.68 3.28
C ILE A 245 49.62 -3.02 4.21
N ALA A 246 50.06 -2.60 5.40
CA ALA A 246 49.16 -1.95 6.34
C ALA A 246 48.75 -0.55 5.89
N VAL A 247 49.70 0.24 5.38
CA VAL A 247 49.35 1.57 4.91
C VAL A 247 48.55 1.48 3.62
N LEU A 248 48.89 0.53 2.73
CA LEU A 248 48.02 0.29 1.58
C LEU A 248 46.65 -0.19 2.01
N ILE A 249 46.54 -0.88 3.15
CA ILE A 249 45.24 -1.31 3.65
C ILE A 249 44.44 -0.12 4.16
N LEU A 250 45.10 0.81 4.84
CA LEU A 250 44.43 2.06 5.20
C LEU A 250 43.96 2.81 3.96
N LEU A 251 44.80 2.88 2.93
CA LEU A 251 44.41 3.58 1.71
C LEU A 251 43.23 2.90 1.03
N ILE A 252 43.26 1.57 0.93
CA ILE A 252 42.15 0.84 0.32
C ILE A 252 40.89 0.94 1.16
N ASN A 253 41.00 0.98 2.49
CA ASN A 253 39.80 1.09 3.31
C ASN A 253 39.20 2.49 3.25
N GLY A 254 40.04 3.52 3.28
CA GLY A 254 39.54 4.87 3.06
C GLY A 254 38.92 5.03 1.70
N ALA A 255 39.53 4.43 0.68
CA ALA A 255 38.96 4.46 -0.66
C ALA A 255 37.63 3.72 -0.71
N CYS A 256 37.52 2.61 0.01
CA CYS A 256 36.26 1.85 0.01
C CYS A 256 35.15 2.61 0.73
N THR A 257 35.48 3.26 1.84
CA THR A 257 34.52 4.16 2.49
C THR A 257 34.13 5.28 1.55
N PHE A 258 35.10 5.79 0.78
CA PHE A 258 34.80 6.81 -0.21
C PHE A 258 33.86 6.27 -1.29
N VAL A 259 34.03 5.01 -1.70
CA VAL A 259 33.09 4.38 -2.62
C VAL A 259 31.70 4.34 -2.00
N TRP A 260 31.62 3.86 -0.76
CA TRP A 260 30.33 3.68 -0.09
C TRP A 260 29.58 4.98 0.05
N ASN A 261 30.29 6.08 0.36
CA ASN A 261 29.63 7.36 0.53
C ASN A 261 29.46 8.09 -0.79
N TYR A 262 30.41 7.95 -1.71
CA TYR A 262 30.32 8.58 -3.02
C TYR A 262 29.26 7.96 -3.88
N MET A 263 28.78 6.75 -3.55
CA MET A 263 27.58 6.24 -4.20
C MET A 263 26.42 7.23 -4.04
N ASP A 264 26.02 7.48 -2.79
CA ASP A 264 24.96 8.43 -2.52
C ASP A 264 25.38 9.84 -2.94
N LEU A 265 26.66 10.17 -2.80
CA LEU A 265 27.13 11.51 -3.12
C LEU A 265 26.96 11.79 -4.62
N PHE A 266 27.33 10.81 -5.46
CA PHE A 266 27.14 10.91 -6.90
C PHE A 266 25.66 10.91 -7.27
N ILE A 267 24.85 10.09 -6.60
CA ILE A 267 23.42 10.11 -6.90
C ILE A 267 22.83 11.49 -6.59
N MET A 268 23.27 12.11 -5.49
CA MET A 268 22.80 13.45 -5.18
C MET A 268 23.35 14.46 -6.18
N MET A 269 24.57 14.25 -6.67
CA MET A 269 25.10 15.12 -7.72
C MET A 269 24.21 15.08 -8.95
N ILE A 270 23.82 13.88 -9.38
CA ILE A 270 22.90 13.73 -10.51
C ILE A 270 21.56 14.39 -10.20
N SER A 271 21.03 14.16 -9.00
CA SER A 271 19.74 14.72 -8.63
C SER A 271 19.78 16.23 -8.63
N LYS A 272 20.87 16.81 -8.11
CA LYS A 272 21.03 18.26 -8.12
C LYS A 272 21.18 18.79 -9.53
N GLY A 273 21.90 18.07 -10.39
CA GLY A 273 22.05 18.51 -11.77
C GLY A 273 20.72 18.54 -12.51
N LEU A 274 19.86 17.55 -12.27
CA LEU A 274 18.56 17.54 -12.92
C LEU A 274 17.61 18.56 -12.27
N SER A 275 17.63 18.65 -10.94
CA SER A 275 16.76 19.57 -10.24
C SER A 275 17.14 21.02 -10.50
N TYR A 276 18.40 21.29 -10.83
CA TYR A 276 18.81 22.63 -11.20
C TYR A 276 18.07 23.10 -12.44
N ARG A 277 18.09 22.28 -13.51
CA ARG A 277 17.40 22.64 -14.73
C ARG A 277 15.88 22.64 -14.54
N PHE A 278 15.36 21.72 -13.72
CA PHE A 278 13.92 21.71 -13.47
C PHE A 278 13.50 22.95 -12.68
N GLU A 279 14.34 23.41 -11.75
CA GLU A 279 14.08 24.66 -11.05
C GLU A 279 14.15 25.84 -12.01
N GLN A 280 15.07 25.79 -12.97
CA GLN A 280 15.10 26.83 -14.00
C GLN A 280 13.80 26.86 -14.80
N ILE A 281 13.29 25.69 -15.18
CA ILE A 281 12.02 25.63 -15.90
C ILE A 281 10.88 26.17 -15.05
N THR A 282 10.84 25.77 -13.78
CA THR A 282 9.79 26.25 -12.89
C THR A 282 9.88 27.75 -12.66
N THR A 283 11.09 28.28 -12.55
CA THR A 283 11.27 29.73 -12.40
C THR A 283 10.84 30.47 -13.65
N ARG A 284 11.12 29.92 -14.83
CA ARG A 284 10.63 30.52 -16.06
C ARG A 284 9.11 30.51 -16.10
N ILE A 285 8.49 29.41 -15.63
CA ILE A 285 7.03 29.33 -15.60
C ILE A 285 6.46 30.34 -14.61
N ARG A 286 7.13 30.54 -13.48
CA ARG A 286 6.66 31.50 -12.49
C ARG A 286 6.87 32.94 -12.94
N LYS A 287 7.88 33.19 -13.78
CA LYS A 287 8.13 34.53 -14.29
C LYS A 287 7.03 35.02 -15.23
N LEU A 288 6.23 34.11 -15.80
CA LEU A 288 5.17 34.48 -16.70
C LEU A 288 3.82 34.20 -16.04
N GLU A 289 3.78 34.43 -14.73
CA GLU A 289 2.63 34.05 -13.92
C GLU A 289 1.39 34.86 -14.30
N HIS A 290 1.44 36.18 -14.11
CA HIS A 290 0.28 37.04 -14.34
C HIS A 290 0.31 37.73 -15.69
N GLU A 291 1.16 37.28 -16.60
CA GLU A 291 1.27 37.86 -17.94
C GLU A 291 0.65 36.93 -18.97
N GLU A 292 0.19 37.53 -20.07
CA GLU A 292 -0.35 36.76 -21.18
C GLU A 292 0.80 36.06 -21.90
N VAL A 293 0.78 34.74 -21.90
CA VAL A 293 1.86 33.94 -22.47
C VAL A 293 1.54 33.59 -23.91
N CYS A 294 2.51 33.78 -24.80
CA CYS A 294 2.37 33.36 -26.18
C CYS A 294 2.43 31.84 -26.30
N GLU A 295 1.88 31.34 -27.40
CA GLU A 295 1.92 29.89 -27.65
C GLU A 295 3.35 29.40 -27.85
N SER A 296 4.20 30.23 -28.47
CA SER A 296 5.58 29.82 -28.73
C SER A 296 6.35 29.60 -27.43
N VAL A 297 6.14 30.47 -26.43
CA VAL A 297 6.83 30.31 -25.16
C VAL A 297 6.40 29.01 -24.48
N PHE A 298 5.10 28.71 -24.50
CA PHE A 298 4.62 27.46 -23.93
C PHE A 298 5.17 26.26 -24.68
N ILE A 299 5.25 26.36 -26.00
CA ILE A 299 5.80 25.25 -26.80
C ILE A 299 7.26 25.02 -26.44
N GLN A 300 8.04 26.09 -26.30
CA GLN A 300 9.45 25.93 -25.98
C GLN A 300 9.63 25.41 -24.55
N ILE A 301 8.77 25.84 -23.62
CA ILE A 301 8.81 25.31 -22.27
C ILE A 301 8.49 23.82 -22.27
N ARG A 302 7.47 23.42 -23.04
CA ARG A 302 7.12 22.01 -23.15
C ARG A 302 8.25 21.21 -23.78
N GLU A 303 8.92 21.76 -24.79
CA GLU A 303 10.01 21.06 -25.44
C GLU A 303 11.20 20.90 -24.51
N HIS A 304 11.52 21.93 -23.72
CA HIS A 304 12.60 21.81 -22.75
C HIS A 304 12.24 20.85 -21.64
N TYR A 305 10.97 20.82 -21.23
CA TYR A 305 10.53 19.85 -20.23
C TYR A 305 10.62 18.44 -20.77
N VAL A 306 10.26 18.24 -22.05
CA VAL A 306 10.38 16.93 -22.68
C VAL A 306 11.84 16.53 -22.81
N LYS A 307 12.72 17.49 -23.11
CA LYS A 307 14.15 17.21 -23.20
C LYS A 307 14.72 16.84 -21.83
N MET A 308 14.25 17.50 -20.77
CA MET A 308 14.69 17.13 -19.43
C MET A 308 14.15 15.76 -19.03
N CYS A 309 12.93 15.42 -19.47
CA CYS A 309 12.43 14.07 -19.26
C CYS A 309 13.26 13.05 -20.00
N GLU A 310 13.69 13.40 -21.22
CA GLU A 310 14.61 12.57 -22.00
C GLU A 310 15.92 12.34 -21.27
N LEU A 311 16.51 13.41 -20.75
CA LEU A 311 17.76 13.30 -20.01
C LEU A 311 17.57 12.49 -18.75
N LEU A 312 16.45 12.68 -18.06
CA LEU A 312 16.17 11.89 -16.86
C LEU A 312 16.00 10.42 -17.20
N GLU A 313 15.33 10.11 -18.31
CA GLU A 313 15.17 8.72 -18.71
C GLU A 313 16.49 8.09 -19.11
N PHE A 314 17.32 8.82 -19.85
CA PHE A 314 18.62 8.30 -20.25
C PHE A 314 19.51 8.07 -19.03
N VAL A 315 19.54 9.04 -18.11
CA VAL A 315 20.31 8.89 -16.90
C VAL A 315 19.77 7.76 -16.04
N ASP A 316 18.45 7.58 -16.03
CA ASP A 316 17.86 6.47 -15.28
C ASP A 316 18.26 5.13 -15.90
N SER A 317 18.29 5.04 -17.22
CA SER A 317 18.72 3.80 -17.86
C SER A 317 20.19 3.51 -17.55
N ALA A 318 21.04 4.55 -17.63
CA ALA A 318 22.46 4.37 -17.37
C ALA A 318 22.78 4.19 -15.89
N MET A 319 21.90 4.62 -15.01
CA MET A 319 22.12 4.67 -13.57
C MET A 319 21.17 3.74 -12.81
N SER A 320 20.45 2.87 -13.50
CA SER A 320 19.54 1.96 -12.81
C SER A 320 20.30 1.05 -11.86
N SER A 321 21.43 0.50 -12.32
CA SER A 321 22.22 -0.37 -11.47
C SER A 321 22.70 0.39 -10.23
N LEU A 322 23.21 1.62 -10.42
CA LEU A 322 23.73 2.38 -9.29
C LEU A 322 22.62 2.81 -8.35
N ILE A 323 21.45 3.16 -8.89
CA ILE A 323 20.35 3.63 -8.05
C ILE A 323 19.79 2.47 -7.22
N LEU A 324 19.59 1.30 -7.85
CA LEU A 324 19.20 0.13 -7.08
C LEU A 324 20.26 -0.22 -6.05
N LEU A 325 21.54 -0.16 -6.42
CA LEU A 325 22.61 -0.48 -5.50
C LEU A 325 22.57 0.44 -4.28
N SER A 326 22.48 1.76 -4.51
CA SER A 326 22.49 2.70 -3.42
C SER A 326 21.21 2.62 -2.59
N CYS A 327 20.06 2.39 -3.23
CA CYS A 327 18.81 2.28 -2.49
C CYS A 327 18.82 1.04 -1.59
N VAL A 328 19.20 -0.11 -2.13
CA VAL A 328 19.28 -1.33 -1.33
C VAL A 328 20.35 -1.20 -0.26
N ASN A 329 21.48 -0.58 -0.60
CA ASN A 329 22.58 -0.41 0.34
C ASN A 329 22.16 0.50 1.50
N ASN A 330 21.48 1.60 1.18
CA ASN A 330 20.99 2.49 2.22
C ASN A 330 19.89 1.83 3.04
N LEU A 331 19.00 1.07 2.40
CA LEU A 331 18.00 0.33 3.15
C LEU A 331 18.67 -0.60 4.16
N TYR A 332 19.69 -1.34 3.70
CA TYR A 332 20.38 -2.27 4.58
C TYR A 332 21.06 -1.55 5.72
N PHE A 333 21.84 -0.51 5.42
CA PHE A 333 22.60 0.17 6.47
C PHE A 333 21.70 0.95 7.43
N VAL A 334 20.68 1.64 6.92
CA VAL A 334 19.77 2.36 7.81
C VAL A 334 18.97 1.40 8.67
N CYS A 335 18.51 0.28 8.08
CA CYS A 335 17.80 -0.71 8.89
C CYS A 335 18.72 -1.38 9.90
N TYR A 336 20.02 -1.49 9.59
CA TYR A 336 20.98 -1.99 10.56
C TYR A 336 21.19 -1.02 11.70
N GLN A 337 21.42 0.25 11.39
CA GLN A 337 21.70 1.22 12.43
C GLN A 337 20.48 1.52 13.28
N LEU A 338 19.28 1.49 12.67
CA LEU A 338 18.05 1.57 13.45
C LEU A 338 17.79 0.29 14.21
N LEU A 339 18.23 -0.85 13.66
CA LEU A 339 18.27 -2.09 14.43
C LEU A 339 19.19 -1.96 15.62
N ASN A 340 20.20 -1.09 15.53
CA ASN A 340 21.15 -0.87 16.61
C ASN A 340 20.85 0.40 17.40
N VAL A 341 19.65 0.96 17.26
CA VAL A 341 19.31 2.17 18.01
C VAL A 341 19.15 1.86 19.49
N PHE A 342 18.38 0.83 19.81
CA PHE A 342 18.00 0.55 21.20
C PHE A 342 18.93 -0.51 21.79
N ASN A 343 20.21 -0.15 21.87
CA ASN A 343 21.20 -0.97 22.54
C ASN A 343 22.24 -0.07 23.19
N LYS A 344 23.21 -0.69 23.84
CA LYS A 344 24.28 0.01 24.53
C LYS A 344 25.61 -0.20 23.83
N LEU A 345 26.47 0.82 23.92
CA LEU A 345 27.82 0.76 23.40
C LEU A 345 28.79 0.86 24.58
N ARG A 346 30.09 0.82 24.28
CA ARG A 346 31.06 0.67 25.35
C ARG A 346 31.44 2.01 25.97
N TRP A 347 31.91 2.97 25.18
CA TRP A 347 32.30 4.26 25.72
C TRP A 347 31.53 5.38 25.04
N PRO A 348 31.47 6.56 25.66
CA PRO A 348 30.78 7.70 25.04
C PRO A 348 31.35 8.09 23.69
N ILE A 349 32.64 7.85 23.45
CA ILE A 349 33.19 8.12 22.13
C ILE A 349 32.54 7.20 21.09
N ASN A 350 32.36 5.93 21.43
CA ASN A 350 31.62 5.04 20.55
C ASN A 350 30.18 5.50 20.41
N TYR A 351 29.60 6.06 21.49
CA TYR A 351 28.24 6.56 21.41
C TYR A 351 28.12 7.70 20.41
N ILE A 352 29.00 8.71 20.51
CA ILE A 352 28.92 9.83 19.60
C ILE A 352 29.25 9.40 18.18
N TYR A 353 30.22 8.49 18.02
CA TYR A 353 30.53 7.99 16.69
C TYR A 353 29.34 7.28 16.06
N PHE A 354 28.69 6.40 16.83
CA PHE A 354 27.58 5.62 16.28
C PHE A 354 26.38 6.50 15.99
N TRP A 355 26.09 7.46 16.87
CA TRP A 355 24.96 8.35 16.63
C TRP A 355 25.24 9.33 15.51
N TYR A 356 26.50 9.76 15.36
CA TYR A 356 26.86 10.60 14.24
C TYR A 356 26.76 9.80 12.95
N SER A 357 27.14 8.52 12.99
CA SER A 357 26.89 7.63 11.86
C SER A 357 25.40 7.52 11.58
N LEU A 358 24.58 7.44 12.62
CA LEU A 358 23.15 7.27 12.45
C LEU A 358 22.53 8.49 11.79
N LEU A 359 22.77 9.69 12.33
CA LEU A 359 22.27 10.88 11.68
C LEU A 359 22.88 11.09 10.30
N TYR A 360 24.18 10.82 10.12
CA TYR A 360 24.76 10.94 8.79
C TYR A 360 24.08 10.02 7.81
N LEU A 361 23.89 8.75 8.17
CA LEU A 361 23.32 7.76 7.26
C LEU A 361 21.86 8.08 6.96
N ILE A 362 21.06 8.31 8.00
CA ILE A 362 19.63 8.59 7.80
C ILE A 362 19.45 9.89 7.05
N GLY A 363 20.17 10.94 7.45
CA GLY A 363 20.04 12.21 6.77
C GLY A 363 20.60 12.21 5.37
N ARG A 364 21.62 11.38 5.10
CA ARG A 364 22.14 11.29 3.75
C ARG A 364 21.21 10.52 2.85
N THR A 365 20.63 9.42 3.34
CA THR A 365 19.58 8.73 2.59
C THR A 365 18.41 9.66 2.33
N ALA A 366 17.96 10.38 3.37
CA ALA A 366 16.82 11.27 3.22
C ALA A 366 17.15 12.42 2.28
N PHE A 367 18.36 12.96 2.33
CA PHE A 367 18.74 14.09 1.51
C PHE A 367 18.96 13.68 0.06
N VAL A 368 19.58 12.53 -0.18
CA VAL A 368 19.77 12.05 -1.54
C VAL A 368 18.42 11.72 -2.17
N PHE A 369 17.55 11.01 -1.43
CA PHE A 369 16.25 10.68 -1.98
C PHE A 369 15.34 11.91 -2.06
N LEU A 370 15.56 12.91 -1.20
CA LEU A 370 14.81 14.15 -1.30
C LEU A 370 15.29 15.00 -2.47
N THR A 371 16.57 14.94 -2.81
CA THR A 371 17.05 15.64 -4.00
C THR A 371 16.59 14.94 -5.27
N ALA A 372 16.55 13.60 -5.24
CA ALA A 372 15.98 12.87 -6.37
C ALA A 372 14.49 13.14 -6.51
N ALA A 373 13.77 13.18 -5.38
CA ALA A 373 12.37 13.55 -5.38
C ALA A 373 12.16 15.02 -5.67
N ASP A 374 13.20 15.84 -5.54
CA ASP A 374 13.09 17.24 -5.89
C ASP A 374 12.87 17.39 -7.38
N ILE A 375 13.33 16.43 -8.18
CA ILE A 375 12.98 16.40 -9.59
C ILE A 375 11.47 16.35 -9.76
N ASN A 376 10.82 15.40 -9.09
CA ASN A 376 9.37 15.25 -9.20
C ASN A 376 8.64 16.44 -8.60
N GLU A 377 9.08 16.90 -7.43
CA GLU A 377 8.43 18.03 -6.77
C GLU A 377 8.60 19.31 -7.58
N GLU A 378 9.74 19.48 -8.26
CA GLU A 378 9.97 20.67 -9.05
C GLU A 378 9.19 20.62 -10.36
N SER A 379 9.04 19.43 -10.94
CA SER A 379 8.15 19.30 -12.09
C SER A 379 6.71 19.56 -11.70
N LYS A 380 6.29 19.14 -10.51
CA LYS A 380 4.93 19.36 -10.05
C LYS A 380 4.68 20.79 -9.56
N ARG A 381 5.74 21.50 -9.16
CA ARG A 381 5.56 22.88 -8.71
C ARG A 381 5.14 23.79 -9.86
N GLY A 382 5.68 23.55 -11.06
CA GLY A 382 5.21 24.28 -12.22
C GLY A 382 3.80 23.95 -12.62
N LEU A 383 3.28 22.80 -12.18
CA LEU A 383 1.90 22.43 -12.47
C LEU A 383 0.93 23.42 -11.84
N GLY A 384 1.18 23.81 -10.59
CA GLY A 384 0.32 24.77 -9.92
C GLY A 384 0.30 26.11 -10.62
N VAL A 385 1.46 26.58 -11.08
CA VAL A 385 1.53 27.84 -11.80
C VAL A 385 0.87 27.71 -13.17
N LEU A 386 0.95 26.54 -13.80
CA LEU A 386 0.25 26.34 -15.06
C LEU A 386 -1.26 26.33 -14.86
N ARG A 387 -1.73 25.84 -13.71
CA ARG A 387 -3.15 25.92 -13.39
C ARG A 387 -3.61 27.37 -13.21
N ARG A 388 -2.70 28.29 -12.95
CA ARG A 388 -3.05 29.70 -12.82
C ARG A 388 -3.48 30.31 -14.15
N VAL A 389 -3.14 29.66 -15.26
CA VAL A 389 -3.29 30.28 -16.57
C VAL A 389 -4.76 30.53 -16.88
N SER A 390 -5.06 31.76 -17.32
CA SER A 390 -6.43 32.12 -17.66
C SER A 390 -6.85 31.46 -18.97
N SER A 391 -8.14 31.64 -19.30
CA SER A 391 -8.69 31.05 -20.51
C SER A 391 -8.16 31.72 -21.78
N ARG A 392 -7.49 32.87 -21.66
CA ARG A 392 -7.07 33.61 -22.85
C ARG A 392 -5.95 32.90 -23.59
N SER A 393 -5.05 32.23 -22.88
CA SER A 393 -3.93 31.52 -23.51
C SER A 393 -3.88 30.09 -22.97
N TRP A 394 -4.70 29.21 -23.54
CA TRP A 394 -4.69 27.79 -23.21
C TRP A 394 -3.99 26.98 -24.30
N CYS A 395 -4.42 27.13 -25.55
CA CYS A 395 -3.60 26.81 -26.72
C CYS A 395 -3.11 25.36 -26.73
N VAL A 396 -3.89 24.47 -26.13
CA VAL A 396 -3.66 23.02 -26.21
C VAL A 396 -2.34 22.60 -25.58
N GLU A 397 -1.26 23.32 -25.89
CA GLU A 397 0.06 22.94 -25.42
C GLU A 397 0.13 22.91 -23.90
N VAL A 398 -0.49 23.89 -23.24
CA VAL A 398 -0.54 23.88 -21.78
C VAL A 398 -1.31 22.66 -21.28
N GLU A 399 -2.35 22.26 -22.01
CA GLU A 399 -3.08 21.05 -21.63
C GLU A 399 -2.18 19.82 -21.71
N ARG A 400 -1.40 19.70 -22.78
CA ARG A 400 -0.45 18.59 -22.90
C ARG A 400 0.56 18.62 -21.77
N LEU A 401 1.11 19.79 -21.47
CA LEU A 401 2.12 19.91 -20.43
C LEU A 401 1.57 19.57 -19.05
N ILE A 402 0.34 20.01 -18.77
CA ILE A 402 -0.31 19.70 -17.50
C ILE A 402 -0.58 18.21 -17.40
N PHE A 403 -1.11 17.61 -18.46
CA PHE A 403 -1.32 16.17 -18.48
C PHE A 403 -0.01 15.42 -18.26
N GLN A 404 1.08 15.92 -18.84
CA GLN A 404 2.38 15.29 -18.72
C GLN A 404 2.85 15.30 -17.27
N MET A 405 3.00 16.49 -16.67
CA MET A 405 3.46 16.49 -15.29
C MET A 405 2.43 15.99 -14.30
N THR A 406 1.19 15.76 -14.72
CA THR A 406 0.21 15.14 -13.83
C THR A 406 0.26 13.63 -13.88
N THR A 407 0.64 13.03 -15.01
CA THR A 407 0.57 11.60 -15.16
C THR A 407 1.88 10.90 -15.47
N GLN A 408 2.96 11.64 -15.77
CA GLN A 408 4.21 10.97 -16.11
C GLN A 408 5.05 10.62 -14.88
N THR A 409 4.73 11.19 -13.73
CA THR A 409 5.52 11.07 -12.48
C THR A 409 7.03 11.09 -12.77
N VAL A 410 7.46 12.24 -13.31
CA VAL A 410 8.84 12.46 -13.70
C VAL A 410 9.74 12.42 -12.48
N ALA A 411 10.53 11.36 -12.34
CA ALA A 411 11.43 11.20 -11.20
C ALA A 411 12.43 10.10 -11.51
N LEU A 412 13.49 10.05 -10.71
CA LEU A 412 14.43 8.95 -10.79
C LEU A 412 13.78 7.66 -10.31
N SER A 413 14.23 6.55 -10.85
CA SER A 413 13.68 5.24 -10.51
C SER A 413 14.82 4.24 -10.34
N GLY A 414 14.54 3.18 -9.60
CA GLY A 414 15.52 2.12 -9.48
C GLY A 414 15.69 1.36 -10.77
N LYS A 415 14.70 0.52 -11.11
CA LYS A 415 14.59 -0.07 -12.44
C LYS A 415 13.12 -0.09 -12.87
N LYS A 416 12.42 1.02 -12.63
CA LYS A 416 10.98 1.19 -12.74
C LYS A 416 10.26 0.43 -11.65
N PHE A 417 10.98 -0.22 -10.73
CA PHE A 417 10.34 -0.84 -9.58
C PHE A 417 9.72 0.19 -8.65
N TYR A 418 10.34 1.37 -8.56
CA TYR A 418 9.86 2.45 -7.70
C TYR A 418 10.44 3.76 -8.20
N PHE A 419 9.64 4.82 -8.15
CA PHE A 419 10.04 6.14 -8.60
C PHE A 419 10.36 7.01 -7.39
N LEU A 420 11.56 7.57 -7.37
CA LEU A 420 12.05 8.32 -6.21
C LEU A 420 11.24 9.60 -6.08
N THR A 421 10.30 9.59 -5.13
CA THR A 421 9.41 10.72 -4.88
C THR A 421 9.28 10.90 -3.38
N ARG A 422 8.71 12.05 -2.98
CA ARG A 422 8.39 12.26 -1.57
C ARG A 422 7.40 11.22 -1.07
N ARG A 423 6.45 10.83 -1.93
CA ARG A 423 5.57 9.72 -1.61
C ARG A 423 6.37 8.44 -1.38
N LEU A 424 7.36 8.19 -2.26
CA LEU A 424 8.21 7.02 -2.05
C LEU A 424 9.06 7.17 -0.80
N LEU A 425 9.49 8.39 -0.47
CA LEU A 425 10.25 8.57 0.76
C LEU A 425 9.41 8.25 1.99
N PHE A 426 8.15 8.70 2.00
CA PHE A 426 7.27 8.36 3.13
C PHE A 426 6.97 6.87 3.16
N GLY A 427 6.78 6.26 1.99
CA GLY A 427 6.58 4.82 1.95
C GLY A 427 7.79 4.06 2.48
N MET A 428 8.99 4.54 2.14
CA MET A 428 10.21 3.96 2.66
C MET A 428 10.31 4.14 4.17
N ALA A 429 9.91 5.31 4.68
CA ALA A 429 9.92 5.52 6.12
C ALA A 429 8.99 4.55 6.82
N GLY A 430 7.78 4.37 6.29
CA GLY A 430 6.85 3.43 6.88
C GLY A 430 7.32 1.99 6.77
N THR A 431 7.93 1.64 5.64
CA THR A 431 8.46 0.29 5.46
C THR A 431 9.60 0.01 6.42
N ILE A 432 10.48 1.00 6.63
CA ILE A 432 11.57 0.85 7.59
C ILE A 432 11.01 0.76 9.00
N VAL A 433 9.94 1.50 9.29
CA VAL A 433 9.32 1.42 10.62
C VAL A 433 8.77 0.02 10.87
N THR A 434 8.07 -0.54 9.87
CA THR A 434 7.54 -1.90 10.02
C THR A 434 8.67 -2.92 10.12
N TYR A 435 9.71 -2.76 9.30
CA TYR A 435 10.85 -3.66 9.36
C TYR A 435 11.50 -3.63 10.74
N GLU A 436 11.62 -2.43 11.32
CA GLU A 436 12.13 -2.35 12.68
C GLU A 436 11.18 -3.00 13.67
N LEU A 437 9.88 -2.77 13.51
CA LEU A 437 8.90 -3.35 14.43
C LEU A 437 8.96 -4.87 14.41
N VAL A 438 9.42 -5.46 13.31
CA VAL A 438 9.61 -6.91 13.32
C VAL A 438 11.05 -7.29 13.70
N LEU A 439 12.01 -6.37 13.53
CA LEU A 439 13.41 -6.72 13.76
C LEU A 439 13.80 -6.61 15.24
N LEU A 440 13.32 -5.59 15.96
CA LEU A 440 13.55 -5.61 17.40
C LEU A 440 12.83 -6.77 18.08
N GLN A 441 11.91 -7.43 17.39
CA GLN A 441 11.45 -8.75 17.83
C GLN A 441 12.37 -9.86 17.33
N PHE A 442 13.01 -9.66 16.16
CA PHE A 442 13.99 -10.62 15.69
C PHE A 442 15.18 -10.71 16.63
N ASP A 443 15.72 -9.56 17.03
CA ASP A 443 16.90 -9.51 17.88
C ASP A 443 16.58 -9.11 19.32
N GLU A 444 15.34 -9.35 19.76
CA GLU A 444 14.97 -9.04 21.15
C GLU A 444 15.82 -9.78 22.17
N PRO A 445 15.99 -11.11 22.10
CA PRO A 445 16.78 -11.78 23.14
C PRO A 445 18.27 -11.47 23.09
N ASN A 446 18.78 -10.96 21.97
CA ASN A 446 20.21 -10.66 21.89
C ASN A 446 20.56 -9.41 22.68
N ARG A 447 19.72 -8.37 22.61
CA ARG A 447 19.96 -7.15 23.37
C ARG A 447 19.33 -7.25 24.75
N LEU B 56 6.71 -19.76 -40.37
CA LEU B 56 6.35 -18.35 -40.29
C LEU B 56 6.44 -17.87 -38.84
N ASP B 57 6.76 -16.59 -38.66
CA ASP B 57 6.91 -16.01 -37.33
C ASP B 57 5.53 -15.83 -36.71
N LEU B 58 5.00 -16.92 -36.16
CA LEU B 58 3.72 -16.91 -35.47
C LEU B 58 3.92 -17.40 -34.05
N PHE B 59 2.98 -17.01 -33.18
CA PHE B 59 3.01 -17.53 -31.81
C PHE B 59 2.78 -19.04 -31.79
N HIS B 60 1.81 -19.52 -32.58
CA HIS B 60 1.50 -20.94 -32.58
C HIS B 60 2.67 -21.77 -33.09
N ARG B 61 3.33 -21.32 -34.16
CA ARG B 61 4.52 -22.01 -34.63
C ARG B 61 5.70 -21.89 -33.69
N ALA B 62 5.64 -20.96 -32.74
CA ALA B 62 6.67 -20.83 -31.72
C ALA B 62 6.36 -21.61 -30.45
N VAL B 63 5.12 -22.04 -30.26
CA VAL B 63 4.76 -22.81 -29.07
C VAL B 63 4.60 -24.28 -29.38
N PHE B 64 4.12 -24.65 -30.56
CA PHE B 64 3.83 -26.05 -30.85
C PHE B 64 5.04 -26.97 -30.72
N PRO B 65 6.29 -26.54 -30.96
CA PRO B 65 7.42 -27.38 -30.54
C PRO B 65 7.44 -27.64 -29.05
N PHE B 66 6.83 -26.78 -28.24
CA PHE B 66 6.71 -27.00 -26.80
C PHE B 66 5.31 -27.44 -26.38
N MET B 67 4.26 -27.05 -27.12
CA MET B 67 2.94 -27.62 -26.88
C MET B 67 2.95 -29.12 -27.13
N PHE B 68 3.64 -29.57 -28.18
CA PHE B 68 3.73 -30.99 -28.45
C PHE B 68 4.50 -31.72 -27.34
N LEU B 69 5.58 -31.11 -26.86
CA LEU B 69 6.32 -31.72 -25.76
C LEU B 69 5.49 -31.77 -24.48
N ALA B 70 4.67 -30.75 -24.23
CA ALA B 70 3.77 -30.76 -23.09
C ALA B 70 2.68 -31.81 -23.23
N GLN B 71 2.15 -32.00 -24.44
CA GLN B 71 1.16 -33.04 -24.67
C GLN B 71 1.76 -34.43 -24.64
N CYS B 72 3.08 -34.54 -24.82
CA CYS B 72 3.76 -35.82 -24.61
C CYS B 72 3.60 -36.28 -23.16
N VAL B 73 3.73 -35.36 -22.21
CA VAL B 73 3.44 -35.65 -20.81
C VAL B 73 1.99 -35.27 -20.54
N ALA B 74 1.23 -35.06 -21.60
CA ALA B 74 -0.21 -34.83 -21.56
C ALA B 74 -0.56 -33.59 -20.72
N ILE B 75 -0.12 -32.44 -21.22
CA ILE B 75 -0.46 -31.14 -20.64
C ILE B 75 -1.39 -30.42 -21.60
N MET B 76 -2.55 -30.01 -21.09
CA MET B 76 -3.46 -29.13 -21.80
C MET B 76 -3.85 -29.79 -23.12
N PRO B 77 -4.68 -30.83 -23.06
CA PRO B 77 -4.88 -31.68 -24.24
C PRO B 77 -5.61 -30.96 -25.36
N LEU B 78 -5.10 -31.16 -26.58
CA LEU B 78 -5.75 -30.67 -27.78
C LEU B 78 -5.45 -31.64 -28.91
N VAL B 79 -6.34 -31.69 -29.90
CA VAL B 79 -6.19 -32.58 -31.04
C VAL B 79 -5.65 -31.79 -32.22
N GLY B 80 -4.52 -32.22 -32.75
CA GLY B 80 -3.90 -31.53 -33.86
C GLY B 80 -2.90 -30.46 -33.48
N ILE B 81 -2.26 -30.58 -32.32
CA ILE B 81 -1.30 -29.57 -31.87
C ILE B 81 -0.03 -29.58 -32.73
N ARG B 82 0.24 -30.66 -33.44
CA ARG B 82 1.44 -30.72 -34.27
C ARG B 82 1.27 -30.00 -35.61
N GLU B 83 0.03 -29.72 -36.02
CA GLU B 83 -0.21 -29.04 -37.28
C GLU B 83 0.29 -27.61 -37.23
N SER B 84 0.73 -27.12 -38.40
CA SER B 84 1.24 -25.77 -38.54
C SER B 84 0.13 -24.73 -38.72
N ASN B 85 -1.12 -25.17 -38.81
CA ASN B 85 -2.25 -24.25 -38.95
C ASN B 85 -3.01 -24.18 -37.65
N PRO B 86 -3.25 -22.98 -37.11
CA PRO B 86 -3.91 -22.86 -35.80
C PRO B 86 -5.42 -23.05 -35.83
N ARG B 87 -6.00 -23.46 -36.96
CA ARG B 87 -7.43 -23.70 -37.03
C ARG B 87 -7.81 -25.17 -36.98
N ARG B 88 -6.87 -26.07 -37.24
CA ARG B 88 -7.13 -27.51 -37.12
C ARG B 88 -7.01 -28.02 -35.70
N VAL B 89 -6.50 -27.21 -34.77
CA VAL B 89 -6.38 -27.63 -33.39
C VAL B 89 -7.74 -27.49 -32.71
N ARG B 90 -8.19 -28.58 -32.09
CA ARG B 90 -9.52 -28.65 -31.52
C ARG B 90 -9.47 -29.29 -30.14
N PHE B 91 -10.61 -29.26 -29.45
CA PHE B 91 -10.79 -29.97 -28.19
C PHE B 91 -11.90 -30.99 -28.40
N ALA B 92 -11.53 -32.16 -28.89
CA ALA B 92 -12.48 -33.22 -29.22
C ALA B 92 -12.15 -34.44 -28.39
N TYR B 93 -13.18 -35.11 -27.87
CA TYR B 93 -12.97 -36.23 -26.95
C TYR B 93 -12.69 -37.54 -27.68
N LYS B 94 -12.80 -37.53 -29.01
CA LYS B 94 -12.68 -38.75 -29.82
C LYS B 94 -11.33 -38.77 -30.54
N SER B 95 -10.26 -39.08 -29.80
CA SER B 95 -8.93 -39.25 -30.36
C SER B 95 -8.00 -39.75 -29.27
N ILE B 96 -6.70 -39.67 -29.53
CA ILE B 96 -5.72 -40.10 -28.52
C ILE B 96 -5.51 -39.09 -27.39
N PRO B 97 -5.51 -37.76 -27.60
CA PRO B 97 -4.94 -36.85 -26.57
C PRO B 97 -5.76 -36.70 -25.31
N MET B 98 -7.09 -36.60 -25.37
CA MET B 98 -7.82 -36.55 -24.11
C MET B 98 -7.72 -37.88 -23.35
N PHE B 99 -7.59 -38.99 -24.09
CA PHE B 99 -7.37 -40.27 -23.42
C PHE B 99 -6.03 -40.30 -22.69
N VAL B 100 -4.97 -39.80 -23.33
CA VAL B 100 -3.66 -39.84 -22.68
C VAL B 100 -3.63 -38.86 -21.51
N THR B 101 -4.29 -37.70 -21.64
CA THR B 101 -4.31 -36.79 -20.50
C THR B 101 -5.21 -37.30 -19.40
N LEU B 102 -6.23 -38.09 -19.72
CA LEU B 102 -7.07 -38.69 -18.68
C LEU B 102 -6.32 -39.77 -17.93
N ILE B 103 -5.56 -40.61 -18.65
CA ILE B 103 -4.74 -41.62 -17.97
C ILE B 103 -3.70 -40.94 -17.10
N PHE B 104 -3.04 -39.90 -17.63
CA PHE B 104 -2.06 -39.16 -16.86
C PHE B 104 -2.70 -38.43 -15.69
N MET B 105 -3.95 -38.00 -15.84
CA MET B 105 -4.66 -37.29 -14.78
C MET B 105 -5.07 -38.24 -13.67
N ILE B 106 -5.52 -39.45 -14.01
CA ILE B 106 -5.80 -40.43 -12.97
C ILE B 106 -4.50 -40.88 -12.30
N ALA B 107 -3.39 -40.93 -13.06
CA ALA B 107 -2.11 -41.24 -12.43
C ALA B 107 -1.74 -40.18 -11.41
N THR B 108 -1.82 -38.90 -11.81
CA THR B 108 -1.54 -37.81 -10.89
C THR B 108 -2.54 -37.78 -9.74
N SER B 109 -3.78 -38.19 -9.99
CA SER B 109 -4.80 -38.19 -8.95
C SER B 109 -4.55 -39.31 -7.93
N ILE B 110 -4.12 -40.48 -8.39
CA ILE B 110 -3.72 -41.52 -7.46
C ILE B 110 -2.51 -41.08 -6.66
N LEU B 111 -1.56 -40.39 -7.31
CA LEU B 111 -0.43 -39.82 -6.57
C LEU B 111 -0.92 -38.87 -5.48
N PHE B 112 -1.79 -37.93 -5.86
CA PHE B 112 -2.27 -36.91 -4.93
C PHE B 112 -3.05 -37.55 -3.79
N LEU B 113 -3.93 -38.51 -4.10
CA LEU B 113 -4.74 -39.15 -3.08
C LEU B 113 -3.89 -40.03 -2.16
N SER B 114 -2.94 -40.77 -2.72
CA SER B 114 -2.07 -41.61 -1.91
C SER B 114 -1.23 -40.77 -0.96
N MET B 115 -0.65 -39.67 -1.45
CA MET B 115 0.13 -38.82 -0.56
C MET B 115 -0.79 -38.05 0.39
N PHE B 116 -2.03 -37.78 -0.02
CA PHE B 116 -2.99 -37.14 0.86
C PHE B 116 -3.29 -38.03 2.06
N THR B 117 -3.58 -39.31 1.82
CA THR B 117 -3.81 -40.25 2.90
C THR B 117 -2.53 -40.48 3.70
N HIS B 118 -1.38 -40.53 3.03
CA HIS B 118 -0.12 -40.77 3.74
C HIS B 118 0.22 -39.63 4.69
N LEU B 119 0.00 -38.38 4.26
CA LEU B 119 0.26 -37.23 5.10
C LEU B 119 -0.87 -36.92 6.07
N LEU B 120 -2.06 -37.51 5.89
CA LEU B 120 -3.01 -37.54 6.99
C LEU B 120 -2.62 -38.57 8.04
N LYS B 121 -2.04 -39.69 7.58
CA LYS B 121 -1.54 -40.70 8.50
C LYS B 121 -0.34 -40.20 9.28
N ILE B 122 0.49 -39.36 8.65
CA ILE B 122 1.69 -38.83 9.30
C ILE B 122 1.48 -37.43 9.87
N GLY B 123 0.46 -36.69 9.42
CA GLY B 123 0.20 -35.36 9.93
C GLY B 123 0.60 -34.27 8.96
N ILE B 124 -0.36 -33.43 8.57
CA ILE B 124 -0.10 -32.34 7.64
C ILE B 124 0.52 -31.17 8.42
N THR B 125 1.74 -30.80 8.06
CA THR B 125 2.42 -29.64 8.61
C THR B 125 2.78 -28.69 7.48
N ALA B 126 3.36 -27.54 7.85
CA ALA B 126 3.85 -26.61 6.85
C ALA B 126 4.99 -27.22 6.04
N LYS B 127 5.76 -28.14 6.64
CA LYS B 127 6.80 -28.84 5.92
C LYS B 127 6.25 -29.96 5.05
N ASN B 128 5.15 -30.59 5.45
CA ASN B 128 4.54 -31.65 4.67
C ASN B 128 3.50 -31.14 3.69
N PHE B 129 3.00 -29.91 3.87
CA PHE B 129 2.03 -29.36 2.92
C PHE B 129 2.64 -29.12 1.55
N VAL B 130 3.96 -29.15 1.42
CA VAL B 130 4.59 -28.89 0.13
C VAL B 130 4.13 -29.90 -0.91
N GLY B 131 4.04 -31.18 -0.51
CA GLY B 131 3.54 -32.18 -1.43
C GLY B 131 2.09 -31.96 -1.80
N LEU B 132 1.27 -31.55 -0.82
CA LEU B 132 -0.13 -31.23 -1.12
C LEU B 132 -0.22 -30.13 -2.17
N VAL B 133 0.49 -29.02 -1.95
CA VAL B 133 0.42 -27.93 -2.91
C VAL B 133 0.98 -28.36 -4.26
N PHE B 134 2.07 -29.16 -4.26
CA PHE B 134 2.67 -29.58 -5.52
C PHE B 134 1.70 -30.41 -6.34
N PHE B 135 1.13 -31.46 -5.76
CA PHE B 135 0.28 -32.35 -6.55
C PHE B 135 -1.09 -31.74 -6.80
N GLY B 136 -1.66 -31.03 -5.83
CA GLY B 136 -2.89 -30.31 -6.07
C GLY B 136 -2.74 -29.24 -7.11
N CYS B 137 -1.57 -28.59 -7.18
CA CYS B 137 -1.33 -27.59 -8.20
C CYS B 137 -1.08 -28.23 -9.56
N VAL B 138 -0.49 -29.42 -9.59
CA VAL B 138 -0.38 -30.14 -10.86
C VAL B 138 -1.76 -30.52 -11.38
N LEU B 139 -2.62 -31.03 -10.50
CA LEU B 139 -3.97 -31.39 -10.92
C LEU B 139 -4.78 -30.15 -11.29
N SER B 140 -4.62 -29.06 -10.54
CA SER B 140 -5.31 -27.82 -10.88
C SER B 140 -4.79 -27.23 -12.18
N ALA B 141 -3.49 -27.38 -12.46
CA ALA B 141 -2.96 -26.97 -13.75
C ALA B 141 -3.56 -27.83 -14.86
N TYR B 142 -3.73 -29.13 -14.61
CA TYR B 142 -4.42 -29.98 -15.57
C TYR B 142 -5.83 -29.47 -15.83
N VAL B 143 -6.55 -29.12 -14.76
CA VAL B 143 -7.95 -28.71 -14.90
C VAL B 143 -8.05 -27.37 -15.63
N VAL B 144 -7.29 -26.37 -15.19
CA VAL B 144 -7.33 -25.07 -15.84
C VAL B 144 -6.69 -25.12 -17.22
N PHE B 145 -5.85 -26.11 -17.51
CA PHE B 145 -5.36 -26.30 -18.86
C PHE B 145 -6.41 -26.95 -19.75
N ILE B 146 -7.23 -27.83 -19.19
CA ILE B 146 -8.40 -28.32 -19.94
C ILE B 146 -9.34 -27.17 -20.26
N ARG B 147 -9.60 -26.32 -19.26
CA ARG B 147 -10.44 -25.15 -19.50
C ARG B 147 -9.80 -24.19 -20.50
N LEU B 148 -8.48 -24.05 -20.44
CA LEU B 148 -7.76 -23.24 -21.42
C LEU B 148 -7.90 -23.82 -22.81
N ALA B 149 -7.82 -25.15 -22.93
CA ALA B 149 -7.98 -25.80 -24.23
C ALA B 149 -9.42 -25.76 -24.72
N LYS B 150 -10.39 -25.57 -23.83
CA LYS B 150 -11.77 -25.38 -24.27
C LYS B 150 -11.92 -24.12 -25.11
N LYS B 151 -11.05 -23.13 -24.90
CA LYS B 151 -11.07 -21.89 -25.66
C LYS B 151 -9.83 -21.69 -26.52
N TRP B 152 -8.85 -22.58 -26.40
CA TRP B 152 -7.58 -22.48 -27.13
C TRP B 152 -7.80 -22.53 -28.63
N PRO B 153 -8.79 -23.30 -29.15
CA PRO B 153 -9.22 -23.05 -30.52
C PRO B 153 -9.47 -21.56 -30.74
N ALA B 154 -10.38 -20.98 -29.95
CA ALA B 154 -10.71 -19.58 -30.10
C ALA B 154 -9.54 -18.68 -29.70
N VAL B 155 -8.75 -19.10 -28.69
CA VAL B 155 -7.66 -18.26 -28.23
C VAL B 155 -6.59 -18.13 -29.31
N VAL B 156 -6.17 -19.25 -29.90
CA VAL B 156 -5.19 -19.16 -30.99
C VAL B 156 -5.82 -18.55 -32.23
N ARG B 157 -7.13 -18.71 -32.42
CA ARG B 157 -7.78 -18.07 -33.55
C ARG B 157 -7.65 -16.56 -33.45
N ILE B 158 -8.01 -15.99 -32.29
CA ILE B 158 -7.91 -14.54 -32.13
C ILE B 158 -6.44 -14.11 -32.10
N TRP B 159 -5.56 -14.92 -31.52
CA TRP B 159 -4.14 -14.58 -31.47
C TRP B 159 -3.57 -14.48 -32.87
N THR B 160 -3.80 -15.49 -33.70
CA THR B 160 -3.33 -15.46 -35.09
C THR B 160 -3.99 -14.33 -35.86
N ARG B 161 -5.30 -14.12 -35.65
CA ARG B 161 -6.04 -13.10 -36.39
C ARG B 161 -5.48 -11.72 -36.12
N THR B 162 -5.15 -11.42 -34.86
CA THR B 162 -4.57 -10.13 -34.52
C THR B 162 -3.06 -10.06 -34.72
N GLU B 163 -2.39 -11.19 -34.92
CA GLU B 163 -0.95 -11.18 -35.16
C GLU B 163 -0.60 -11.27 -36.64
N ILE B 164 -1.58 -11.43 -37.53
CA ILE B 164 -1.31 -11.34 -38.97
C ILE B 164 -0.80 -9.95 -39.35
N PRO B 165 -1.40 -8.84 -38.92
CA PRO B 165 -0.85 -7.52 -39.30
C PRO B 165 0.53 -7.25 -38.72
N PHE B 166 0.99 -8.03 -37.74
CA PHE B 166 2.30 -7.84 -37.15
C PHE B 166 3.41 -8.55 -37.92
N THR B 167 3.06 -9.28 -38.98
CA THR B 167 4.03 -9.85 -39.90
C THR B 167 4.02 -9.11 -41.23
N LYS B 168 3.82 -7.80 -41.19
CA LYS B 168 3.63 -6.95 -42.35
C LYS B 168 4.81 -6.00 -42.54
N PRO B 169 4.95 -5.42 -43.73
CA PRO B 169 6.06 -4.48 -44.00
C PRO B 169 6.12 -3.33 -43.01
N PRO B 170 4.99 -2.79 -42.52
CA PRO B 170 5.08 -1.74 -41.49
C PRO B 170 5.83 -2.17 -40.25
N TYR B 171 5.87 -3.46 -39.94
CA TYR B 171 6.60 -3.99 -38.81
C TYR B 171 7.83 -4.75 -39.29
N GLU B 172 8.64 -5.22 -38.34
CA GLU B 172 9.88 -5.89 -38.67
C GLU B 172 10.31 -6.79 -37.53
N ILE B 173 11.26 -7.67 -37.84
CA ILE B 173 11.84 -8.60 -36.88
C ILE B 173 13.25 -8.11 -36.54
N PRO B 174 13.46 -7.51 -35.35
CA PRO B 174 14.75 -6.84 -35.11
C PRO B 174 15.97 -7.76 -35.11
N LYS B 175 16.09 -8.64 -34.11
CA LYS B 175 17.20 -9.58 -34.08
C LYS B 175 16.72 -11.01 -33.88
N ARG B 176 15.89 -11.22 -32.85
CA ARG B 176 15.39 -12.53 -32.48
C ARG B 176 13.90 -12.60 -32.79
N ASN B 177 13.55 -13.43 -33.77
CA ASN B 177 12.14 -13.60 -34.11
C ASN B 177 11.41 -14.30 -32.97
N LEU B 178 10.08 -14.23 -33.02
CA LEU B 178 9.27 -14.86 -31.99
C LEU B 178 9.61 -16.34 -31.86
N SER B 179 9.94 -16.99 -32.98
CA SER B 179 10.39 -18.38 -32.93
C SER B 179 11.59 -18.54 -32.00
N ARG B 180 12.71 -17.88 -32.34
CA ARG B 180 13.92 -18.02 -31.53
C ARG B 180 13.78 -17.35 -30.17
N ARG B 181 13.06 -16.22 -30.10
CA ARG B 181 12.88 -15.56 -28.81
C ARG B 181 12.12 -16.45 -27.82
N VAL B 182 11.10 -17.16 -28.30
CA VAL B 182 10.42 -18.13 -27.45
C VAL B 182 11.32 -19.34 -27.19
N GLN B 183 12.02 -19.81 -28.22
CA GLN B 183 12.77 -21.06 -28.13
C GLN B 183 13.92 -20.94 -27.13
N LEU B 184 14.65 -19.83 -27.15
CA LEU B 184 15.78 -19.68 -26.25
C LEU B 184 15.33 -19.71 -24.80
N ALA B 185 14.33 -18.90 -24.45
CA ALA B 185 13.86 -18.84 -23.07
C ALA B 185 13.19 -20.15 -22.66
N ALA B 186 12.44 -20.77 -23.57
CA ALA B 186 11.76 -22.02 -23.23
C ALA B 186 12.75 -23.16 -23.06
N LEU B 187 13.76 -23.23 -23.91
CA LEU B 187 14.80 -24.23 -23.75
C LEU B 187 15.66 -23.95 -22.52
N ALA B 188 15.85 -22.69 -22.17
CA ALA B 188 16.54 -22.37 -20.92
C ALA B 188 15.74 -22.84 -19.72
N ILE B 189 14.43 -22.60 -19.73
CA ILE B 189 13.59 -23.04 -18.61
C ILE B 189 13.54 -24.56 -18.57
N ILE B 190 13.47 -25.23 -19.72
CA ILE B 190 13.50 -26.69 -19.74
C ILE B 190 14.85 -27.20 -19.27
N GLY B 191 15.93 -26.49 -19.62
CA GLY B 191 17.25 -26.88 -19.15
C GLY B 191 17.41 -26.73 -17.65
N LEU B 192 16.96 -25.63 -17.08
CA LEU B 192 17.03 -25.49 -15.63
C LEU B 192 16.01 -26.35 -14.92
N SER B 193 14.90 -26.72 -15.58
CA SER B 193 13.98 -27.67 -14.99
C SER B 193 14.59 -29.07 -14.96
N LEU B 194 15.17 -29.50 -16.08
CA LEU B 194 15.90 -30.75 -16.11
C LEU B 194 17.06 -30.72 -15.13
N GLY B 195 17.70 -29.56 -14.96
CA GLY B 195 18.75 -29.44 -13.96
C GLY B 195 18.23 -29.56 -12.54
N GLU B 196 17.12 -28.88 -12.25
CA GLU B 196 16.56 -28.94 -10.91
C GLU B 196 16.16 -30.36 -10.55
N HIS B 197 15.44 -31.03 -11.45
CA HIS B 197 15.08 -32.42 -11.20
C HIS B 197 16.31 -33.32 -11.25
N ALA B 198 17.31 -32.94 -12.05
CA ALA B 198 18.53 -33.72 -12.17
C ALA B 198 19.26 -33.76 -10.83
N LEU B 199 19.59 -32.60 -10.28
CA LEU B 199 20.21 -32.61 -8.96
C LEU B 199 19.24 -32.94 -7.84
N TYR B 200 17.92 -32.94 -8.08
CA TYR B 200 17.03 -33.49 -7.08
C TYR B 200 17.27 -34.98 -6.93
N GLN B 201 17.26 -35.72 -8.05
CA GLN B 201 17.65 -37.13 -7.98
C GLN B 201 19.11 -37.29 -7.56
N VAL B 202 20.00 -36.40 -8.01
CA VAL B 202 21.41 -36.52 -7.61
C VAL B 202 21.52 -36.47 -6.09
N SER B 203 20.95 -35.43 -5.48
CA SER B 203 20.93 -35.34 -4.03
C SER B 203 20.26 -36.55 -3.40
N ALA B 204 19.11 -36.97 -3.94
CA ALA B 204 18.39 -38.10 -3.35
C ALA B 204 19.26 -39.35 -3.32
N ILE B 205 19.72 -39.80 -4.49
CA ILE B 205 20.42 -41.07 -4.55
C ILE B 205 21.77 -41.00 -3.86
N LEU B 206 22.56 -39.93 -4.06
CA LEU B 206 23.82 -39.92 -3.31
C LEU B 206 23.56 -39.85 -1.80
N SER B 207 22.89 -38.81 -1.30
CA SER B 207 22.64 -38.73 0.14
C SER B 207 22.11 -40.05 0.69
N TYR B 208 21.27 -40.74 -0.09
CA TYR B 208 20.68 -42.00 0.35
C TYR B 208 21.69 -43.16 0.37
N THR B 209 22.58 -43.23 -0.63
CA THR B 209 23.56 -44.32 -0.66
C THR B 209 24.77 -44.01 0.22
N ARG B 210 25.33 -42.81 0.11
CA ARG B 210 26.31 -42.33 1.07
C ARG B 210 25.73 -42.18 2.48
N ARG B 211 24.43 -42.42 2.64
CA ARG B 211 23.81 -42.72 3.92
C ARG B 211 23.72 -44.23 4.16
N ILE B 212 23.60 -45.03 3.10
CA ILE B 212 23.63 -46.49 3.24
C ILE B 212 25.00 -46.95 3.73
N GLN B 213 26.06 -46.29 3.25
CA GLN B 213 27.42 -46.68 3.61
C GLN B 213 27.73 -46.37 5.07
N MET B 214 26.84 -45.65 5.76
CA MET B 214 26.96 -45.42 7.19
C MET B 214 25.64 -45.80 7.85
N CYS B 215 25.70 -46.84 8.69
CA CYS B 215 24.52 -47.42 9.32
C CYS B 215 23.43 -47.77 8.31
N ALA B 216 22.18 -47.82 8.77
CA ALA B 216 21.00 -48.10 7.92
C ALA B 216 21.16 -49.39 7.13
N ASN B 217 21.71 -50.42 7.79
CA ASN B 217 21.86 -51.77 7.22
C ASN B 217 22.65 -51.68 5.90
N ILE B 218 23.95 -51.45 6.08
CA ILE B 218 24.86 -51.22 4.96
C ILE B 218 24.74 -52.32 3.91
N THR B 219 24.26 -53.50 4.31
CA THR B 219 24.16 -54.62 3.38
C THR B 219 23.14 -54.36 2.27
N THR B 220 22.24 -53.40 2.46
CA THR B 220 21.28 -53.03 1.41
C THR B 220 22.05 -52.42 0.25
N VAL B 221 22.08 -53.13 -0.88
CA VAL B 221 22.80 -52.60 -2.04
C VAL B 221 21.99 -51.46 -2.65
N PRO B 222 22.57 -50.27 -2.83
CA PRO B 222 21.86 -49.19 -3.52
C PRO B 222 21.35 -49.65 -4.88
N SER B 223 20.04 -49.59 -5.06
CA SER B 223 19.42 -50.05 -6.30
C SER B 223 18.25 -49.15 -6.67
N PHE B 224 17.69 -49.41 -7.85
CA PHE B 224 16.56 -48.62 -8.32
C PHE B 224 15.32 -48.88 -7.48
N ASN B 225 15.02 -50.16 -7.21
CA ASN B 225 13.83 -50.50 -6.44
C ASN B 225 13.95 -50.03 -5.00
N ASN B 226 15.16 -50.09 -4.44
CA ASN B 226 15.39 -49.55 -3.10
C ASN B 226 15.18 -48.04 -3.06
N TYR B 227 15.64 -47.31 -4.08
CA TYR B 227 15.38 -45.88 -4.15
C TYR B 227 13.89 -45.60 -4.27
N MET B 228 13.17 -46.47 -4.99
CA MET B 228 11.71 -46.36 -5.02
C MET B 228 11.10 -46.54 -3.64
N GLN B 229 11.49 -47.59 -2.92
CA GLN B 229 10.83 -47.93 -1.68
C GLN B 229 11.33 -47.11 -0.49
N THR B 230 12.36 -46.30 -0.65
CA THR B 230 12.84 -45.45 0.43
C THR B 230 12.63 -43.96 0.16
N ASN B 231 13.20 -43.44 -0.92
CA ASN B 231 13.11 -42.01 -1.20
C ASN B 231 11.82 -41.61 -1.90
N TYR B 232 11.07 -42.56 -2.46
CA TYR B 232 9.80 -42.26 -3.11
C TYR B 232 8.71 -42.97 -2.31
N ASP B 233 8.29 -42.32 -1.23
CA ASP B 233 7.23 -42.84 -0.37
C ASP B 233 5.88 -42.39 -0.89
N TYR B 234 4.85 -42.46 -0.04
CA TYR B 234 3.49 -42.00 -0.34
C TYR B 234 2.94 -42.62 -1.62
N VAL B 235 3.55 -43.73 -2.06
CA VAL B 235 3.06 -44.45 -3.22
C VAL B 235 2.84 -45.94 -2.96
N PHE B 236 3.49 -46.53 -1.96
CA PHE B 236 3.37 -47.96 -1.70
C PHE B 236 2.36 -48.30 -0.61
N GLN B 237 1.87 -47.30 0.13
CA GLN B 237 0.79 -47.57 1.08
C GLN B 237 -0.55 -47.74 0.37
N LEU B 238 -0.64 -47.34 -0.90
CA LEU B 238 -1.85 -47.51 -1.69
C LEU B 238 -1.61 -48.42 -2.90
N LEU B 239 -0.50 -48.23 -3.61
CA LEU B 239 -0.20 -49.06 -4.77
C LEU B 239 0.79 -50.16 -4.41
N PRO B 240 0.69 -51.33 -5.02
CA PRO B 240 1.66 -52.40 -4.74
C PRO B 240 3.03 -52.06 -5.28
N TYR B 241 4.05 -52.64 -4.66
CA TYR B 241 5.43 -52.42 -5.08
C TYR B 241 5.76 -53.28 -6.30
N SER B 242 6.25 -52.62 -7.36
CA SER B 242 6.59 -53.33 -8.58
C SER B 242 7.51 -52.47 -9.45
N PRO B 243 8.52 -53.06 -10.08
CA PRO B 243 9.33 -52.31 -11.04
C PRO B 243 8.53 -51.54 -12.08
N ILE B 244 7.45 -52.13 -12.59
CA ILE B 244 6.66 -51.47 -13.63
C ILE B 244 5.95 -50.25 -13.06
N ILE B 245 5.28 -50.42 -11.92
CA ILE B 245 4.64 -49.27 -11.29
C ILE B 245 5.70 -48.26 -10.88
N ALA B 246 6.92 -48.71 -10.61
CA ALA B 246 7.98 -47.79 -10.23
C ALA B 246 8.45 -46.93 -11.40
N VAL B 247 8.61 -47.52 -12.58
CA VAL B 247 9.04 -46.73 -13.73
C VAL B 247 7.90 -45.81 -14.18
N LEU B 248 6.66 -46.31 -14.14
CA LEU B 248 5.54 -45.41 -14.38
C LEU B 248 5.46 -44.30 -13.34
N ILE B 249 5.92 -44.57 -12.10
CA ILE B 249 5.94 -43.53 -11.07
C ILE B 249 7.01 -42.49 -11.39
N LEU B 250 8.18 -42.93 -11.85
CA LEU B 250 9.17 -41.97 -12.34
C LEU B 250 8.62 -41.13 -13.47
N LEU B 251 7.93 -41.77 -14.42
CA LEU B 251 7.38 -41.02 -15.56
C LEU B 251 6.33 -40.02 -15.10
N ILE B 252 5.44 -40.43 -14.20
CA ILE B 252 4.42 -39.51 -13.69
C ILE B 252 5.03 -38.41 -12.84
N ASN B 253 6.10 -38.68 -12.11
CA ASN B 253 6.72 -37.63 -11.30
C ASN B 253 7.48 -36.64 -12.16
N GLY B 254 8.21 -37.13 -13.18
CA GLY B 254 8.83 -36.22 -14.12
C GLY B 254 7.81 -35.40 -14.88
N ALA B 255 6.68 -36.02 -15.25
CA ALA B 255 5.61 -35.29 -15.90
C ALA B 255 5.01 -34.25 -14.97
N CYS B 256 4.88 -34.57 -13.68
CA CYS B 256 4.30 -33.62 -12.73
C CYS B 256 5.25 -32.44 -12.50
N THR B 257 6.56 -32.70 -12.40
CA THR B 257 7.53 -31.62 -12.35
C THR B 257 7.46 -30.79 -13.63
N PHE B 258 7.24 -31.44 -14.76
CA PHE B 258 7.07 -30.71 -16.02
C PHE B 258 5.81 -29.85 -15.98
N VAL B 259 4.74 -30.33 -15.36
CA VAL B 259 3.55 -29.50 -15.16
C VAL B 259 3.89 -28.28 -14.31
N TRP B 260 4.56 -28.52 -13.19
CA TRP B 260 4.87 -27.46 -12.24
C TRP B 260 5.73 -26.37 -12.87
N ASN B 261 6.69 -26.76 -13.70
CA ASN B 261 7.57 -25.78 -14.32
C ASN B 261 6.97 -25.21 -15.61
N TYR B 262 6.24 -26.03 -16.37
CA TYR B 262 5.60 -25.59 -17.59
C TYR B 262 4.45 -24.64 -17.32
N MET B 263 3.93 -24.60 -16.09
CA MET B 263 3.01 -23.53 -15.72
C MET B 263 3.64 -22.16 -15.97
N ASP B 264 4.74 -21.88 -15.27
CA ASP B 264 5.47 -20.62 -15.48
C ASP B 264 6.03 -20.54 -16.89
N LEU B 265 6.46 -21.67 -17.44
CA LEU B 265 7.06 -21.67 -18.78
C LEU B 265 6.04 -21.24 -19.83
N PHE B 266 4.82 -21.76 -19.74
CA PHE B 266 3.73 -21.34 -20.62
C PHE B 266 3.33 -19.90 -20.38
N ILE B 267 3.27 -19.48 -19.12
CA ILE B 267 2.94 -18.07 -18.85
C ILE B 267 3.98 -17.15 -19.48
N MET B 268 5.26 -17.53 -19.40
CA MET B 268 6.28 -16.72 -20.04
C MET B 268 6.18 -16.81 -21.56
N MET B 269 5.76 -17.96 -22.10
CA MET B 269 5.52 -18.06 -23.54
C MET B 269 4.46 -17.05 -23.98
N ILE B 270 3.35 -16.98 -23.22
CA ILE B 270 2.30 -16.01 -23.52
C ILE B 270 2.83 -14.59 -23.39
N SER B 271 3.59 -14.32 -22.32
CA SER B 271 4.12 -12.98 -22.09
C SER B 271 5.06 -12.58 -23.21
N LYS B 272 5.91 -13.49 -23.66
CA LYS B 272 6.81 -13.22 -24.77
C LYS B 272 6.03 -13.00 -26.07
N GLY B 273 4.98 -13.78 -26.29
CA GLY B 273 4.18 -13.60 -27.49
C GLY B 273 3.52 -12.24 -27.54
N LEU B 274 3.02 -11.76 -26.40
CA LEU B 274 2.40 -10.44 -26.37
C LEU B 274 3.45 -9.33 -26.43
N SER B 275 4.55 -9.50 -25.69
CA SER B 275 5.60 -8.49 -25.65
C SER B 275 6.32 -8.38 -27.00
N TYR B 276 6.33 -9.46 -27.79
CA TYR B 276 6.90 -9.40 -29.13
C TYR B 276 6.15 -8.38 -29.98
N ARG B 277 4.83 -8.50 -30.04
CA ARG B 277 4.03 -7.56 -30.82
C ARG B 277 4.05 -6.17 -30.22
N PHE B 278 4.08 -6.06 -28.88
CA PHE B 278 4.16 -4.74 -28.28
C PHE B 278 5.51 -4.08 -28.56
N GLU B 279 6.58 -4.87 -28.60
CA GLU B 279 7.89 -4.35 -29.01
C GLU B 279 7.87 -3.93 -30.47
N GLN B 280 7.14 -4.67 -31.32
CA GLN B 280 6.99 -4.25 -32.70
C GLN B 280 6.28 -2.90 -32.80
N ILE B 281 5.21 -2.72 -32.01
CA ILE B 281 4.51 -1.44 -32.00
C ILE B 281 5.42 -0.32 -31.51
N THR B 282 6.17 -0.57 -30.44
CA THR B 282 7.07 0.45 -29.91
C THR B 282 8.18 0.78 -30.91
N THR B 283 8.70 -0.23 -31.60
CA THR B 283 9.71 0.01 -32.62
C THR B 283 9.16 0.82 -33.78
N ARG B 284 7.91 0.54 -34.19
CA ARG B 284 7.28 1.36 -35.22
C ARG B 284 7.12 2.79 -34.74
N ILE B 285 6.76 2.98 -33.47
CA ILE B 285 6.61 4.33 -32.93
C ILE B 285 7.96 5.04 -32.87
N ARG B 286 9.03 4.31 -32.56
CA ARG B 286 10.36 4.91 -32.50
C ARG B 286 10.92 5.20 -33.90
N LYS B 287 10.49 4.43 -34.90
CA LYS B 287 10.94 4.68 -36.28
C LYS B 287 10.41 5.99 -36.85
N LEU B 288 9.35 6.54 -36.28
CA LEU B 288 8.77 7.79 -36.76
C LEU B 288 9.01 8.88 -35.73
N GLU B 289 10.18 8.81 -35.08
CA GLU B 289 10.49 9.68 -33.96
C GLU B 289 10.58 11.14 -34.38
N HIS B 290 11.55 11.47 -35.24
CA HIS B 290 11.81 12.84 -35.64
C HIS B 290 11.17 13.21 -36.96
N GLU B 291 10.25 12.39 -37.46
CA GLU B 291 9.57 12.65 -38.73
C GLU B 291 8.14 13.10 -38.48
N GLU B 292 7.61 13.86 -39.44
CA GLU B 292 6.21 14.29 -39.37
C GLU B 292 5.31 13.10 -39.67
N VAL B 293 4.50 12.72 -38.69
CA VAL B 293 3.65 11.54 -38.80
C VAL B 293 2.27 11.93 -39.31
N CYS B 294 1.78 11.20 -40.30
CA CYS B 294 0.43 11.39 -40.78
C CYS B 294 -0.59 10.90 -39.77
N GLU B 295 -1.82 11.41 -39.90
CA GLU B 295 -2.89 10.98 -39.01
C GLU B 295 -3.24 9.51 -39.23
N SER B 296 -3.14 9.04 -40.48
CA SER B 296 -3.48 7.64 -40.77
C SER B 296 -2.54 6.67 -40.07
N VAL B 297 -1.24 7.00 -40.03
CA VAL B 297 -0.29 6.13 -39.36
C VAL B 297 -0.59 6.05 -37.87
N PHE B 298 -0.89 7.19 -37.26
CA PHE B 298 -1.25 7.20 -35.84
C PHE B 298 -2.54 6.42 -35.59
N ILE B 299 -3.52 6.55 -36.49
CA ILE B 299 -4.77 5.81 -36.35
C ILE B 299 -4.52 4.31 -36.42
N GLN B 300 -3.68 3.88 -37.37
CA GLN B 300 -3.41 2.45 -37.50
C GLN B 300 -2.60 1.94 -36.32
N ILE B 301 -1.68 2.74 -35.80
CA ILE B 301 -0.94 2.36 -34.60
C ILE B 301 -1.89 2.22 -33.41
N ARG B 302 -2.82 3.17 -33.27
CA ARG B 302 -3.79 3.09 -32.19
C ARG B 302 -4.69 1.87 -32.34
N GLU B 303 -5.09 1.55 -33.57
CA GLU B 303 -5.95 0.39 -33.80
C GLU B 303 -5.21 -0.90 -33.51
N HIS B 304 -3.94 -1.00 -33.89
CA HIS B 304 -3.16 -2.20 -33.55
C HIS B 304 -2.92 -2.29 -32.05
N TYR B 305 -2.71 -1.16 -31.38
CA TYR B 305 -2.56 -1.17 -29.93
C TYR B 305 -3.85 -1.61 -29.25
N VAL B 306 -5.00 -1.15 -29.78
CA VAL B 306 -6.29 -1.57 -29.24
C VAL B 306 -6.52 -3.04 -29.50
N LYS B 307 -6.10 -3.54 -30.66
CA LYS B 307 -6.22 -4.97 -30.94
C LYS B 307 -5.32 -5.80 -30.04
N MET B 308 -4.13 -5.31 -29.73
CA MET B 308 -3.28 -6.01 -28.79
C MET B 308 -3.85 -5.97 -27.38
N CYS B 309 -4.50 -4.86 -27.01
CA CYS B 309 -5.21 -4.82 -25.73
C CYS B 309 -6.35 -5.81 -25.71
N GLU B 310 -7.05 -5.94 -26.84
CA GLU B 310 -8.10 -6.94 -26.99
C GLU B 310 -7.56 -8.35 -26.79
N LEU B 311 -6.45 -8.66 -27.46
CA LEU B 311 -5.84 -9.99 -27.33
C LEU B 311 -5.37 -10.22 -25.91
N LEU B 312 -4.79 -9.20 -25.27
CA LEU B 312 -4.36 -9.32 -23.88
C LEU B 312 -5.54 -9.57 -22.96
N GLU B 313 -6.67 -8.87 -23.19
CA GLU B 313 -7.85 -9.08 -22.37
C GLU B 313 -8.45 -10.47 -22.57
N PHE B 314 -8.50 -10.93 -23.82
CA PHE B 314 -9.03 -12.26 -24.09
C PHE B 314 -8.15 -13.34 -23.48
N VAL B 315 -6.83 -13.19 -23.63
CA VAL B 315 -5.90 -14.14 -23.04
C VAL B 315 -5.98 -14.08 -21.52
N ASP B 316 -6.19 -12.89 -20.96
CA ASP B 316 -6.33 -12.77 -19.52
C ASP B 316 -7.60 -13.46 -19.03
N SER B 317 -8.70 -13.32 -19.77
CA SER B 317 -9.92 -14.02 -19.39
C SER B 317 -9.74 -15.53 -19.48
N ALA B 318 -9.09 -16.02 -20.53
CA ALA B 318 -8.88 -17.45 -20.71
C ALA B 318 -7.81 -18.01 -19.78
N MET B 319 -6.93 -17.16 -19.28
CA MET B 319 -5.75 -17.55 -18.52
C MET B 319 -5.80 -17.05 -17.09
N SER B 320 -6.94 -16.52 -16.63
CA SER B 320 -7.02 -16.03 -15.26
C SER B 320 -6.79 -17.16 -14.26
N SER B 321 -7.40 -18.32 -14.49
CA SER B 321 -7.19 -19.45 -13.60
C SER B 321 -5.72 -19.85 -13.56
N LEU B 322 -5.07 -19.93 -14.73
CA LEU B 322 -3.68 -20.35 -14.77
C LEU B 322 -2.75 -19.29 -14.16
N ILE B 323 -3.06 -18.01 -14.36
CA ILE B 323 -2.21 -16.95 -13.84
C ILE B 323 -2.32 -16.88 -12.32
N LEU B 324 -3.54 -16.97 -11.79
CA LEU B 324 -3.69 -17.05 -10.35
C LEU B 324 -3.01 -18.29 -9.80
N LEU B 325 -3.17 -19.43 -10.48
CA LEU B 325 -2.55 -20.66 -10.02
C LEU B 325 -1.04 -20.52 -9.95
N SER B 326 -0.42 -20.01 -11.01
CA SER B 326 1.03 -19.87 -11.05
C SER B 326 1.52 -18.81 -10.08
N CYS B 327 0.78 -17.70 -9.93
CA CYS B 327 1.19 -16.66 -9.00
C CYS B 327 1.14 -17.15 -7.56
N VAL B 328 0.03 -17.79 -7.17
CA VAL B 328 -0.08 -18.33 -5.82
C VAL B 328 0.93 -19.46 -5.61
N ASN B 329 1.13 -20.30 -6.63
CA ASN B 329 2.07 -21.40 -6.53
C ASN B 329 3.49 -20.91 -6.36
N ASN B 330 3.87 -19.89 -7.13
CA ASN B 330 5.19 -19.30 -7.00
C ASN B 330 5.34 -18.57 -5.67
N LEU B 331 4.31 -17.86 -5.23
CA LEU B 331 4.34 -17.24 -3.91
C LEU B 331 4.63 -18.29 -2.85
N TYR B 332 3.89 -19.41 -2.90
CA TYR B 332 4.05 -20.46 -1.90
C TYR B 332 5.47 -21.05 -1.95
N PHE B 333 5.93 -21.44 -3.15
CA PHE B 333 7.23 -22.10 -3.25
C PHE B 333 8.39 -21.15 -2.95
N VAL B 334 8.32 -19.90 -3.43
CA VAL B 334 9.39 -18.95 -3.13
C VAL B 334 9.41 -18.60 -1.65
N CYS B 335 8.23 -18.42 -1.05
CA CYS B 335 8.19 -18.15 0.39
C CYS B 335 8.65 -19.36 1.19
N TYR B 336 8.44 -20.57 0.67
CA TYR B 336 8.96 -21.76 1.33
C TYR B 336 10.48 -21.84 1.25
N GLN B 337 11.03 -21.62 0.05
CA GLN B 337 12.48 -21.76 -0.11
C GLN B 337 13.22 -20.61 0.57
N LEU B 338 12.64 -19.41 0.60
CA LEU B 338 13.19 -18.33 1.40
C LEU B 338 12.97 -18.58 2.90
N LEU B 339 11.88 -19.25 3.25
CA LEU B 339 11.71 -19.77 4.60
C LEU B 339 12.81 -20.77 4.94
N ASN B 340 13.36 -21.44 3.94
CA ASN B 340 14.42 -22.42 4.12
C ASN B 340 15.79 -21.87 3.76
N VAL B 341 15.94 -20.54 3.66
CA VAL B 341 17.23 -19.96 3.33
C VAL B 341 18.19 -20.11 4.51
N PHE B 342 17.75 -19.72 5.70
CA PHE B 342 18.63 -19.64 6.87
C PHE B 342 18.52 -20.92 7.70
N ASN B 343 18.90 -22.03 7.08
CA ASN B 343 19.00 -23.31 7.77
C ASN B 343 20.15 -24.11 7.17
N LYS B 344 20.35 -25.30 7.71
CA LYS B 344 21.42 -26.19 7.28
C LYS B 344 20.86 -27.42 6.58
N LEU B 345 21.61 -27.93 5.62
CA LEU B 345 21.29 -29.17 4.93
C LEU B 345 22.35 -30.21 5.26
N ARG B 346 22.19 -31.40 4.69
CA ARG B 346 23.02 -32.52 5.14
C ARG B 346 24.36 -32.56 4.42
N TRP B 347 24.37 -32.61 3.08
CA TRP B 347 25.62 -32.66 2.34
C TRP B 347 25.71 -31.51 1.36
N PRO B 348 26.93 -31.19 0.90
CA PRO B 348 27.08 -30.11 -0.08
C PRO B 348 26.31 -30.34 -1.37
N ILE B 349 26.08 -31.60 -1.76
CA ILE B 349 25.26 -31.86 -2.93
C ILE B 349 23.83 -31.38 -2.68
N ASN B 350 23.29 -31.64 -1.48
CA ASN B 350 21.99 -31.07 -1.13
C ASN B 350 22.05 -29.56 -1.09
N TYR B 351 23.19 -29.00 -0.67
CA TYR B 351 23.33 -27.54 -0.65
C TYR B 351 23.24 -26.96 -2.05
N ILE B 352 24.00 -27.52 -3.00
CA ILE B 352 23.98 -26.97 -4.34
C ILE B 352 22.63 -27.21 -5.00
N TYR B 353 22.02 -28.38 -4.74
CA TYR B 353 20.70 -28.64 -5.29
C TYR B 353 19.68 -27.65 -4.75
N PHE B 354 19.67 -27.40 -3.44
CA PHE B 354 18.67 -26.51 -2.86
C PHE B 354 18.90 -25.07 -3.30
N TRP B 355 20.16 -24.63 -3.37
CA TRP B 355 20.42 -23.26 -3.80
C TRP B 355 20.17 -23.10 -5.29
N TYR B 356 20.42 -24.13 -6.09
CA TYR B 356 20.08 -24.06 -7.50
C TYR B 356 18.58 -24.03 -7.68
N SER B 357 17.85 -24.77 -6.83
CA SER B 357 16.40 -24.65 -6.78
C SER B 357 15.99 -23.24 -6.41
N LEU B 358 16.68 -22.64 -5.45
CA LEU B 358 16.33 -21.31 -4.97
C LEU B 358 16.51 -20.26 -6.07
N LEU B 359 17.68 -20.22 -6.68
CA LEU B 359 17.87 -19.29 -7.80
C LEU B 359 16.97 -19.62 -8.98
N TYR B 360 16.78 -20.90 -9.30
CA TYR B 360 15.86 -21.24 -10.38
C TYR B 360 14.45 -20.74 -10.08
N LEU B 361 13.95 -20.99 -8.88
CA LEU B 361 12.58 -20.61 -8.53
C LEU B 361 12.42 -19.09 -8.48
N ILE B 362 13.32 -18.41 -7.76
CA ILE B 362 13.21 -16.96 -7.63
C ILE B 362 13.41 -16.29 -8.98
N GLY B 363 14.43 -16.71 -9.74
CA GLY B 363 14.68 -16.12 -11.03
C GLY B 363 13.61 -16.46 -12.05
N ARG B 364 12.98 -17.63 -11.94
CA ARG B 364 11.91 -17.97 -12.86
C ARG B 364 10.64 -17.18 -12.54
N THR B 365 10.31 -17.04 -11.26
CA THR B 365 9.22 -16.16 -10.87
C THR B 365 9.49 -14.74 -11.35
N ALA B 366 10.70 -14.24 -11.09
CA ALA B 366 11.05 -12.87 -11.47
C ALA B 366 11.04 -12.71 -12.98
N PHE B 367 11.52 -13.70 -13.73
CA PHE B 367 11.60 -13.62 -15.18
C PHE B 367 10.23 -13.74 -15.83
N VAL B 368 9.39 -14.64 -15.32
CA VAL B 368 8.03 -14.77 -15.86
C VAL B 368 7.23 -13.51 -15.57
N PHE B 369 7.30 -13.00 -14.33
CA PHE B 369 6.56 -11.80 -14.00
C PHE B 369 7.18 -10.57 -14.66
N LEU B 370 8.49 -10.59 -14.94
CA LEU B 370 9.11 -9.50 -15.68
C LEU B 370 8.75 -9.53 -17.15
N THR B 371 8.55 -10.72 -17.71
CA THR B 371 8.10 -10.80 -19.10
C THR B 371 6.63 -10.40 -19.21
N ALA B 372 5.82 -10.77 -18.21
CA ALA B 372 4.44 -10.30 -18.17
C ALA B 372 4.39 -8.79 -17.99
N ALA B 373 5.23 -8.25 -17.10
CA ALA B 373 5.35 -6.81 -16.92
C ALA B 373 6.00 -6.13 -18.11
N ASP B 374 6.70 -6.89 -18.95
CA ASP B 374 7.28 -6.33 -20.16
C ASP B 374 6.18 -5.86 -21.09
N ILE B 375 5.01 -6.48 -21.03
CA ILE B 375 3.85 -5.96 -21.76
C ILE B 375 3.56 -4.53 -21.34
N ASN B 376 3.46 -4.29 -20.03
CA ASN B 376 3.16 -2.95 -19.53
C ASN B 376 4.30 -1.99 -19.80
N GLU B 377 5.54 -2.43 -19.55
CA GLU B 377 6.70 -1.57 -19.79
C GLU B 377 6.86 -1.24 -21.26
N GLU B 378 6.52 -2.16 -22.15
CA GLU B 378 6.66 -1.92 -23.58
C GLU B 378 5.54 -1.02 -24.08
N SER B 379 4.34 -1.15 -23.53
CA SER B 379 3.29 -0.20 -23.84
C SER B 379 3.63 1.19 -23.33
N LYS B 380 4.28 1.29 -22.18
CA LYS B 380 4.66 2.59 -21.63
C LYS B 380 5.90 3.18 -22.29
N ARG B 381 6.74 2.34 -22.91
CA ARG B 381 7.93 2.85 -23.58
C ARG B 381 7.55 3.69 -24.80
N GLY B 382 6.52 3.28 -25.53
CA GLY B 382 6.01 4.08 -26.61
C GLY B 382 5.38 5.38 -26.17
N LEU B 383 4.97 5.46 -24.89
CA LEU B 383 4.40 6.69 -24.37
C LEU B 383 5.43 7.83 -24.39
N GLY B 384 6.67 7.52 -24.00
CA GLY B 384 7.70 8.54 -24.02
C GLY B 384 8.00 9.06 -25.42
N VAL B 385 8.01 8.16 -26.40
CA VAL B 385 8.22 8.57 -27.79
C VAL B 385 7.03 9.35 -28.31
N LEU B 386 5.82 9.00 -27.87
CA LEU B 386 4.64 9.78 -28.26
C LEU B 386 4.67 11.18 -27.65
N ARG B 387 5.24 11.31 -26.44
CA ARG B 387 5.42 12.63 -25.86
C ARG B 387 6.41 13.48 -26.65
N ARG B 388 7.26 12.85 -27.46
CA ARG B 388 8.20 13.59 -28.30
C ARG B 388 7.51 14.35 -29.42
N VAL B 389 6.26 14.00 -29.73
CA VAL B 389 5.61 14.51 -30.93
C VAL B 389 5.40 16.01 -30.82
N SER B 390 5.78 16.71 -31.89
CA SER B 390 5.63 18.16 -31.92
C SER B 390 4.16 18.54 -32.11
N SER B 391 3.90 19.85 -32.03
CA SER B 391 2.54 20.37 -32.16
C SER B 391 2.01 20.25 -33.57
N ARG B 392 2.87 19.95 -34.56
CA ARG B 392 2.42 19.93 -35.95
C ARG B 392 1.49 18.75 -36.24
N SER B 393 1.71 17.61 -35.60
CA SER B 393 0.87 16.43 -35.83
C SER B 393 0.43 15.88 -34.47
N TRP B 394 -0.63 16.47 -33.91
CA TRP B 394 -1.25 15.98 -32.69
C TRP B 394 -2.54 15.23 -32.97
N CYS B 395 -3.46 15.84 -33.71
CA CYS B 395 -4.51 15.14 -34.44
C CYS B 395 -5.37 14.25 -33.55
N VAL B 396 -5.51 14.64 -32.28
CA VAL B 396 -6.45 14.00 -31.35
C VAL B 396 -6.11 12.54 -31.08
N GLU B 397 -5.82 11.78 -32.15
CA GLU B 397 -5.57 10.34 -32.00
C GLU B 397 -4.41 10.07 -31.08
N VAL B 398 -3.33 10.86 -31.19
CA VAL B 398 -2.20 10.71 -30.28
C VAL B 398 -2.63 10.99 -28.86
N GLU B 399 -3.53 11.96 -28.66
CA GLU B 399 -4.03 12.24 -27.32
C GLU B 399 -4.78 11.04 -26.76
N ARG B 400 -5.62 10.40 -27.57
CA ARG B 400 -6.33 9.20 -27.14
C ARG B 400 -5.35 8.08 -26.79
N LEU B 401 -4.34 7.89 -27.64
CA LEU B 401 -3.37 6.82 -27.42
C LEU B 401 -2.55 7.05 -26.16
N ILE B 402 -2.15 8.31 -25.92
CA ILE B 402 -1.40 8.65 -24.73
C ILE B 402 -2.26 8.45 -23.48
N PHE B 403 -3.51 8.92 -23.52
CA PHE B 403 -4.42 8.69 -22.42
C PHE B 403 -4.60 7.19 -22.15
N GLN B 404 -4.66 6.40 -23.22
CA GLN B 404 -4.85 4.96 -23.09
C GLN B 404 -3.67 4.32 -22.38
N MET B 405 -2.46 4.46 -22.93
CA MET B 405 -1.33 3.83 -22.24
C MET B 405 -0.96 4.52 -20.94
N THR B 406 -1.52 5.69 -20.64
CA THR B 406 -1.28 6.30 -19.35
C THR B 406 -2.25 5.81 -18.28
N THR B 407 -3.47 5.43 -18.66
CA THR B 407 -4.49 5.08 -17.67
C THR B 407 -5.05 3.67 -17.76
N GLN B 408 -4.74 2.92 -18.83
CA GLN B 408 -5.32 1.58 -18.95
C GLN B 408 -4.50 0.52 -18.22
N THR B 409 -3.26 0.83 -17.83
CA THR B 409 -2.31 -0.11 -17.24
C THR B 409 -2.40 -1.49 -17.92
N VAL B 410 -2.08 -1.49 -19.21
CA VAL B 410 -2.14 -2.68 -20.05
C VAL B 410 -1.12 -3.70 -19.56
N ALA B 411 -1.61 -4.78 -18.96
CA ALA B 411 -0.73 -5.83 -18.44
C ALA B 411 -1.58 -7.06 -18.14
N LEU B 412 -0.90 -8.19 -17.97
CA LEU B 412 -1.56 -9.40 -17.51
C LEU B 412 -2.02 -9.22 -16.06
N SER B 413 -3.10 -9.92 -15.72
CA SER B 413 -3.69 -9.84 -14.39
C SER B 413 -4.08 -11.23 -13.92
N GLY B 414 -4.18 -11.39 -12.61
CA GLY B 414 -4.65 -12.64 -12.07
C GLY B 414 -6.12 -12.85 -12.36
N LYS B 415 -6.97 -12.13 -11.65
CA LYS B 415 -8.39 -12.00 -11.98
C LYS B 415 -8.86 -10.57 -11.76
N LYS B 416 -8.04 -9.62 -12.19
CA LYS B 416 -8.14 -8.18 -11.95
C LYS B 416 -7.81 -7.88 -10.48
N PHE B 417 -7.43 -8.88 -9.69
CA PHE B 417 -6.97 -8.62 -8.33
C PHE B 417 -5.65 -7.86 -8.33
N TYR B 418 -4.81 -8.10 -9.33
CA TYR B 418 -3.51 -7.45 -9.44
C TYR B 418 -3.06 -7.53 -10.88
N PHE B 419 -2.43 -6.46 -11.36
CA PHE B 419 -1.93 -6.38 -12.72
C PHE B 419 -0.42 -6.59 -12.73
N LEU B 420 0.03 -7.57 -13.52
CA LEU B 420 1.44 -7.96 -13.52
C LEU B 420 2.28 -6.84 -14.10
N THR B 421 2.93 -6.08 -13.23
CA THR B 421 3.75 -4.94 -13.62
C THR B 421 5.04 -4.96 -12.80
N ARG B 422 6.01 -4.13 -13.21
CA ARG B 422 7.21 -3.97 -12.41
C ARG B 422 6.89 -3.40 -11.03
N ARG B 423 5.89 -2.51 -10.97
CA ARG B 423 5.39 -2.05 -9.69
C ARG B 423 4.84 -3.22 -8.88
N LEU B 424 4.09 -4.11 -9.52
CA LEU B 424 3.60 -5.30 -8.82
C LEU B 424 4.74 -6.22 -8.45
N LEU B 425 5.79 -6.31 -9.27
CA LEU B 425 6.93 -7.14 -8.91
C LEU B 425 7.63 -6.60 -7.66
N PHE B 426 7.81 -5.29 -7.57
CA PHE B 426 8.41 -4.71 -6.38
C PHE B 426 7.49 -4.88 -5.16
N GLY B 427 6.18 -4.72 -5.36
CA GLY B 427 5.25 -4.96 -4.27
C GLY B 427 5.29 -6.40 -3.79
N MET B 428 5.42 -7.34 -4.73
CA MET B 428 5.57 -8.75 -4.37
C MET B 428 6.87 -8.99 -3.62
N ALA B 429 7.96 -8.33 -4.04
CA ALA B 429 9.22 -8.47 -3.32
C ALA B 429 9.09 -7.98 -1.89
N GLY B 430 8.47 -6.82 -1.71
CA GLY B 430 8.27 -6.30 -0.36
C GLY B 430 7.34 -7.17 0.47
N THR B 431 6.28 -7.69 -0.15
CA THR B 431 5.35 -8.56 0.55
C THR B 431 6.03 -9.85 0.97
N ILE B 432 6.87 -10.42 0.10
CA ILE B 432 7.63 -11.62 0.45
C ILE B 432 8.63 -11.32 1.55
N VAL B 433 9.23 -10.12 1.52
CA VAL B 433 10.17 -9.74 2.57
C VAL B 433 9.45 -9.68 3.92
N THR B 434 8.28 -9.05 3.95
CA THR B 434 7.51 -8.97 5.20
C THR B 434 7.04 -10.35 5.66
N TYR B 435 6.59 -11.18 4.71
CA TYR B 435 6.17 -12.54 5.04
C TYR B 435 7.32 -13.32 5.63
N GLU B 436 8.53 -13.16 5.10
CA GLU B 436 9.70 -13.81 5.68
C GLU B 436 9.99 -13.23 7.06
N LEU B 437 9.90 -11.91 7.21
CA LEU B 437 10.18 -11.29 8.50
C LEU B 437 9.23 -11.80 9.58
N VAL B 438 8.04 -12.26 9.20
CA VAL B 438 7.18 -12.87 10.21
C VAL B 438 7.36 -14.40 10.25
N LEU B 439 7.86 -15.01 9.17
CA LEU B 439 7.96 -16.47 9.12
C LEU B 439 9.21 -17.01 9.80
N LEU B 440 10.36 -16.35 9.65
CA LEU B 440 11.50 -16.76 10.46
C LEU B 440 11.27 -16.52 11.95
N GLN B 441 10.24 -15.75 12.32
CA GLN B 441 9.74 -15.78 13.69
C GLN B 441 8.72 -16.91 13.90
N PHE B 442 7.99 -17.29 12.85
CA PHE B 442 7.10 -18.45 12.95
C PHE B 442 7.89 -19.72 13.21
N ASP B 443 8.96 -19.95 12.44
CA ASP B 443 9.75 -21.16 12.54
C ASP B 443 11.09 -20.93 13.22
N GLU B 444 11.19 -19.90 14.07
CA GLU B 444 12.43 -19.65 14.78
C GLU B 444 12.85 -20.80 15.69
N PRO B 445 11.99 -21.36 16.55
CA PRO B 445 12.46 -22.45 17.43
C PRO B 445 12.74 -23.75 16.68
N ASN B 446 12.21 -23.93 15.48
CA ASN B 446 12.45 -25.18 14.75
C ASN B 446 13.87 -25.24 14.20
N ARG B 447 14.38 -24.13 13.68
CA ARG B 447 15.75 -24.10 13.17
C ARG B 447 16.72 -23.72 14.28
N LEU C 56 -43.22 -7.23 -12.54
CA LEU C 56 -42.31 -6.48 -13.40
C LEU C 56 -40.88 -6.60 -12.89
N ASP C 57 -39.92 -6.52 -13.80
CA ASP C 57 -38.51 -6.66 -13.45
C ASP C 57 -38.05 -5.38 -12.77
N LEU C 58 -38.34 -5.27 -11.48
CA LEU C 58 -37.93 -4.15 -10.66
C LEU C 58 -37.10 -4.66 -9.49
N PHE C 59 -36.27 -3.76 -8.94
CA PHE C 59 -35.52 -4.12 -7.74
C PHE C 59 -36.46 -4.36 -6.57
N HIS C 60 -37.47 -3.50 -6.39
CA HIS C 60 -38.38 -3.64 -5.26
C HIS C 60 -39.18 -4.94 -5.34
N ARG C 61 -39.66 -5.29 -6.53
CA ARG C 61 -40.36 -6.56 -6.69
C ARG C 61 -39.42 -7.74 -6.57
N ALA C 62 -38.11 -7.53 -6.65
CA ALA C 62 -37.14 -8.59 -6.45
C ALA C 62 -36.66 -8.70 -5.01
N VAL C 63 -36.89 -7.67 -4.19
CA VAL C 63 -36.48 -7.72 -2.79
C VAL C 63 -37.65 -7.98 -1.86
N PHE C 64 -38.84 -7.49 -2.17
CA PHE C 64 -39.95 -7.60 -1.23
C PHE C 64 -40.31 -9.05 -0.86
N PRO C 65 -40.11 -10.07 -1.72
CA PRO C 65 -40.18 -11.44 -1.20
C PRO C 65 -39.19 -11.73 -0.11
N PHE C 66 -38.09 -10.98 -0.04
CA PHE C 66 -37.12 -11.12 1.03
C PHE C 66 -37.19 -9.98 2.05
N MET C 67 -37.63 -8.79 1.64
CA MET C 67 -37.92 -7.74 2.62
C MET C 67 -39.04 -8.17 3.56
N PHE C 68 -40.07 -8.83 3.02
CA PHE C 68 -41.16 -9.32 3.85
C PHE C 68 -40.66 -10.40 4.82
N LEU C 69 -39.81 -11.30 4.33
CA LEU C 69 -39.25 -12.32 5.21
C LEU C 69 -38.36 -11.72 6.29
N ALA C 70 -37.62 -10.65 5.96
CA ALA C 70 -36.82 -9.95 6.97
C ALA C 70 -37.68 -9.22 7.97
N GLN C 71 -38.80 -8.62 7.54
CA GLN C 71 -39.72 -7.98 8.46
C GLN C 71 -40.49 -8.99 9.30
N CYS C 72 -40.57 -10.24 8.85
CA CYS C 72 -41.13 -11.29 9.70
C CYS C 72 -40.30 -11.46 10.96
N VAL C 73 -38.98 -11.42 10.84
CA VAL C 73 -38.10 -11.42 12.00
C VAL C 73 -37.78 -9.97 12.35
N ALA C 74 -38.57 -9.05 11.77
CA ALA C 74 -38.52 -7.62 12.09
C ALA C 74 -37.14 -7.03 11.82
N ILE C 75 -36.77 -7.02 10.54
CA ILE C 75 -35.56 -6.38 10.07
C ILE C 75 -35.95 -5.16 9.25
N MET C 76 -35.41 -4.01 9.62
CA MET C 76 -35.51 -2.79 8.83
C MET C 76 -36.98 -2.45 8.63
N PRO C 77 -37.66 -2.00 9.68
CA PRO C 77 -39.13 -1.92 9.63
C PRO C 77 -39.62 -0.88 8.66
N LEU C 78 -40.64 -1.26 7.88
CA LEU C 78 -41.35 -0.34 7.01
C LEU C 78 -42.80 -0.79 6.94
N VAL C 79 -43.68 0.15 6.63
CA VAL C 79 -45.12 -0.12 6.54
C VAL C 79 -45.49 -0.23 5.06
N GLY C 80 -46.07 -1.36 4.70
CA GLY C 80 -46.44 -1.60 3.32
C GLY C 80 -45.39 -2.26 2.47
N ILE C 81 -44.49 -3.06 3.07
CA ILE C 81 -43.43 -3.70 2.30
C ILE C 81 -43.97 -4.80 1.39
N ARG C 82 -45.18 -5.30 1.65
CA ARG C 82 -45.75 -6.34 0.80
C ARG C 82 -46.35 -5.80 -0.48
N GLU C 83 -46.62 -4.50 -0.54
CA GLU C 83 -47.22 -3.91 -1.73
C GLU C 83 -46.25 -3.95 -2.91
N SER C 84 -46.81 -4.07 -4.11
CA SER C 84 -46.03 -4.11 -5.34
C SER C 84 -45.64 -2.74 -5.84
N ASN C 85 -46.11 -1.67 -5.20
CA ASN C 85 -45.76 -0.32 -5.59
C ASN C 85 -44.77 0.27 -4.59
N PRO C 86 -43.63 0.79 -5.07
CA PRO C 86 -42.60 1.29 -4.14
C PRO C 86 -42.89 2.66 -3.55
N ARG C 87 -44.08 3.23 -3.76
CA ARG C 87 -44.42 4.51 -3.18
C ARG C 87 -45.33 4.42 -1.97
N ARG C 88 -45.99 3.28 -1.77
CA ARG C 88 -46.81 3.08 -0.58
C ARG C 88 -46.00 2.63 0.63
N VAL C 89 -44.74 2.28 0.45
CA VAL C 89 -43.90 1.86 1.57
C VAL C 89 -43.41 3.10 2.31
N ARG C 90 -43.66 3.13 3.63
CA ARG C 90 -43.38 4.30 4.44
C ARG C 90 -42.69 3.87 5.73
N PHE C 91 -42.24 4.87 6.49
CA PHE C 91 -41.72 4.68 7.83
C PHE C 91 -42.62 5.44 8.79
N ALA C 92 -43.69 4.79 9.24
CA ALA C 92 -44.69 5.41 10.10
C ALA C 92 -44.77 4.62 11.39
N TYR C 93 -44.88 5.32 12.51
CA TYR C 93 -44.83 4.68 13.82
C TYR C 93 -46.18 4.10 14.23
N LYS C 94 -47.23 4.37 13.45
CA LYS C 94 -48.59 3.99 13.80
C LYS C 94 -49.05 2.81 12.95
N SER C 95 -48.54 1.61 13.28
CA SER C 95 -48.97 0.37 12.64
C SER C 95 -48.34 -0.81 13.39
N ILE C 96 -48.36 -1.98 12.77
CA ILE C 96 -47.75 -3.16 13.38
C ILE C 96 -46.22 -3.19 13.28
N PRO C 97 -45.56 -2.76 12.18
CA PRO C 97 -44.15 -3.15 11.97
C PRO C 97 -43.14 -2.48 12.90
N MET C 98 -43.26 -1.19 13.22
CA MET C 98 -42.31 -0.64 14.17
C MET C 98 -42.54 -1.24 15.56
N PHE C 99 -43.78 -1.61 15.88
CA PHE C 99 -44.02 -2.29 17.15
C PHE C 99 -43.34 -3.65 17.19
N VAL C 100 -43.44 -4.42 16.10
CA VAL C 100 -42.83 -5.75 16.13
C VAL C 100 -41.31 -5.62 16.12
N THR C 101 -40.75 -4.64 15.42
CA THR C 101 -39.30 -4.48 15.45
C THR C 101 -38.84 -3.92 16.79
N LEU C 102 -39.69 -3.16 17.49
CA LEU C 102 -39.34 -2.68 18.81
C LEU C 102 -39.34 -3.81 19.83
N ILE C 103 -40.34 -4.69 19.76
CA ILE C 103 -40.36 -5.85 20.64
C ILE C 103 -39.16 -6.74 20.35
N PHE C 104 -38.87 -6.98 19.07
CA PHE C 104 -37.71 -7.78 18.69
C PHE C 104 -36.41 -7.10 19.09
N MET C 105 -36.39 -5.76 19.07
CA MET C 105 -35.19 -5.02 19.43
C MET C 105 -34.94 -5.05 20.93
N ILE C 106 -36.00 -4.95 21.74
CA ILE C 106 -35.83 -5.12 23.18
C ILE C 106 -35.46 -6.57 23.50
N ALA C 107 -35.97 -7.53 22.73
CA ALA C 107 -35.55 -8.91 22.94
C ALA C 107 -34.05 -9.07 22.67
N THR C 108 -33.59 -8.55 21.53
CA THR C 108 -32.17 -8.60 21.21
C THR C 108 -31.35 -7.79 22.22
N SER C 109 -31.93 -6.70 22.75
CA SER C 109 -31.21 -5.88 23.72
C SER C 109 -31.08 -6.58 25.06
N ILE C 110 -32.12 -7.28 25.50
CA ILE C 110 -32.00 -8.10 26.71
C ILE C 110 -30.99 -9.21 26.48
N LEU C 111 -30.97 -9.81 25.29
CA LEU C 111 -29.94 -10.80 24.97
C LEU C 111 -28.55 -10.18 25.11
N PHE C 112 -28.34 -9.02 24.46
CA PHE C 112 -27.03 -8.38 24.45
C PHE C 112 -26.61 -7.98 25.86
N LEU C 113 -27.54 -7.41 26.64
CA LEU C 113 -27.21 -6.96 27.98
C LEU C 113 -26.95 -8.14 28.92
N SER C 114 -27.77 -9.20 28.81
CA SER C 114 -27.56 -10.38 29.64
C SER C 114 -26.23 -11.03 29.34
N MET C 115 -25.88 -11.19 28.06
CA MET C 115 -24.58 -11.76 27.75
C MET C 115 -23.44 -10.79 28.07
N PHE C 116 -23.72 -9.49 28.01
CA PHE C 116 -22.73 -8.49 28.39
C PHE C 116 -22.37 -8.61 29.86
N THR C 117 -23.38 -8.71 30.73
CA THR C 117 -23.13 -8.92 32.15
C THR C 117 -22.53 -10.30 32.41
N HIS C 118 -22.97 -11.31 31.66
CA HIS C 118 -22.45 -12.66 31.87
C HIS C 118 -20.97 -12.75 31.53
N LEU C 119 -20.56 -12.11 30.43
CA LEU C 119 -19.15 -12.11 30.02
C LEU C 119 -18.31 -11.08 30.76
N LEU C 120 -18.94 -10.12 31.45
CA LEU C 120 -18.19 -9.35 32.44
C LEU C 120 -17.98 -10.18 33.70
N LYS C 121 -18.97 -11.00 34.06
CA LYS C 121 -18.83 -11.89 35.20
C LYS C 121 -17.79 -12.98 34.93
N ILE C 122 -17.68 -13.42 33.68
CA ILE C 122 -16.73 -14.46 33.31
C ILE C 122 -15.44 -13.92 32.71
N GLY C 123 -15.44 -12.67 32.23
CA GLY C 123 -14.25 -12.09 31.65
C GLY C 123 -14.29 -12.01 30.14
N ILE C 124 -14.17 -10.80 29.59
CA ILE C 124 -14.18 -10.60 28.15
C ILE C 124 -12.81 -10.92 27.59
N THR C 125 -12.74 -11.92 26.71
CA THR C 125 -11.52 -12.27 26.00
C THR C 125 -11.78 -12.19 24.50
N ALA C 126 -10.73 -12.43 23.73
CA ALA C 126 -10.89 -12.49 22.28
C ALA C 126 -11.79 -13.65 21.86
N LYS C 127 -11.81 -14.73 22.66
CA LYS C 127 -12.71 -15.84 22.39
C LYS C 127 -14.13 -15.55 22.84
N ASN C 128 -14.30 -14.75 23.90
CA ASN C 128 -15.63 -14.40 24.37
C ASN C 128 -16.18 -13.13 23.73
N PHE C 129 -15.35 -12.32 23.10
CA PHE C 129 -15.82 -11.12 22.44
C PHE C 129 -16.68 -11.44 21.22
N VAL C 130 -16.68 -12.69 20.74
CA VAL C 130 -17.47 -13.05 19.57
C VAL C 130 -18.94 -12.79 19.82
N GLY C 131 -19.43 -13.15 21.01
CA GLY C 131 -20.82 -12.86 21.33
C GLY C 131 -21.11 -11.37 21.40
N LEU C 132 -20.18 -10.60 21.96
CA LEU C 132 -20.34 -9.16 22.00
C LEU C 132 -20.50 -8.60 20.59
N VAL C 133 -19.57 -8.95 19.69
CA VAL C 133 -19.65 -8.44 18.33
C VAL C 133 -20.91 -8.94 17.64
N PHE C 134 -21.30 -10.19 17.88
CA PHE C 134 -22.48 -10.73 17.21
C PHE C 134 -23.74 -9.96 17.61
N PHE C 135 -23.98 -9.84 18.92
CA PHE C 135 -25.23 -9.19 19.34
C PHE C 135 -25.18 -7.68 19.18
N GLY C 136 -24.04 -7.06 19.44
CA GLY C 136 -23.91 -5.64 19.16
C GLY C 136 -24.05 -5.32 17.69
N CYS C 137 -23.59 -6.22 16.82
CA CYS C 137 -23.74 -6.02 15.39
C CYS C 137 -25.16 -6.28 14.94
N VAL C 138 -25.87 -7.20 15.60
CA VAL C 138 -27.29 -7.37 15.30
C VAL C 138 -28.07 -6.12 15.69
N LEU C 139 -27.78 -5.57 16.88
CA LEU C 139 -28.46 -4.35 17.31
C LEU C 139 -28.07 -3.16 16.43
N SER C 140 -26.79 -3.07 16.05
CA SER C 140 -26.36 -2.00 15.16
C SER C 140 -26.96 -2.15 13.78
N ALA C 141 -27.13 -3.39 13.31
CA ALA C 141 -27.85 -3.60 12.06
C ALA C 141 -29.29 -3.16 12.18
N TYR C 142 -29.92 -3.43 13.33
CA TYR C 142 -31.26 -2.92 13.58
C TYR C 142 -31.29 -1.40 13.49
N VAL C 143 -30.30 -0.74 14.12
CA VAL C 143 -30.30 0.72 14.18
C VAL C 143 -30.05 1.32 12.79
N VAL C 144 -29.02 0.85 12.10
CA VAL C 144 -28.72 1.36 10.77
C VAL C 144 -29.76 0.92 9.76
N PHE C 145 -30.52 -0.14 10.03
CA PHE C 145 -31.65 -0.50 9.19
C PHE C 145 -32.84 0.41 9.44
N ILE C 146 -33.04 0.85 10.68
CA ILE C 146 -34.03 1.89 10.95
C ILE C 146 -33.65 3.18 10.21
N ARG C 147 -32.38 3.55 10.28
CA ARG C 147 -31.93 4.73 9.56
C ARG C 147 -32.06 4.54 8.05
N LEU C 148 -31.78 3.33 7.56
CA LEU C 148 -31.98 3.01 6.15
C LEU C 148 -33.44 3.15 5.77
N ALA C 149 -34.35 2.68 6.63
CA ALA C 149 -35.78 2.80 6.37
C ALA C 149 -36.27 4.23 6.47
N LYS C 150 -35.55 5.10 7.20
CA LYS C 150 -35.91 6.50 7.22
C LYS C 150 -35.80 7.14 5.84
N LYS C 151 -34.95 6.59 4.98
CA LYS C 151 -34.78 7.10 3.62
C LYS C 151 -35.20 6.09 2.56
N TRP C 152 -35.57 4.87 2.96
CA TRP C 152 -35.95 3.80 2.05
C TRP C 152 -37.17 4.16 1.24
N PRO C 153 -38.14 4.93 1.78
CA PRO C 153 -39.11 5.59 0.90
C PRO C 153 -38.38 6.30 -0.24
N ALA C 154 -37.51 7.24 0.12
CA ALA C 154 -36.78 8.00 -0.90
C ALA C 154 -35.79 7.12 -1.66
N VAL C 155 -35.20 6.12 -0.99
CA VAL C 155 -34.21 5.28 -1.66
C VAL C 155 -34.86 4.46 -2.76
N VAL C 156 -35.98 3.78 -2.45
CA VAL C 156 -36.68 3.02 -3.48
C VAL C 156 -37.34 3.96 -4.47
N ARG C 157 -37.71 5.17 -4.06
CA ARG C 157 -38.25 6.12 -5.02
C ARG C 157 -37.23 6.45 -6.10
N ILE C 158 -36.02 6.81 -5.69
CA ILE C 158 -34.97 7.13 -6.67
C ILE C 158 -34.54 5.88 -7.43
N TRP C 159 -34.50 4.73 -6.75
CA TRP C 159 -34.12 3.49 -7.42
C TRP C 159 -35.10 3.15 -8.54
N THR C 160 -36.40 3.18 -8.24
CA THR C 160 -37.41 2.91 -9.25
C THR C 160 -37.39 3.98 -10.34
N ARG C 161 -37.22 5.25 -9.95
CA ARG C 161 -37.24 6.34 -10.91
C ARG C 161 -36.10 6.21 -11.92
N THR C 162 -34.91 5.83 -11.47
CA THR C 162 -33.79 5.63 -12.38
C THR C 162 -33.77 4.25 -13.03
N GLU C 163 -34.55 3.29 -12.54
CA GLU C 163 -34.59 1.97 -13.15
C GLU C 163 -35.77 1.79 -14.10
N ILE C 164 -36.66 2.79 -14.21
CA ILE C 164 -37.69 2.73 -15.26
C ILE C 164 -37.09 2.72 -16.65
N PRO C 165 -36.13 3.58 -17.01
CA PRO C 165 -35.55 3.50 -18.36
C PRO C 165 -34.80 2.22 -18.65
N PHE C 166 -34.47 1.43 -17.63
CA PHE C 166 -33.77 0.17 -17.81
C PHE C 166 -34.70 -1.00 -18.12
N THR C 167 -36.01 -0.76 -18.13
CA THR C 167 -36.99 -1.74 -18.59
C THR C 167 -37.57 -1.34 -19.95
N LYS C 168 -36.74 -0.75 -20.79
CA LYS C 168 -37.14 -0.17 -22.06
C LYS C 168 -36.60 -0.96 -23.24
N PRO C 169 -37.15 -0.77 -24.43
CA PRO C 169 -36.67 -1.51 -25.63
C PRO C 169 -35.18 -1.33 -25.88
N PRO C 170 -34.58 -0.16 -25.60
CA PRO C 170 -33.12 -0.06 -25.77
C PRO C 170 -32.34 -1.06 -24.94
N TYR C 171 -32.90 -1.52 -23.82
CA TYR C 171 -32.26 -2.52 -22.97
C TYR C 171 -33.00 -3.84 -23.09
N GLU C 172 -32.45 -4.87 -22.44
CA GLU C 172 -33.02 -6.21 -22.56
C GLU C 172 -32.64 -7.03 -21.33
N ILE C 173 -33.33 -8.16 -21.18
CA ILE C 173 -33.10 -9.11 -20.09
C ILE C 173 -32.40 -10.32 -20.68
N PRO C 174 -31.09 -10.50 -20.46
CA PRO C 174 -30.35 -11.54 -21.20
C PRO C 174 -30.81 -12.97 -20.92
N LYS C 175 -30.56 -13.48 -19.71
CA LYS C 175 -31.00 -14.81 -19.35
C LYS C 175 -31.78 -14.82 -18.04
N ARG C 176 -31.19 -14.23 -17.00
CA ARG C 176 -31.76 -14.20 -15.66
C ARG C 176 -32.20 -12.79 -15.34
N ASN C 177 -33.50 -12.58 -15.22
CA ASN C 177 -34.00 -11.26 -14.87
C ASN C 177 -33.62 -10.92 -13.44
N LEU C 178 -33.74 -9.64 -13.10
CA LEU C 178 -33.42 -9.20 -11.75
C LEU C 178 -34.20 -9.98 -10.71
N SER C 179 -35.43 -10.35 -11.02
CA SER C 179 -36.21 -11.21 -10.13
C SER C 179 -35.46 -12.50 -9.83
N ARG C 180 -35.21 -13.31 -10.86
CA ARG C 180 -34.55 -14.60 -10.64
C ARG C 180 -33.09 -14.44 -10.26
N ARG C 181 -32.41 -13.42 -10.79
CA ARG C 181 -31.01 -13.21 -10.43
C ARG C 181 -30.87 -12.90 -8.95
N VAL C 182 -31.77 -12.09 -8.40
CA VAL C 182 -31.77 -11.84 -6.96
C VAL C 182 -32.24 -13.08 -6.21
N GLN C 183 -33.27 -13.76 -6.73
CA GLN C 183 -33.88 -14.87 -5.99
C GLN C 183 -32.93 -16.04 -5.83
N LEU C 184 -32.19 -16.39 -6.88
CA LEU C 184 -31.28 -17.53 -6.79
C LEU C 184 -30.21 -17.29 -5.74
N ALA C 185 -29.53 -16.14 -5.79
CA ALA C 185 -28.48 -15.86 -4.84
C ALA C 185 -29.01 -15.67 -3.44
N ALA C 186 -30.19 -15.03 -3.30
CA ALA C 186 -30.76 -14.81 -1.99
C ALA C 186 -31.23 -16.12 -1.35
N LEU C 187 -31.85 -17.00 -2.15
CA LEU C 187 -32.23 -18.31 -1.65
C LEU C 187 -31.02 -19.18 -1.37
N ALA C 188 -29.93 -19.01 -2.13
CA ALA C 188 -28.71 -19.73 -1.82
C ALA C 188 -28.14 -19.26 -0.47
N ILE C 189 -28.11 -17.95 -0.25
CA ILE C 189 -27.62 -17.44 1.02
C ILE C 189 -28.52 -17.86 2.17
N ILE C 190 -29.84 -17.85 1.96
CA ILE C 190 -30.75 -18.31 2.99
C ILE C 190 -30.57 -19.81 3.23
N GLY C 191 -30.29 -20.57 2.17
CA GLY C 191 -30.05 -21.99 2.32
C GLY C 191 -28.78 -22.29 3.08
N LEU C 192 -27.68 -21.59 2.77
CA LEU C 192 -26.46 -21.79 3.53
C LEU C 192 -26.54 -21.18 4.92
N SER C 193 -27.38 -20.17 5.13
CA SER C 193 -27.60 -19.66 6.47
C SER C 193 -28.38 -20.66 7.31
N LEU C 194 -29.47 -21.20 6.76
CA LEU C 194 -30.20 -22.28 7.42
C LEU C 194 -29.30 -23.48 7.63
N GLY C 195 -28.40 -23.75 6.69
CA GLY C 195 -27.44 -24.84 6.88
C GLY C 195 -26.45 -24.55 7.99
N GLU C 196 -25.91 -23.34 8.04
CA GLU C 196 -24.96 -22.98 9.08
C GLU C 196 -25.60 -23.09 10.45
N HIS C 197 -26.79 -22.49 10.61
CA HIS C 197 -27.48 -22.61 11.89
C HIS C 197 -27.95 -24.05 12.13
N ALA C 198 -28.25 -24.77 11.04
CA ALA C 198 -28.70 -26.15 11.15
C ALA C 198 -27.62 -27.02 11.78
N LEU C 199 -26.43 -27.04 11.17
CA LEU C 199 -25.34 -27.80 11.79
C LEU C 199 -24.77 -27.11 13.02
N TYR C 200 -25.10 -25.85 13.29
CA TYR C 200 -24.73 -25.29 14.58
C TYR C 200 -25.52 -25.99 15.68
N GLN C 201 -26.84 -26.07 15.53
CA GLN C 201 -27.62 -26.88 16.46
C GLN C 201 -27.26 -28.35 16.38
N VAL C 202 -26.97 -28.87 15.18
CA VAL C 202 -26.60 -30.29 15.07
C VAL C 202 -25.37 -30.57 15.93
N SER C 203 -24.30 -29.78 15.74
CA SER C 203 -23.11 -29.92 16.56
C SER C 203 -23.44 -29.74 18.04
N ALA C 204 -24.23 -28.70 18.37
CA ALA C 204 -24.54 -28.44 19.77
C ALA C 204 -25.20 -29.65 20.43
N ILE C 205 -26.35 -30.08 19.90
CA ILE C 205 -27.13 -31.13 20.55
C ILE C 205 -26.40 -32.46 20.50
N LEU C 206 -25.83 -32.86 19.36
CA LEU C 206 -25.10 -34.13 19.41
C LEU C 206 -23.92 -34.06 20.37
N SER C 207 -22.95 -33.16 20.14
CA SER C 207 -21.80 -33.10 21.04
C SER C 207 -22.24 -33.06 22.50
N TYR C 208 -23.35 -32.38 22.79
CA TYR C 208 -23.84 -32.26 24.15
C TYR C 208 -24.46 -33.56 24.69
N THR C 209 -25.19 -34.31 23.85
CA THR C 209 -25.79 -35.57 24.31
C THR C 209 -24.80 -36.73 24.25
N ARG C 210 -24.09 -36.87 23.13
CA ARG C 210 -22.94 -37.77 23.06
C ARG C 210 -21.81 -37.35 24.00
N ARG C 211 -21.95 -36.22 24.69
CA ARG C 211 -21.20 -35.88 25.88
C ARG C 211 -21.96 -36.28 27.15
N ILE C 212 -23.30 -36.29 27.12
CA ILE C 212 -24.08 -36.77 28.25
C ILE C 212 -23.85 -38.27 28.45
N GLN C 213 -23.71 -39.00 27.36
CA GLN C 213 -23.54 -40.46 27.42
C GLN C 213 -22.18 -40.83 28.00
N MET C 214 -21.28 -39.85 28.17
CA MET C 214 -20.02 -40.08 28.84
C MET C 214 -19.86 -39.04 29.95
N CYS C 215 -19.84 -39.51 31.19
CA CYS C 215 -19.82 -38.65 32.38
C CYS C 215 -20.93 -37.60 32.35
N ALA C 216 -20.73 -36.49 33.06
CA ALA C 216 -21.67 -35.37 33.11
C ALA C 216 -23.08 -35.81 33.52
N ASN C 217 -23.15 -36.72 34.50
CA ASN C 217 -24.41 -37.20 35.07
C ASN C 217 -25.30 -37.76 33.95
N ILE C 218 -24.89 -38.94 33.48
CA ILE C 218 -25.55 -39.58 32.34
C ILE C 218 -27.05 -39.68 32.53
N THR C 219 -27.51 -39.64 33.79
CA THR C 219 -28.94 -39.77 34.07
C THR C 219 -29.75 -38.59 33.52
N THR C 220 -29.10 -37.47 33.21
CA THR C 220 -29.78 -36.32 32.62
C THR C 220 -30.23 -36.72 31.22
N VAL C 221 -31.54 -36.82 31.03
CA VAL C 221 -32.05 -37.19 29.70
C VAL C 221 -31.90 -36.01 28.76
N PRO C 222 -31.25 -36.17 27.61
CA PRO C 222 -31.20 -35.09 26.62
C PRO C 222 -32.59 -34.57 26.28
N SER C 223 -32.82 -33.29 26.53
CA SER C 223 -34.13 -32.70 26.31
C SER C 223 -33.97 -31.27 25.80
N PHE C 224 -35.10 -30.67 25.44
CA PHE C 224 -35.10 -29.31 24.93
C PHE C 224 -34.72 -28.32 26.03
N ASN C 225 -35.33 -28.46 27.21
CA ASN C 225 -35.05 -27.53 28.31
C ASN C 225 -33.63 -27.68 28.80
N ASN C 226 -33.10 -28.92 28.82
CA ASN C 226 -31.71 -29.13 29.17
C ASN C 226 -30.76 -28.48 28.17
N TYR C 227 -31.07 -28.57 26.87
CA TYR C 227 -30.27 -27.88 25.87
C TYR C 227 -30.33 -26.37 26.07
N MET C 228 -31.49 -25.86 26.49
CA MET C 228 -31.60 -24.45 26.85
C MET C 228 -30.70 -24.10 28.01
N GLN C 229 -30.74 -24.87 29.08
CA GLN C 229 -30.04 -24.52 30.31
C GLN C 229 -28.56 -24.88 30.30
N THR C 230 -28.09 -25.59 29.27
CA THR C 230 -26.67 -25.90 29.17
C THR C 230 -25.99 -25.23 28.00
N ASN C 231 -26.44 -25.47 26.77
CA ASN C 231 -25.79 -24.92 25.59
C ASN C 231 -26.21 -23.49 25.28
N TYR C 232 -27.31 -23.00 25.86
CA TYR C 232 -27.76 -21.63 25.65
C TYR C 232 -27.68 -20.91 26.99
N ASP C 233 -26.47 -20.45 27.32
CA ASP C 233 -26.22 -19.73 28.55
C ASP C 233 -26.47 -18.24 28.33
N TYR C 234 -25.95 -17.40 29.22
CA TYR C 234 -26.05 -15.94 29.13
C TYR C 234 -27.48 -15.45 28.98
N VAL C 235 -28.45 -16.31 29.31
CA VAL C 235 -29.85 -15.92 29.28
C VAL C 235 -30.58 -16.20 30.59
N PHE C 236 -30.12 -17.12 31.43
CA PHE C 236 -30.81 -17.47 32.66
C PHE C 236 -30.25 -16.76 33.89
N GLN C 237 -29.11 -16.08 33.78
CA GLN C 237 -28.64 -15.26 34.89
C GLN C 237 -29.42 -13.96 35.00
N LEU C 238 -30.18 -13.60 33.97
CA LEU C 238 -31.02 -12.41 33.98
C LEU C 238 -32.50 -12.76 33.83
N LEU C 239 -32.83 -13.66 32.91
CA LEU C 239 -34.22 -14.05 32.71
C LEU C 239 -34.51 -15.37 33.40
N PRO C 240 -35.73 -15.55 33.91
CA PRO C 240 -36.08 -16.83 34.55
C PRO C 240 -36.16 -17.96 33.53
N TYR C 241 -35.93 -19.17 34.03
CA TYR C 241 -35.99 -20.35 33.17
C TYR C 241 -37.44 -20.77 32.95
N SER C 242 -37.82 -20.91 31.67
CA SER C 242 -39.18 -21.30 31.32
C SER C 242 -39.23 -21.79 29.87
N PRO C 243 -39.99 -22.85 29.60
CA PRO C 243 -40.20 -23.27 28.21
C PRO C 243 -40.61 -22.14 27.27
N ILE C 244 -41.48 -21.24 27.73
CA ILE C 244 -41.95 -20.17 26.85
C ILE C 244 -40.82 -19.19 26.54
N ILE C 245 -40.11 -18.75 27.58
CA ILE C 245 -38.97 -17.88 27.34
C ILE C 245 -37.91 -18.62 26.52
N ALA C 246 -37.88 -19.94 26.63
CA ALA C 246 -36.89 -20.72 25.85
C ALA C 246 -37.23 -20.75 24.37
N VAL C 247 -38.51 -20.94 24.02
CA VAL C 247 -38.88 -20.96 22.61
C VAL C 247 -38.78 -19.55 22.03
N LEU C 248 -39.16 -18.52 22.80
CA LEU C 248 -38.90 -17.16 22.36
C LEU C 248 -37.41 -16.89 22.22
N ILE C 249 -36.58 -17.55 23.02
CA ILE C 249 -35.13 -17.39 22.90
C ILE C 249 -34.62 -18.04 21.62
N LEU C 250 -35.15 -19.21 21.27
CA LEU C 250 -34.84 -19.81 19.98
C LEU C 250 -35.27 -18.89 18.84
N LEU C 251 -36.46 -18.31 18.94
CA LEU C 251 -36.93 -17.42 17.88
C LEU C 251 -36.06 -16.18 17.76
N ILE C 252 -35.70 -15.57 18.89
CA ILE C 252 -34.83 -14.40 18.86
C ILE C 252 -33.43 -14.74 18.38
N ASN C 253 -32.92 -15.94 18.70
CA ASN C 253 -31.58 -16.30 18.24
C ASN C 253 -31.57 -16.61 16.74
N GLY C 254 -32.59 -17.32 16.25
CA GLY C 254 -32.71 -17.51 14.82
C GLY C 254 -32.89 -16.21 14.09
N ALA C 255 -33.67 -15.28 14.66
CA ALA C 255 -33.83 -13.97 14.06
C ALA C 255 -32.52 -13.20 14.07
N CYS C 256 -31.73 -13.33 15.13
CA CYS C 256 -30.45 -12.62 15.21
C CYS C 256 -29.45 -13.17 14.20
N THR C 257 -29.41 -14.50 14.04
CA THR C 257 -28.62 -15.09 12.98
C THR C 257 -29.10 -14.62 11.61
N PHE C 258 -30.42 -14.46 11.47
CA PHE C 258 -30.95 -13.93 10.23
C PHE C 258 -30.51 -12.48 10.01
N VAL C 259 -30.43 -11.70 11.08
CA VAL C 259 -29.88 -10.35 10.97
C VAL C 259 -28.43 -10.40 10.50
N TRP C 260 -27.63 -11.25 11.15
CA TRP C 260 -26.20 -11.33 10.87
C TRP C 260 -25.95 -11.73 9.42
N ASN C 261 -26.75 -12.66 8.89
CA ASN C 261 -26.53 -13.11 7.53
C ASN C 261 -27.24 -12.22 6.52
N TYR C 262 -28.41 -11.68 6.88
CA TYR C 262 -29.15 -10.79 6.00
C TYR C 262 -28.46 -9.44 5.84
N MET C 263 -27.54 -9.10 6.73
CA MET C 263 -26.68 -7.95 6.47
C MET C 263 -25.97 -8.10 5.13
N ASP C 264 -25.14 -9.14 5.01
CA ASP C 264 -24.46 -9.42 3.75
C ASP C 264 -25.44 -9.75 2.64
N LEU C 265 -26.54 -10.42 2.98
CA LEU C 265 -27.51 -10.82 1.97
C LEU C 265 -28.17 -9.60 1.34
N PHE C 266 -28.54 -8.61 2.16
CA PHE C 266 -29.08 -7.35 1.66
C PHE C 266 -28.04 -6.56 0.88
N ILE C 267 -26.79 -6.54 1.36
CA ILE C 267 -25.76 -5.83 0.62
C ILE C 267 -25.57 -6.45 -0.76
N MET C 268 -25.63 -7.78 -0.85
CA MET C 268 -25.53 -8.43 -2.15
C MET C 268 -26.77 -8.17 -2.98
N MET C 269 -27.94 -8.05 -2.34
CA MET C 269 -29.15 -7.67 -3.08
C MET C 269 -28.97 -6.31 -3.74
N ILE C 270 -28.46 -5.34 -2.98
CA ILE C 270 -28.18 -4.01 -3.53
C ILE C 270 -27.15 -4.10 -4.66
N SER C 271 -26.08 -4.87 -4.43
CA SER C 271 -25.02 -4.98 -5.43
C SER C 271 -25.55 -5.61 -6.70
N LYS C 272 -26.39 -6.65 -6.58
CA LYS C 272 -27.00 -7.27 -7.74
C LYS C 272 -27.96 -6.31 -8.45
N GLY C 273 -28.71 -5.52 -7.69
CA GLY C 273 -29.60 -4.56 -8.30
C GLY C 273 -28.87 -3.51 -9.11
N LEU C 274 -27.74 -3.04 -8.61
CA LEU C 274 -26.95 -2.05 -9.36
C LEU C 274 -26.21 -2.71 -10.51
N SER C 275 -25.63 -3.89 -10.29
CA SER C 275 -24.89 -4.58 -11.33
C SER C 275 -25.80 -5.06 -12.46
N TYR C 276 -27.07 -5.30 -12.16
CA TYR C 276 -28.03 -5.65 -13.21
C TYR C 276 -28.13 -4.52 -14.24
N ARG C 277 -28.38 -3.30 -13.76
CA ARG C 277 -28.49 -2.17 -14.67
C ARG C 277 -27.15 -1.84 -15.32
N PHE C 278 -26.05 -2.00 -14.59
CA PHE C 278 -24.75 -1.75 -15.21
C PHE C 278 -24.42 -2.79 -16.28
N GLU C 279 -24.84 -4.03 -16.08
CA GLU C 279 -24.72 -5.05 -17.11
C GLU C 279 -25.60 -4.72 -18.30
N GLN C 280 -26.79 -4.17 -18.05
CA GLN C 280 -27.62 -3.72 -19.16
C GLN C 280 -26.94 -2.63 -19.97
N ILE C 281 -26.31 -1.67 -19.29
CA ILE C 281 -25.58 -0.61 -19.99
C ILE C 281 -24.42 -1.19 -20.79
N THR C 282 -23.67 -2.11 -20.18
CA THR C 282 -22.53 -2.71 -20.88
C THR C 282 -23.00 -3.54 -22.08
N THR C 283 -24.12 -4.24 -21.95
CA THR C 283 -24.67 -5.01 -23.06
C THR C 283 -25.13 -4.09 -24.18
N ARG C 284 -25.74 -2.95 -23.83
CA ARG C 284 -26.10 -1.98 -24.86
C ARG C 284 -24.86 -1.44 -25.56
N ILE C 285 -23.78 -1.21 -24.81
CA ILE C 285 -22.54 -0.73 -25.41
C ILE C 285 -21.92 -1.79 -26.31
N ARG C 286 -22.03 -3.07 -25.92
CA ARG C 286 -21.48 -4.15 -26.74
C ARG C 286 -22.33 -4.40 -27.99
N LYS C 287 -23.64 -4.11 -27.92
CA LYS C 287 -24.51 -4.29 -29.06
C LYS C 287 -24.20 -3.31 -30.20
N LEU C 288 -23.52 -2.22 -29.91
CA LEU C 288 -23.18 -1.23 -30.93
C LEU C 288 -21.68 -1.25 -31.17
N GLU C 289 -21.10 -2.46 -31.09
CA GLU C 289 -19.65 -2.63 -31.13
C GLU C 289 -19.07 -2.22 -32.48
N HIS C 290 -19.46 -2.92 -33.54
CA HIS C 290 -18.89 -2.70 -34.87
C HIS C 290 -19.76 -1.83 -35.75
N GLU C 291 -20.74 -1.13 -35.16
CA GLU C 291 -21.64 -0.26 -35.91
C GLU C 291 -21.30 1.20 -35.64
N GLU C 292 -21.63 2.04 -36.61
CA GLU C 292 -21.45 3.48 -36.45
C GLU C 292 -22.51 4.01 -35.48
N VAL C 293 -22.06 4.55 -34.35
CA VAL C 293 -22.95 5.00 -33.30
C VAL C 293 -23.24 6.48 -33.46
N CYS C 294 -24.51 6.85 -33.38
CA CYS C 294 -24.90 8.24 -33.39
C CYS C 294 -24.51 8.93 -32.09
N GLU C 295 -24.41 10.26 -32.15
CA GLU C 295 -24.09 11.03 -30.96
C GLU C 295 -25.21 10.94 -29.92
N SER C 296 -26.46 10.86 -30.38
CA SER C 296 -27.59 10.80 -29.44
C SER C 296 -27.54 9.52 -28.60
N VAL C 297 -27.19 8.40 -29.21
CA VAL C 297 -27.12 7.14 -28.47
C VAL C 297 -26.02 7.22 -27.42
N PHE C 298 -24.86 7.78 -27.77
CA PHE C 298 -23.80 7.93 -26.79
C PHE C 298 -24.21 8.88 -25.67
N ILE C 299 -24.93 9.96 -26.02
CA ILE C 299 -25.39 10.90 -24.99
C ILE C 299 -26.34 10.22 -24.03
N GLN C 300 -27.27 9.41 -24.56
CA GLN C 300 -28.24 8.73 -23.69
C GLN C 300 -27.55 7.67 -22.84
N ILE C 301 -26.55 6.98 -23.41
CA ILE C 301 -25.79 6.01 -22.62
C ILE C 301 -25.04 6.73 -21.50
N ARG C 302 -24.43 7.87 -21.80
CA ARG C 302 -23.73 8.64 -20.78
C ARG C 302 -24.69 9.13 -19.70
N GLU C 303 -25.89 9.56 -20.10
CA GLU C 303 -26.86 10.05 -19.14
C GLU C 303 -27.36 8.92 -18.24
N HIS C 304 -27.60 7.73 -18.81
CA HIS C 304 -28.00 6.60 -17.99
C HIS C 304 -26.86 6.15 -17.07
N TYR C 305 -25.62 6.22 -17.54
CA TYR C 305 -24.49 5.90 -16.69
C TYR C 305 -24.35 6.89 -15.55
N VAL C 306 -24.58 8.18 -15.84
CA VAL C 306 -24.55 9.20 -14.81
C VAL C 306 -25.69 9.01 -13.82
N LYS C 307 -26.86 8.60 -14.30
CA LYS C 307 -27.98 8.32 -13.41
C LYS C 307 -27.70 7.10 -12.53
N MET C 308 -27.04 6.09 -13.08
CA MET C 308 -26.65 4.95 -12.26
C MET C 308 -25.58 5.33 -11.25
N CYS C 309 -24.67 6.23 -11.61
CA CYS C 309 -23.71 6.75 -10.64
C CYS C 309 -24.42 7.53 -9.54
N GLU C 310 -25.44 8.29 -9.92
CA GLU C 310 -26.29 9.00 -8.96
C GLU C 310 -26.96 8.04 -7.99
N LEU C 311 -27.56 6.96 -8.53
CA LEU C 311 -28.22 5.98 -7.67
C LEU C 311 -27.20 5.28 -6.79
N LEU C 312 -26.02 4.97 -7.32
CA LEU C 312 -24.98 4.35 -6.51
C LEU C 312 -24.52 5.29 -5.39
N GLU C 313 -24.39 6.59 -5.69
CA GLU C 313 -23.98 7.53 -4.66
C GLU C 313 -25.06 7.70 -3.59
N PHE C 314 -26.32 7.77 -4.01
CA PHE C 314 -27.40 7.90 -3.04
C PHE C 314 -27.50 6.65 -2.16
N VAL C 315 -27.41 5.48 -2.77
CA VAL C 315 -27.44 4.24 -2.02
C VAL C 315 -26.22 4.14 -1.10
N ASP C 316 -25.07 4.62 -1.56
CA ASP C 316 -23.89 4.63 -0.71
C ASP C 316 -24.06 5.54 0.48
N SER C 317 -24.67 6.72 0.27
CA SER C 317 -24.92 7.62 1.39
C SER C 317 -25.89 6.99 2.39
N ALA C 318 -26.96 6.37 1.88
CA ALA C 318 -27.96 5.75 2.75
C ALA C 318 -27.48 4.45 3.38
N MET C 319 -26.47 3.82 2.80
CA MET C 319 -26.01 2.50 3.19
C MET C 319 -24.58 2.52 3.72
N SER C 320 -24.01 3.69 3.96
CA SER C 320 -22.65 3.76 4.48
C SER C 320 -22.54 3.07 5.83
N SER C 321 -23.51 3.32 6.72
CA SER C 321 -23.49 2.66 8.02
C SER C 321 -23.55 1.15 7.87
N LEU C 322 -24.46 0.66 7.01
CA LEU C 322 -24.61 -0.79 6.85
C LEU C 322 -23.40 -1.41 6.17
N ILE C 323 -22.79 -0.71 5.21
CA ILE C 323 -21.65 -1.25 4.50
C ILE C 323 -20.43 -1.31 5.41
N LEU C 324 -20.19 -0.25 6.18
CA LEU C 324 -19.12 -0.31 7.18
C LEU C 324 -19.39 -1.40 8.20
N LEU C 325 -20.65 -1.51 8.65
CA LEU C 325 -20.99 -2.54 9.64
C LEU C 325 -20.70 -3.93 9.10
N SER C 326 -21.16 -4.22 7.88
CA SER C 326 -20.96 -5.54 7.31
C SER C 326 -19.50 -5.80 6.98
N CYS C 327 -18.77 -4.79 6.50
CA CYS C 327 -17.36 -4.98 6.18
C CYS C 327 -16.54 -5.25 7.44
N VAL C 328 -16.74 -4.45 8.49
CA VAL C 328 -16.04 -4.68 9.75
C VAL C 328 -16.46 -6.00 10.38
N ASN C 329 -17.77 -6.32 10.29
CA ASN C 329 -18.28 -7.55 10.86
C ASN C 329 -17.70 -8.77 10.16
N ASN C 330 -17.64 -8.73 8.83
CA ASN C 330 -17.04 -9.81 8.06
C ASN C 330 -15.55 -9.89 8.30
N LEU C 331 -14.86 -8.75 8.39
CA LEU C 331 -13.45 -8.76 8.74
C LEU C 331 -13.24 -9.47 10.06
N TYR C 332 -14.04 -9.12 11.07
CA TYR C 332 -13.91 -9.72 12.39
C TYR C 332 -14.16 -11.22 12.35
N PHE C 333 -15.29 -11.63 11.74
CA PHE C 333 -15.65 -13.04 11.75
C PHE C 333 -14.71 -13.88 10.87
N VAL C 334 -14.33 -13.39 9.71
CA VAL C 334 -13.41 -14.14 8.86
C VAL C 334 -12.04 -14.23 9.51
N CYS C 335 -11.56 -13.15 10.13
CA CYS C 335 -10.28 -13.22 10.82
C CYS C 335 -10.36 -14.11 12.04
N TYR C 336 -11.54 -14.22 12.67
CA TYR C 336 -11.71 -15.16 13.78
C TYR C 336 -11.67 -16.59 13.29
N GLN C 337 -12.42 -16.91 12.23
CA GLN C 337 -12.48 -18.29 11.78
C GLN C 337 -11.18 -18.73 11.13
N LEU C 338 -10.46 -17.81 10.47
CA LEU C 338 -9.11 -18.11 10.00
C LEU C 338 -8.13 -18.16 11.16
N LEU C 339 -8.37 -17.38 12.21
CA LEU C 339 -7.65 -17.55 13.46
C LEU C 339 -7.90 -18.93 14.05
N ASN C 340 -9.05 -19.53 13.75
CA ASN C 340 -9.41 -20.85 14.24
C ASN C 340 -9.21 -21.94 13.19
N VAL C 341 -8.46 -21.65 12.12
CA VAL C 341 -8.23 -22.67 11.09
C VAL C 341 -7.31 -23.76 11.62
N PHE C 342 -6.19 -23.37 12.22
CA PHE C 342 -5.14 -24.32 12.59
C PHE C 342 -5.30 -24.71 14.06
N ASN C 343 -6.43 -25.33 14.36
CA ASN C 343 -6.67 -25.90 15.68
C ASN C 343 -7.52 -27.16 15.53
N LYS C 344 -7.82 -27.78 16.67
CA LYS C 344 -8.59 -29.00 16.71
C LYS C 344 -9.95 -28.76 17.35
N LEU C 345 -10.95 -29.51 16.90
CA LEU C 345 -12.29 -29.49 17.47
C LEU C 345 -12.57 -30.84 18.09
N ARG C 346 -13.77 -31.00 18.65
CA ARG C 346 -14.03 -32.18 19.49
C ARG C 346 -14.49 -33.36 18.65
N TRP C 347 -15.55 -33.22 17.86
CA TRP C 347 -16.04 -34.33 17.06
C TRP C 347 -16.08 -33.94 15.58
N PRO C 348 -16.13 -34.94 14.68
CA PRO C 348 -16.22 -34.63 13.25
C PRO C 348 -17.44 -33.82 12.88
N ILE C 349 -18.55 -33.93 13.63
CA ILE C 349 -19.70 -33.08 13.35
C ILE C 349 -19.35 -31.62 13.61
N ASN C 350 -18.63 -31.34 14.70
CA ASN C 350 -18.12 -29.99 14.92
C ASN C 350 -17.15 -29.58 13.82
N TYR C 351 -16.36 -30.54 13.32
CA TYR C 351 -15.43 -30.24 12.23
C TYR C 351 -16.17 -29.80 10.98
N ILE C 352 -17.18 -30.57 10.55
CA ILE C 352 -17.90 -30.21 9.33
C ILE C 352 -18.70 -28.93 9.55
N TYR C 353 -19.26 -28.74 10.74
CA TYR C 353 -19.99 -27.50 11.01
C TYR C 353 -19.06 -26.30 10.94
N PHE C 354 -17.88 -26.38 11.57
CA PHE C 354 -16.97 -25.25 11.59
C PHE C 354 -16.40 -24.97 10.21
N TRP C 355 -16.06 -26.02 9.45
CA TRP C 355 -15.53 -25.79 8.11
C TRP C 355 -16.60 -25.32 7.16
N TYR C 356 -17.85 -25.77 7.33
CA TYR C 356 -18.94 -25.26 6.52
C TYR C 356 -19.20 -23.80 6.87
N SER C 357 -19.07 -23.45 8.16
CA SER C 357 -19.10 -22.04 8.55
C SER C 357 -17.98 -21.27 7.89
N LEU C 358 -16.79 -21.87 7.82
CA LEU C 358 -15.63 -21.18 7.26
C LEU C 358 -15.82 -20.90 5.78
N LEU C 359 -16.16 -21.92 4.99
CA LEU C 359 -16.44 -21.68 3.58
C LEU C 359 -17.64 -20.78 3.39
N TYR C 360 -18.71 -20.95 4.17
CA TYR C 360 -19.85 -20.05 4.04
C TYR C 360 -19.45 -18.60 4.30
N LEU C 361 -18.70 -18.35 5.38
CA LEU C 361 -18.34 -16.99 5.75
C LEU C 361 -17.39 -16.38 4.74
N ILE C 362 -16.31 -17.11 4.39
CA ILE C 362 -15.32 -16.58 3.47
C ILE C 362 -15.93 -16.40 2.09
N GLY C 363 -16.68 -17.40 1.60
CA GLY C 363 -17.31 -17.28 0.31
C GLY C 363 -18.43 -16.26 0.26
N ARG C 364 -19.11 -16.04 1.38
CA ARG C 364 -20.15 -15.01 1.41
C ARG C 364 -19.54 -13.61 1.42
N THR C 365 -18.47 -13.42 2.20
CA THR C 365 -17.74 -12.16 2.15
C THR C 365 -17.20 -11.92 0.74
N ALA C 366 -16.58 -12.95 0.16
CA ALA C 366 -16.00 -12.83 -1.18
C ALA C 366 -17.08 -12.58 -2.22
N PHE C 367 -18.23 -13.24 -2.10
CA PHE C 367 -19.29 -13.11 -3.08
C PHE C 367 -20.02 -11.77 -2.96
N VAL C 368 -20.26 -11.31 -1.73
CA VAL C 368 -20.88 -10.01 -1.54
C VAL C 368 -19.96 -8.90 -2.03
N PHE C 369 -18.68 -8.97 -1.65
CA PHE C 369 -17.74 -7.94 -2.09
C PHE C 369 -17.43 -8.06 -3.59
N LEU C 370 -17.55 -9.27 -4.15
CA LEU C 370 -17.38 -9.44 -5.58
C LEU C 370 -18.59 -8.92 -6.34
N THR C 371 -19.78 -9.04 -5.78
CA THR C 371 -20.95 -8.46 -6.43
C THR C 371 -20.93 -6.93 -6.32
N ALA C 372 -20.46 -6.40 -5.19
CA ALA C 372 -20.27 -4.96 -5.07
C ALA C 372 -19.20 -4.47 -6.03
N ALA C 373 -18.09 -5.22 -6.15
CA ALA C 373 -17.06 -4.92 -7.11
C ALA C 373 -17.50 -5.18 -8.54
N ASP C 374 -18.56 -5.96 -8.73
CA ASP C 374 -19.10 -6.19 -10.05
C ASP C 374 -19.65 -4.90 -10.62
N ILE C 375 -20.09 -3.97 -9.76
CA ILE C 375 -20.45 -2.64 -10.23
C ILE C 375 -19.26 -1.97 -10.92
N ASN C 376 -18.10 -1.98 -10.24
CA ASN C 376 -16.92 -1.35 -10.81
C ASN C 376 -16.43 -2.10 -12.05
N GLU C 377 -16.38 -3.43 -11.97
CA GLU C 377 -15.93 -4.24 -13.10
C GLU C 377 -16.85 -4.10 -14.30
N GLU C 378 -18.15 -3.96 -14.06
CA GLU C 378 -19.10 -3.84 -15.15
C GLU C 378 -19.05 -2.44 -15.77
N SER C 379 -18.81 -1.42 -14.95
CA SER C 379 -18.57 -0.09 -15.51
C SER C 379 -17.28 -0.05 -16.32
N LYS C 380 -16.25 -0.79 -15.88
CA LYS C 380 -14.98 -0.82 -16.60
C LYS C 380 -15.01 -1.73 -17.82
N ARG C 381 -15.93 -2.70 -17.86
CA ARG C 381 -16.03 -3.57 -19.02
C ARG C 381 -16.50 -2.83 -20.25
N GLY C 382 -17.42 -1.87 -20.06
CA GLY C 382 -17.82 -1.01 -21.16
C GLY C 382 -16.73 -0.08 -21.63
N LEU C 383 -15.73 0.18 -20.78
CA LEU C 383 -14.61 1.02 -21.18
C LEU C 383 -13.82 0.40 -22.33
N GLY C 384 -13.60 -0.92 -22.26
CA GLY C 384 -12.88 -1.58 -23.35
C GLY C 384 -13.62 -1.51 -24.66
N VAL C 385 -14.95 -1.69 -24.61
CA VAL C 385 -15.75 -1.60 -25.83
C VAL C 385 -15.80 -0.16 -26.34
N LEU C 386 -15.77 0.82 -25.44
CA LEU C 386 -15.71 2.21 -25.86
C LEU C 386 -14.38 2.54 -26.51
N ARG C 387 -13.29 1.89 -26.06
CA ARG C 387 -12.00 2.05 -26.71
C ARG C 387 -12.00 1.47 -28.12
N ARG C 388 -12.94 0.58 -28.43
CA ARG C 388 -13.05 0.02 -29.77
C ARG C 388 -13.52 1.05 -30.80
N VAL C 389 -14.10 2.16 -30.33
CA VAL C 389 -14.79 3.08 -31.23
C VAL C 389 -13.80 3.72 -32.19
N SER C 390 -14.15 3.71 -33.47
CA SER C 390 -13.30 4.30 -34.50
C SER C 390 -13.35 5.83 -34.43
N SER C 391 -12.51 6.45 -35.25
CA SER C 391 -12.42 7.90 -35.28
C SER C 391 -13.65 8.55 -35.89
N ARG C 392 -14.52 7.77 -36.54
CA ARG C 392 -15.66 8.36 -37.24
C ARG C 392 -16.69 8.92 -36.28
N SER C 393 -16.89 8.29 -35.13
CA SER C 393 -17.87 8.74 -34.14
C SER C 393 -17.21 8.83 -32.77
N TRP C 394 -16.51 9.94 -32.53
CA TRP C 394 -15.91 10.22 -31.23
C TRP C 394 -16.72 11.25 -30.45
N CYS C 395 -17.00 12.40 -31.06
CA CYS C 395 -18.11 13.26 -30.68
C CYS C 395 -18.05 13.69 -29.20
N VAL C 396 -16.84 13.78 -28.66
CA VAL C 396 -16.59 14.36 -27.34
C VAL C 396 -17.25 13.56 -26.22
N GLU C 397 -18.52 13.19 -26.42
CA GLU C 397 -19.27 12.50 -25.36
C GLU C 397 -18.61 11.19 -24.97
N VAL C 398 -18.10 10.44 -25.94
CA VAL C 398 -17.38 9.21 -25.63
C VAL C 398 -16.13 9.52 -24.83
N GLU C 399 -15.47 10.64 -25.13
CA GLU C 399 -14.30 11.04 -24.35
C GLU C 399 -14.67 11.31 -22.90
N ARG C 400 -15.79 12.02 -22.67
CA ARG C 400 -16.25 12.26 -21.31
C ARG C 400 -16.58 10.95 -20.61
N LEU C 401 -17.26 10.04 -21.30
CA LEU C 401 -17.67 8.77 -20.69
C LEU C 401 -16.46 7.91 -20.35
N ILE C 402 -15.47 7.89 -21.24
CA ILE C 402 -14.24 7.14 -20.99
C ILE C 402 -13.48 7.73 -19.80
N PHE C 403 -13.35 9.06 -19.78
CA PHE C 403 -12.70 9.72 -18.65
C PHE C 403 -13.44 9.40 -17.35
N GLN C 404 -14.77 9.34 -17.41
CA GLN C 404 -15.58 9.07 -16.23
C GLN C 404 -15.30 7.67 -15.69
N MET C 405 -15.54 6.64 -16.50
CA MET C 405 -15.28 5.30 -15.99
C MET C 405 -13.79 4.99 -15.81
N THR C 406 -12.90 5.85 -16.29
CA THR C 406 -11.48 5.65 -16.01
C THR C 406 -11.05 6.27 -14.71
N THR C 407 -11.70 7.35 -14.28
CA THR C 407 -11.23 8.09 -13.11
C THR C 407 -12.24 8.19 -11.97
N GLN C 408 -13.50 7.81 -12.16
CA GLN C 408 -14.49 7.97 -11.09
C GLN C 408 -14.49 6.78 -10.13
N THR C 409 -13.87 5.66 -10.51
CA THR C 409 -13.91 4.39 -9.76
C THR C 409 -15.29 4.15 -9.15
N VAL C 410 -16.26 4.00 -10.05
CA VAL C 410 -17.67 3.80 -9.68
C VAL C 410 -17.83 2.47 -8.95
N ALA C 411 -18.06 2.53 -7.65
CA ALA C 411 -18.22 1.32 -6.85
C ALA C 411 -18.83 1.70 -5.51
N LEU C 412 -19.32 0.70 -4.80
CA LEU C 412 -19.77 0.90 -3.43
C LEU C 412 -18.59 1.20 -2.52
N SER C 413 -18.86 1.98 -1.47
CA SER C 413 -17.82 2.38 -0.54
C SER C 413 -18.36 2.28 0.88
N GLY C 414 -17.44 2.15 1.84
CA GLY C 414 -17.84 2.15 3.23
C GLY C 414 -18.34 3.51 3.66
N LYS C 415 -17.42 4.45 3.85
CA LYS C 415 -17.74 5.87 4.01
C LYS C 415 -16.72 6.71 3.25
N LYS C 416 -16.39 6.29 2.02
CA LYS C 416 -15.32 6.79 1.17
C LYS C 416 -13.96 6.39 1.75
N PHE C 417 -13.92 5.62 2.84
CA PHE C 417 -12.66 5.10 3.34
C PHE C 417 -12.06 4.09 2.37
N TYR C 418 -12.91 3.34 1.67
CA TYR C 418 -12.46 2.33 0.72
C TYR C 418 -13.60 2.05 -0.25
N PHE C 419 -13.25 1.84 -1.51
CA PHE C 419 -14.23 1.57 -2.57
C PHE C 419 -14.20 0.08 -2.89
N LEU C 420 -15.38 -0.55 -2.81
CA LEU C 420 -15.48 -2.00 -2.96
C LEU C 420 -15.17 -2.38 -4.41
N THR C 421 -13.95 -2.87 -4.62
CA THR C 421 -13.47 -3.25 -5.95
C THR C 421 -12.72 -4.57 -5.83
N ARG C 422 -12.44 -5.18 -6.99
CA ARG C 422 -11.60 -6.38 -7.00
C ARG C 422 -10.21 -6.05 -6.47
N ARG C 423 -9.70 -4.86 -6.76
CA ARG C 423 -8.46 -4.40 -6.14
C ARG C 423 -8.61 -4.34 -4.63
N LEU C 424 -9.73 -3.82 -4.14
CA LEU C 424 -9.97 -3.80 -2.70
C LEU C 424 -10.14 -5.22 -2.15
N LEU C 425 -10.74 -6.12 -2.93
CA LEU C 425 -10.85 -7.50 -2.46
C LEU C 425 -9.48 -8.15 -2.31
N PHE C 426 -8.58 -7.93 -3.26
CA PHE C 426 -7.23 -8.47 -3.14
C PHE C 426 -6.47 -7.81 -1.98
N GLY C 427 -6.66 -6.50 -1.81
CA GLY C 427 -6.05 -5.83 -0.67
C GLY C 427 -6.57 -6.36 0.65
N MET C 428 -7.86 -6.66 0.72
CA MET C 428 -8.44 -7.27 1.91
C MET C 428 -7.87 -8.67 2.14
N ALA C 429 -7.70 -9.43 1.06
CA ALA C 429 -7.11 -10.76 1.20
C ALA C 429 -5.69 -10.67 1.76
N GLY C 430 -4.88 -9.75 1.23
CA GLY C 430 -3.54 -9.57 1.74
C GLY C 430 -3.52 -9.07 3.17
N THR C 431 -4.43 -8.14 3.50
CA THR C 431 -4.50 -7.62 4.86
C THR C 431 -4.90 -8.71 5.84
N ILE C 432 -5.85 -9.58 5.45
CA ILE C 432 -6.25 -10.69 6.30
C ILE C 432 -5.11 -11.68 6.43
N VAL C 433 -4.33 -11.88 5.37
CA VAL C 433 -3.19 -12.78 5.45
C VAL C 433 -2.16 -12.26 6.45
N THR C 434 -1.87 -10.96 6.39
CA THR C 434 -0.92 -10.38 7.33
C THR C 434 -1.46 -10.40 8.76
N TYR C 435 -2.76 -10.11 8.92
CA TYR C 435 -3.37 -10.17 10.23
C TYR C 435 -3.29 -11.57 10.81
N GLU C 436 -3.50 -12.59 9.98
CA GLU C 436 -3.33 -13.97 10.45
C GLU C 436 -1.87 -14.24 10.78
N LEU C 437 -0.94 -13.76 9.94
CA LEU C 437 0.48 -14.00 10.20
C LEU C 437 0.92 -13.39 11.52
N VAL C 438 0.22 -12.37 12.00
CA VAL C 438 0.55 -11.87 13.33
C VAL C 438 -0.35 -12.51 14.40
N LEU C 439 -1.52 -13.04 14.02
CA LEU C 439 -2.45 -13.55 15.03
C LEU C 439 -2.13 -14.98 15.44
N LEU C 440 -1.73 -15.85 14.50
CA LEU C 440 -1.24 -17.16 14.95
C LEU C 440 0.04 -17.05 15.76
N GLN C 441 0.71 -15.89 15.75
CA GLN C 441 1.70 -15.60 16.77
C GLN C 441 1.07 -15.02 18.03
N PHE C 442 -0.04 -14.31 17.89
CA PHE C 442 -0.77 -13.82 19.07
C PHE C 442 -1.28 -15.00 19.91
N ASP C 443 -1.91 -15.97 19.26
CA ASP C 443 -2.51 -17.10 19.97
C ASP C 443 -1.70 -18.39 19.79
N GLU C 444 -0.41 -18.27 19.53
CA GLU C 444 0.44 -19.46 19.39
C GLU C 444 0.47 -20.32 20.65
N PRO C 445 0.71 -19.78 21.86
CA PRO C 445 0.76 -20.66 23.03
C PRO C 445 -0.59 -21.24 23.43
N ASN C 446 -1.70 -20.64 22.99
CA ASN C 446 -3.01 -21.15 23.37
C ASN C 446 -3.34 -22.44 22.64
N ARG C 447 -3.01 -22.52 21.35
CA ARG C 447 -3.26 -23.74 20.59
C ARG C 447 -2.07 -24.68 20.69
N LEU D 56 -18.06 40.34 11.01
CA LEU D 56 -18.17 39.82 9.66
C LEU D 56 -17.72 38.36 9.61
N ASP D 57 -18.30 37.59 8.70
CA ASP D 57 -17.98 36.16 8.56
C ASP D 57 -16.61 36.03 7.91
N LEU D 58 -15.57 36.17 8.72
CA LEU D 58 -14.20 36.00 8.28
C LEU D 58 -13.52 34.92 9.11
N PHE D 59 -12.47 34.35 8.54
CA PHE D 59 -11.68 33.38 9.30
C PHE D 59 -11.01 34.04 10.50
N HIS D 60 -10.44 35.23 10.29
CA HIS D 60 -9.72 35.91 11.37
C HIS D 60 -10.66 36.28 12.51
N ARG D 61 -11.85 36.78 12.19
CA ARG D 61 -12.84 37.08 13.22
C ARG D 61 -13.39 35.82 13.87
N ALA D 62 -13.20 34.66 13.25
CA ALA D 62 -13.61 33.39 13.84
C ALA D 62 -12.51 32.72 14.65
N VAL D 63 -11.25 33.15 14.50
CA VAL D 63 -10.16 32.57 15.25
C VAL D 63 -9.70 33.47 16.38
N PHE D 64 -9.76 34.79 16.22
CA PHE D 64 -9.19 35.68 17.22
C PHE D 64 -9.85 35.54 18.60
N PRO D 65 -11.11 35.15 18.74
CA PRO D 65 -11.59 34.75 20.08
C PRO D 65 -10.82 33.58 20.65
N PHE D 66 -10.20 32.76 19.81
CA PHE D 66 -9.35 31.66 20.26
C PHE D 66 -7.87 31.93 20.10
N MET D 67 -7.48 32.76 19.11
CA MET D 67 -6.10 33.22 19.05
C MET D 67 -5.74 34.04 20.29
N PHE D 68 -6.66 34.88 20.75
CA PHE D 68 -6.42 35.65 21.96
C PHE D 68 -6.30 34.74 23.18
N LEU D 69 -7.15 33.72 23.27
CA LEU D 69 -7.06 32.78 24.38
C LEU D 69 -5.75 31.99 24.32
N ALA D 70 -5.29 31.65 23.12
CA ALA D 70 -4.00 30.97 22.98
C ALA D 70 -2.82 31.87 23.34
N GLN D 71 -2.90 33.17 22.98
CA GLN D 71 -1.86 34.11 23.38
C GLN D 71 -1.91 34.43 24.86
N CYS D 72 -3.04 34.19 25.52
CA CYS D 72 -3.09 34.29 26.97
C CYS D 72 -2.13 33.29 27.62
N VAL D 73 -2.09 32.07 27.10
CA VAL D 73 -1.10 31.09 27.53
C VAL D 73 0.10 31.19 26.61
N ALA D 74 0.15 32.28 25.83
CA ALA D 74 1.29 32.62 24.98
C ALA D 74 1.58 31.52 23.94
N ILE D 75 0.62 31.34 23.04
CA ILE D 75 0.76 30.45 21.91
C ILE D 75 0.84 31.29 20.64
N MET D 76 1.90 31.08 19.87
CA MET D 76 2.04 31.64 18.53
C MET D 76 1.94 33.15 18.63
N PRO D 77 2.98 33.80 19.15
CA PRO D 77 2.87 35.22 19.53
C PRO D 77 2.71 36.13 18.33
N LEU D 78 1.78 37.07 18.45
CA LEU D 78 1.60 38.12 17.47
C LEU D 78 1.13 39.37 18.20
N VAL D 79 1.40 40.53 17.61
CA VAL D 79 1.02 41.82 18.19
C VAL D 79 -0.22 42.33 17.48
N GLY D 80 -1.27 42.58 18.26
CA GLY D 80 -2.52 43.03 17.70
C GLY D 80 -3.50 41.95 17.32
N ILE D 81 -3.44 40.79 18.00
CA ILE D 81 -4.34 39.69 17.66
C ILE D 81 -5.78 39.99 18.05
N ARG D 82 -6.01 40.95 18.96
CA ARG D 82 -7.37 41.28 19.37
C ARG D 82 -8.08 42.18 18.37
N GLU D 83 -7.34 42.82 17.47
CA GLU D 83 -7.96 43.73 16.50
C GLU D 83 -8.81 42.94 15.51
N SER D 84 -9.86 43.59 15.04
CA SER D 84 -10.78 43.01 14.07
C SER D 84 -10.28 43.11 12.63
N ASN D 85 -9.17 43.79 12.41
CA ASN D 85 -8.59 43.92 11.07
C ASN D 85 -7.37 43.03 10.95
N PRO D 86 -7.30 42.16 9.93
CA PRO D 86 -6.17 41.23 9.82
C PRO D 86 -4.89 41.84 9.28
N ARG D 87 -4.82 43.15 9.11
CA ARG D 87 -3.60 43.79 8.65
C ARG D 87 -2.80 44.46 9.75
N ARG D 88 -3.40 44.73 10.90
CA ARG D 88 -2.69 45.29 12.03
C ARG D 88 -1.95 44.24 12.85
N VAL D 89 -2.19 42.96 12.59
CA VAL D 89 -1.50 41.89 13.32
C VAL D 89 -0.10 41.72 12.73
N ARG D 90 0.91 41.79 13.60
CA ARG D 90 2.30 41.77 13.16
C ARG D 90 3.10 40.82 14.05
N PHE D 91 4.35 40.60 13.65
CA PHE D 91 5.33 39.88 14.46
C PHE D 91 6.47 40.82 14.78
N ALA D 92 6.31 41.59 15.86
CA ALA D 92 7.26 42.62 16.24
C ALA D 92 7.77 42.28 17.64
N TYR D 93 9.08 42.46 17.86
CA TYR D 93 9.70 42.05 19.11
C TYR D 93 9.54 43.10 20.20
N LYS D 94 8.99 44.27 19.86
CA LYS D 94 8.91 45.41 20.77
C LYS D 94 7.47 45.58 21.25
N SER D 95 7.03 44.71 22.16
CA SER D 95 5.72 44.82 22.81
C SER D 95 5.64 43.77 23.91
N ILE D 96 4.42 43.52 24.39
CA ILE D 96 4.21 42.52 25.43
C ILE D 96 4.26 41.08 24.92
N PRO D 97 3.73 40.72 23.72
CA PRO D 97 3.46 39.30 23.42
C PRO D 97 4.69 38.42 23.20
N MET D 98 5.72 38.88 22.51
CA MET D 98 6.90 38.03 22.39
C MET D 98 7.59 37.89 23.76
N PHE D 99 7.49 38.91 24.61
CA PHE D 99 8.03 38.77 25.95
C PHE D 99 7.28 37.72 26.75
N VAL D 100 5.94 37.72 26.67
CA VAL D 100 5.20 36.73 27.45
C VAL D 100 5.41 35.33 26.89
N THR D 101 5.52 35.20 25.56
CA THR D 101 5.79 33.88 25.01
C THR D 101 7.21 33.43 25.29
N LEU D 102 8.15 34.37 25.43
CA LEU D 102 9.51 34.01 25.79
C LEU D 102 9.60 33.55 27.24
N ILE D 103 8.90 34.24 28.15
CA ILE D 103 8.87 33.79 29.53
C ILE D 103 8.20 32.43 29.63
N PHE D 104 7.09 32.25 28.91
CA PHE D 104 6.40 30.97 28.90
C PHE D 104 7.25 29.89 28.24
N MET D 105 8.07 30.26 27.26
CA MET D 105 8.93 29.32 26.56
C MET D 105 10.09 28.88 27.43
N ILE D 106 10.69 29.81 28.18
CA ILE D 106 11.71 29.41 29.15
C ILE D 106 11.11 28.58 30.27
N ALA D 107 9.86 28.88 30.66
CA ALA D 107 9.19 28.04 31.65
C ALA D 107 9.03 26.61 31.13
N THR D 108 8.50 26.47 29.91
CA THR D 108 8.36 25.15 29.31
C THR D 108 9.71 24.49 29.08
N SER D 109 10.75 25.29 28.81
CA SER D 109 12.08 24.74 28.57
C SER D 109 12.71 24.25 29.87
N ILE D 110 12.51 24.96 30.97
CA ILE D 110 12.95 24.44 32.27
C ILE D 110 12.19 23.18 32.63
N LEU D 111 10.89 23.14 32.32
CA LEU D 111 10.13 21.90 32.51
C LEU D 111 10.74 20.76 31.71
N PHE D 112 10.98 20.98 30.42
CA PHE D 112 11.49 19.95 29.54
C PHE D 112 12.87 19.50 29.97
N LEU D 113 13.74 20.45 30.33
CA LEU D 113 15.10 20.09 30.73
C LEU D 113 15.12 19.38 32.08
N SER D 114 14.30 19.84 33.03
CA SER D 114 14.23 19.19 34.34
C SER D 114 13.72 17.76 34.21
N MET D 115 12.66 17.55 33.44
CA MET D 115 12.18 16.19 33.24
C MET D 115 13.14 15.37 32.38
N PHE D 116 13.87 16.03 31.49
CA PHE D 116 14.89 15.35 30.68
C PHE D 116 15.98 14.78 31.58
N THR D 117 16.50 15.60 32.49
CA THR D 117 17.50 15.12 33.44
C THR D 117 16.90 14.10 34.41
N HIS D 118 15.65 14.31 34.83
CA HIS D 118 15.02 13.39 35.77
C HIS D 118 14.83 12.00 35.16
N LEU D 119 14.42 11.94 33.89
CA LEU D 119 14.22 10.68 33.20
C LEU D 119 15.51 10.10 32.64
N LEU D 120 16.59 10.88 32.56
CA LEU D 120 17.91 10.28 32.38
C LEU D 120 18.40 9.67 33.69
N LYS D 121 18.07 10.31 34.82
CA LYS D 121 18.42 9.76 36.12
C LYS D 121 17.64 8.49 36.41
N ILE D 122 16.39 8.42 35.93
CA ILE D 122 15.55 7.26 36.17
C ILE D 122 15.54 6.28 34.99
N GLY D 123 15.93 6.71 33.80
CA GLY D 123 15.96 5.83 32.64
C GLY D 123 14.83 6.09 31.67
N ILE D 124 15.17 6.40 30.42
CA ILE D 124 14.16 6.67 29.40
C ILE D 124 13.66 5.34 28.85
N THR D 125 12.37 5.09 29.01
CA THR D 125 11.70 3.93 28.46
C THR D 125 10.56 4.39 27.55
N ALA D 126 9.91 3.42 26.91
CA ALA D 126 8.71 3.73 26.12
C ALA D 126 7.60 4.29 26.99
N LYS D 127 7.55 3.88 28.26
CA LYS D 127 6.57 4.43 29.18
C LYS D 127 6.97 5.81 29.70
N ASN D 128 8.26 6.07 29.83
CA ASN D 128 8.73 7.38 30.28
C ASN D 128 8.97 8.36 29.14
N PHE D 129 9.07 7.88 27.90
CA PHE D 129 9.24 8.80 26.77
C PHE D 129 8.02 9.66 26.53
N VAL D 130 6.88 9.35 27.13
CA VAL D 130 5.67 10.13 26.91
C VAL D 130 5.89 11.58 27.34
N GLY D 131 6.55 11.78 28.49
CA GLY D 131 6.84 13.14 28.92
C GLY D 131 7.80 13.84 27.97
N LEU D 132 8.81 13.12 27.47
CA LEU D 132 9.71 13.71 26.49
C LEU D 132 8.95 14.20 25.27
N VAL D 133 8.12 13.34 24.69
CA VAL D 133 7.37 13.75 23.49
C VAL D 133 6.41 14.88 23.83
N PHE D 134 5.77 14.83 25.01
CA PHE D 134 4.81 15.87 25.36
C PHE D 134 5.49 17.23 25.44
N PHE D 135 6.56 17.35 26.23
CA PHE D 135 7.17 18.65 26.42
C PHE D 135 7.99 19.09 25.20
N GLY D 136 8.69 18.16 24.55
CA GLY D 136 9.37 18.49 23.32
C GLY D 136 8.40 18.91 22.22
N CYS D 137 7.21 18.32 22.20
CA CYS D 137 6.20 18.70 21.23
C CYS D 137 5.57 20.03 21.58
N VAL D 138 5.44 20.34 22.87
CA VAL D 138 4.98 21.67 23.26
C VAL D 138 5.98 22.73 22.84
N LEU D 139 7.28 22.48 23.08
CA LEU D 139 8.30 23.43 22.66
C LEU D 139 8.41 23.52 21.14
N SER D 140 8.28 22.39 20.45
CA SER D 140 8.29 22.42 19.00
C SER D 140 7.06 23.11 18.43
N ALA D 141 5.92 22.97 19.10
CA ALA D 141 4.74 23.74 18.71
C ALA D 141 4.98 25.22 18.91
N TYR D 142 5.64 25.59 20.02
CA TYR D 142 6.04 26.98 20.21
C TYR D 142 6.92 27.47 19.07
N VAL D 143 7.90 26.66 18.67
CA VAL D 143 8.86 27.08 17.65
C VAL D 143 8.17 27.21 16.29
N VAL D 144 7.43 26.17 15.88
CA VAL D 144 6.74 26.22 14.60
C VAL D 144 5.59 27.20 14.61
N PHE D 145 5.07 27.56 15.79
CA PHE D 145 4.09 28.63 15.88
C PHE D 145 4.74 30.00 15.75
N ILE D 146 5.96 30.16 16.26
CA ILE D 146 6.73 31.37 15.98
C ILE D 146 6.99 31.50 14.49
N ARG D 147 7.39 30.40 13.86
CA ARG D 147 7.60 30.41 12.41
C ARG D 147 6.30 30.68 11.66
N LEU D 148 5.19 30.11 12.16
CA LEU D 148 3.88 30.38 11.58
C LEU D 148 3.53 31.86 11.70
N ALA D 149 3.83 32.47 12.85
CA ALA D 149 3.56 33.88 13.06
C ALA D 149 4.49 34.77 12.24
N LYS D 150 5.66 34.25 11.83
CA LYS D 150 6.53 35.02 10.94
C LYS D 150 5.85 35.28 9.60
N LYS D 151 4.93 34.42 9.19
CA LYS D 151 4.19 34.59 7.95
C LYS D 151 2.69 34.81 8.16
N TRP D 152 2.22 34.74 9.40
CA TRP D 152 0.82 34.90 9.74
C TRP D 152 0.30 36.28 9.34
N PRO D 153 1.11 37.34 9.44
CA PRO D 153 0.73 38.57 8.71
C PRO D 153 0.37 38.24 7.28
N ALA D 154 1.30 37.65 6.54
CA ALA D 154 1.06 37.31 5.14
C ALA D 154 0.00 36.23 5.00
N VAL D 155 -0.04 35.28 5.94
CA VAL D 155 -0.99 34.17 5.83
C VAL D 155 -2.42 34.68 5.96
N VAL D 156 -2.70 35.50 6.98
CA VAL D 156 -4.03 36.06 7.11
C VAL D 156 -4.29 37.10 6.03
N ARG D 157 -3.25 37.76 5.53
CA ARG D 157 -3.45 38.68 4.42
C ARG D 157 -3.99 37.95 3.20
N ILE D 158 -3.34 36.85 2.81
CA ILE D 158 -3.80 36.10 1.65
C ILE D 158 -5.13 35.41 1.95
N TRP D 159 -5.33 34.94 3.19
CA TRP D 159 -6.58 34.29 3.56
C TRP D 159 -7.75 35.26 3.42
N THR D 160 -7.63 36.45 4.00
CA THR D 160 -8.67 37.46 3.88
C THR D 160 -8.85 37.90 2.43
N ARG D 161 -7.74 38.06 1.70
CA ARG D 161 -7.81 38.53 0.32
C ARG D 161 -8.57 37.56 -0.56
N THR D 162 -8.35 36.26 -0.37
CA THR D 162 -9.08 35.26 -1.15
C THR D 162 -10.43 34.90 -0.56
N GLU D 163 -10.73 35.29 0.68
CA GLU D 163 -12.03 35.01 1.28
C GLU D 163 -12.98 36.20 1.19
N ILE D 164 -12.53 37.35 0.68
CA ILE D 164 -13.47 38.44 0.40
C ILE D 164 -14.52 38.04 -0.64
N PRO D 165 -14.17 37.44 -1.78
CA PRO D 165 -15.22 37.05 -2.75
C PRO D 165 -16.17 35.99 -2.22
N PHE D 166 -15.84 35.31 -1.12
CA PHE D 166 -16.70 34.29 -0.54
C PHE D 166 -17.75 34.87 0.39
N THR D 167 -17.73 36.17 0.63
CA THR D 167 -18.78 36.87 1.36
C THR D 167 -19.64 37.70 0.42
N LYS D 168 -19.87 37.21 -0.78
CA LYS D 168 -20.52 37.93 -1.86
C LYS D 168 -21.89 37.32 -2.18
N PRO D 169 -22.75 38.05 -2.88
CA PRO D 169 -24.08 37.53 -3.23
C PRO D 169 -24.03 36.20 -3.97
N PRO D 170 -23.04 35.96 -4.85
CA PRO D 170 -22.98 34.63 -5.48
C PRO D 170 -22.86 33.48 -4.49
N TYR D 171 -22.34 33.73 -3.29
CA TYR D 171 -22.24 32.72 -2.25
C TYR D 171 -23.24 33.03 -1.13
N GLU D 172 -23.31 32.13 -0.15
CA GLU D 172 -24.28 32.27 0.91
C GLU D 172 -23.81 31.52 2.15
N ILE D 173 -24.45 31.81 3.28
CA ILE D 173 -24.18 31.17 4.55
C ILE D 173 -25.33 30.22 4.86
N PRO D 174 -25.14 28.90 4.72
CA PRO D 174 -26.30 27.99 4.78
C PRO D 174 -27.01 27.94 6.13
N LYS D 175 -26.36 27.41 7.16
CA LYS D 175 -26.96 27.38 8.49
C LYS D 175 -26.01 27.94 9.55
N ARG D 176 -24.78 27.43 9.57
CA ARG D 176 -23.78 27.80 10.55
C ARG D 176 -22.68 28.60 9.86
N ASN D 177 -22.58 29.89 10.18
CA ASN D 177 -21.54 30.71 9.62
C ASN D 177 -20.18 30.27 10.13
N LEU D 178 -19.12 30.72 9.45
CA LEU D 178 -17.76 30.37 9.85
C LEU D 178 -17.52 30.74 11.30
N SER D 179 -18.11 31.83 11.77
CA SER D 179 -18.02 32.21 13.19
C SER D 179 -18.52 31.07 14.06
N ARG D 180 -19.80 30.72 13.95
CA ARG D 180 -20.37 29.68 14.80
C ARG D 180 -19.83 28.30 14.46
N ARG D 181 -19.56 28.03 13.19
CA ARG D 181 -19.01 26.72 12.82
C ARG D 181 -17.65 26.49 13.46
N VAL D 182 -16.80 27.52 13.49
CA VAL D 182 -15.54 27.42 14.20
C VAL D 182 -15.76 27.38 15.71
N GLN D 183 -16.68 28.22 16.20
CA GLN D 183 -16.86 28.38 17.65
C GLN D 183 -17.36 27.10 18.30
N LEU D 184 -18.33 26.43 17.67
CA LEU D 184 -18.89 25.22 18.26
C LEU D 184 -17.83 24.14 18.41
N ALA D 185 -17.10 23.86 17.33
CA ALA D 185 -16.08 22.81 17.37
C ALA D 185 -14.92 23.21 18.27
N ALA D 186 -14.53 24.49 18.26
CA ALA D 186 -13.42 24.92 19.09
C ALA D 186 -13.78 24.90 20.57
N LEU D 187 -15.00 25.32 20.91
CA LEU D 187 -15.47 25.23 22.29
C LEU D 187 -15.67 23.78 22.71
N ALA D 188 -16.06 22.91 21.79
CA ALA D 188 -16.15 21.49 22.11
C ALA D 188 -14.78 20.93 22.42
N ILE D 189 -13.77 21.26 21.60
CA ILE D 189 -12.42 20.78 21.86
C ILE D 189 -11.87 21.36 23.14
N ILE D 190 -12.15 22.64 23.43
CA ILE D 190 -11.72 23.23 24.69
C ILE D 190 -12.45 22.58 25.85
N GLY D 191 -13.71 22.23 25.66
CA GLY D 191 -14.47 21.55 26.71
C GLY D 191 -13.94 20.16 27.00
N LEU D 192 -13.65 19.38 25.96
CA LEU D 192 -13.07 18.06 26.20
C LEU D 192 -11.61 18.15 26.63
N SER D 193 -10.90 19.23 26.29
CA SER D 193 -9.56 19.41 26.82
C SER D 193 -9.60 19.74 28.30
N LEU D 194 -10.47 20.68 28.69
CA LEU D 194 -10.69 20.95 30.10
C LEU D 194 -11.20 19.72 30.82
N GLY D 195 -12.01 18.90 30.16
CA GLY D 195 -12.45 17.65 30.77
C GLY D 195 -11.31 16.65 30.93
N GLU D 196 -10.47 16.50 29.91
CA GLU D 196 -9.36 15.57 29.99
C GLU D 196 -8.41 15.97 31.12
N HIS D 197 -8.02 17.24 31.16
CA HIS D 197 -7.18 17.71 32.25
C HIS D 197 -7.93 17.70 33.57
N ALA D 198 -9.24 17.90 33.54
CA ALA D 198 -10.05 17.89 34.73
C ALA D 198 -10.01 16.54 35.41
N LEU D 199 -10.39 15.48 34.68
CA LEU D 199 -10.28 14.14 35.27
C LEU D 199 -8.85 13.66 35.35
N TYR D 200 -7.88 14.31 34.70
CA TYR D 200 -6.49 13.96 34.98
C TYR D 200 -6.14 14.35 36.41
N GLN D 201 -6.43 15.60 36.79
CA GLN D 201 -6.28 15.98 38.19
C GLN D 201 -7.22 15.21 39.09
N VAL D 202 -8.45 14.93 38.64
CA VAL D 202 -9.38 14.17 39.48
C VAL D 202 -8.78 12.81 39.82
N SER D 203 -8.34 12.07 38.81
CA SER D 203 -7.67 10.80 39.04
C SER D 203 -6.45 10.97 39.93
N ALA D 204 -5.62 11.98 39.63
CA ALA D 204 -4.39 12.18 40.40
C ALA D 204 -4.69 12.36 41.88
N ILE D 205 -5.48 13.38 42.22
CA ILE D 205 -5.69 13.71 43.63
C ILE D 205 -6.49 12.64 44.34
N LEU D 206 -7.58 12.12 43.73
CA LEU D 206 -8.26 11.05 44.46
C LEU D 206 -7.36 9.83 44.64
N SER D 207 -6.90 9.21 43.53
CA SER D 207 -6.06 8.03 43.67
C SER D 207 -4.93 8.27 44.69
N TYR D 208 -4.39 9.48 44.72
CA TYR D 208 -3.29 9.81 45.63
C TYR D 208 -3.75 9.93 47.09
N THR D 209 -4.93 10.50 47.35
CA THR D 209 -5.41 10.64 48.74
C THR D 209 -6.08 9.36 49.22
N ARG D 210 -6.98 8.79 48.41
CA ARG D 210 -7.49 7.46 48.67
C ARG D 210 -6.39 6.38 48.59
N ARG D 211 -5.17 6.77 48.23
CA ARG D 211 -3.95 6.01 48.49
C ARG D 211 -3.29 6.44 49.80
N ILE D 212 -3.44 7.70 50.20
CA ILE D 212 -2.92 8.15 51.49
C ILE D 212 -3.68 7.46 52.62
N GLN D 213 -4.99 7.26 52.44
CA GLN D 213 -5.81 6.65 53.48
C GLN D 213 -5.47 5.18 53.69
N MET D 214 -4.65 4.60 52.81
CA MET D 214 -4.14 3.24 52.98
C MET D 214 -2.62 3.27 52.86
N CYS D 215 -1.95 2.96 53.96
CA CYS D 215 -0.50 3.04 54.05
C CYS D 215 0.03 4.41 53.63
N ALA D 216 1.30 4.46 53.20
CA ALA D 216 1.94 5.68 52.71
C ALA D 216 1.86 6.82 53.73
N ASN D 217 2.03 6.49 55.00
CA ASN D 217 2.08 7.46 56.10
C ASN D 217 0.78 8.29 56.10
N ILE D 218 -0.28 7.61 56.53
CA ILE D 218 -1.63 8.18 56.50
C ILE D 218 -1.68 9.55 57.17
N THR D 219 -0.72 9.83 58.05
CA THR D 219 -0.72 11.11 58.75
C THR D 219 -0.48 12.30 57.83
N THR D 220 0.04 12.05 56.62
CA THR D 220 0.21 13.11 55.63
C THR D 220 -1.16 13.61 55.20
N VAL D 221 -1.50 14.84 55.57
CA VAL D 221 -2.80 15.38 55.19
C VAL D 221 -2.78 15.71 53.70
N PRO D 222 -3.72 15.20 52.91
CA PRO D 222 -3.80 15.60 51.49
C PRO D 222 -3.88 17.11 51.35
N SER D 223 -2.90 17.68 50.66
CA SER D 223 -2.83 19.13 50.49
C SER D 223 -2.34 19.47 49.09
N PHE D 224 -2.34 20.77 48.80
CA PHE D 224 -1.88 21.24 47.49
C PHE D 224 -0.38 21.03 47.34
N ASN D 225 0.40 21.42 48.36
CA ASN D 225 1.85 21.29 48.29
C ASN D 225 2.27 19.83 48.24
N ASN D 226 1.56 18.97 48.98
CA ASN D 226 1.84 17.55 48.92
C ASN D 226 1.54 16.98 47.53
N TYR D 227 0.45 17.40 46.90
CA TYR D 227 0.17 16.98 45.54
C TYR D 227 1.26 17.46 44.58
N MET D 228 1.80 18.66 44.83
CA MET D 228 2.94 19.14 44.05
C MET D 228 4.15 18.24 44.24
N GLN D 229 4.49 17.91 45.48
CA GLN D 229 5.74 17.20 45.75
C GLN D 229 5.64 15.70 45.55
N THR D 230 4.44 15.17 45.28
CA THR D 230 4.30 13.75 45.01
C THR D 230 3.87 13.45 43.58
N ASN D 231 2.72 13.97 43.15
CA ASN D 231 2.21 13.67 41.81
C ASN D 231 2.82 14.54 40.72
N TYR D 232 3.48 15.64 41.07
CA TYR D 232 4.12 16.51 40.08
C TYR D 232 5.61 16.48 40.36
N ASP D 233 6.27 15.44 39.86
CA ASP D 233 7.70 15.25 40.02
C ASP D 233 8.43 15.98 38.88
N TYR D 234 9.70 15.62 38.66
CA TYR D 234 10.52 16.15 37.57
C TYR D 234 10.57 17.67 37.58
N VAL D 235 10.22 18.28 38.70
CA VAL D 235 10.30 19.73 38.84
C VAL D 235 11.07 20.18 40.08
N PHE D 236 11.20 19.34 41.11
CA PHE D 236 11.88 19.74 42.34
C PHE D 236 13.32 19.27 42.42
N GLN D 237 13.77 18.41 41.50
CA GLN D 237 15.18 18.07 41.44
C GLN D 237 16.01 19.18 40.80
N LEU D 238 15.36 20.14 40.15
CA LEU D 238 16.03 21.29 39.56
C LEU D 238 15.56 22.60 40.18
N LEU D 239 14.25 22.77 40.37
CA LEU D 239 13.72 23.99 40.97
C LEU D 239 13.42 23.78 42.45
N PRO D 240 13.59 24.81 43.26
CA PRO D 240 13.26 24.67 44.69
C PRO D 240 11.76 24.55 44.91
N TYR D 241 11.41 23.90 46.02
CA TYR D 241 10.01 23.71 46.37
C TYR D 241 9.44 24.99 46.98
N SER D 242 8.33 25.46 46.41
CA SER D 242 7.68 26.67 46.90
C SER D 242 6.25 26.77 46.39
N PRO D 243 5.31 27.20 47.23
CA PRO D 243 3.95 27.45 46.73
C PRO D 243 3.88 28.29 45.48
N ILE D 244 4.71 29.34 45.37
CA ILE D 244 4.65 30.21 44.21
C ILE D 244 5.13 29.48 42.96
N ILE D 245 6.28 28.80 43.05
CA ILE D 245 6.73 28.02 41.91
C ILE D 245 5.73 26.91 41.61
N ALA D 246 5.00 26.44 42.63
CA ALA D 246 4.01 25.40 42.41
C ALA D 246 2.80 25.89 41.62
N VAL D 247 2.30 27.09 41.96
CA VAL D 247 1.15 27.60 41.21
C VAL D 247 1.59 28.01 39.79
N LEU D 248 2.78 28.58 39.66
CA LEU D 248 3.31 28.81 38.32
C LEU D 248 3.51 27.50 37.57
N ILE D 249 3.80 26.40 38.28
CA ILE D 249 3.94 25.11 37.63
C ILE D 249 2.59 24.59 37.16
N LEU D 250 1.53 24.78 37.96
CA LEU D 250 0.18 24.47 37.49
C LEU D 250 -0.16 25.30 36.26
N LEU D 251 0.17 26.59 36.27
CA LEU D 251 -0.16 27.44 35.14
C LEU D 251 0.61 27.00 33.89
N ILE D 252 1.90 26.70 34.03
CA ILE D 252 2.69 26.23 32.89
C ILE D 252 2.23 24.86 32.41
N ASN D 253 1.77 23.99 33.31
CA ASN D 253 1.32 22.67 32.87
C ASN D 253 -0.04 22.76 32.17
N GLY D 254 -0.96 23.57 32.70
CA GLY D 254 -2.20 23.81 31.99
C GLY D 254 -1.97 24.47 30.65
N ALA D 255 -1.03 25.41 30.59
CA ALA D 255 -0.68 26.03 29.32
C ALA D 255 -0.09 25.02 28.35
N CYS D 256 0.74 24.09 28.85
CA CYS D 256 1.35 23.09 27.99
C CYS D 256 0.31 22.11 27.45
N THR D 257 -0.63 21.70 28.30
CA THR D 257 -1.76 20.90 27.83
C THR D 257 -2.57 21.67 26.80
N PHE D 258 -2.71 22.98 27.01
CA PHE D 258 -3.39 23.81 26.02
C PHE D 258 -2.62 23.85 24.71
N VAL D 259 -1.28 23.88 24.77
CA VAL D 259 -0.48 23.77 23.55
C VAL D 259 -0.75 22.44 22.85
N TRP D 260 -0.69 21.36 23.62
CA TRP D 260 -0.84 20.02 23.06
C TRP D 260 -2.19 19.84 22.38
N ASN D 261 -3.25 20.38 22.97
CA ASN D 261 -4.58 20.22 22.39
C ASN D 261 -4.87 21.29 21.35
N TYR D 262 -4.36 22.52 21.54
CA TYR D 262 -4.55 23.60 20.59
C TYR D 262 -3.78 23.37 19.31
N MET D 263 -2.79 22.48 19.31
CA MET D 263 -2.19 22.05 18.05
C MET D 263 -3.28 21.50 17.11
N ASP D 264 -3.94 20.41 17.53
CA ASP D 264 -5.02 19.85 16.74
C ASP D 264 -6.18 20.83 16.61
N LEU D 265 -6.44 21.62 17.65
CA LEU D 265 -7.55 22.55 17.63
C LEU D 265 -7.35 23.62 16.56
N PHE D 266 -6.14 24.16 16.46
CA PHE D 266 -5.79 25.11 15.41
C PHE D 266 -5.81 24.47 14.03
N ILE D 267 -5.31 23.23 13.92
CA ILE D 267 -5.35 22.56 12.63
C ILE D 267 -6.79 22.37 12.18
N MET D 268 -7.69 22.04 13.10
CA MET D 268 -9.09 21.92 12.73
C MET D 268 -9.70 23.28 12.43
N MET D 269 -9.23 24.34 13.10
CA MET D 269 -9.68 25.68 12.75
C MET D 269 -9.33 26.01 11.30
N ILE D 270 -8.10 25.71 10.90
CA ILE D 270 -7.67 25.92 9.52
C ILE D 270 -8.50 25.07 8.57
N SER D 271 -8.71 23.80 8.93
CA SER D 271 -9.46 22.89 8.07
C SER D 271 -10.90 23.36 7.91
N LYS D 272 -11.51 23.84 8.99
CA LYS D 272 -12.87 24.37 8.91
C LYS D 272 -12.90 25.65 8.09
N GLY D 273 -11.89 26.51 8.23
CA GLY D 273 -11.86 27.72 7.42
C GLY D 273 -11.78 27.45 5.94
N LEU D 274 -10.97 26.44 5.56
CA LEU D 274 -10.87 26.10 4.14
C LEU D 274 -12.12 25.35 3.67
N SER D 275 -12.62 24.42 4.47
CA SER D 275 -13.79 23.64 4.10
C SER D 275 -15.04 24.50 4.04
N TYR D 276 -15.09 25.60 4.79
CA TYR D 276 -16.21 26.52 4.70
C TYR D 276 -16.31 27.11 3.29
N ARG D 277 -15.21 27.64 2.78
CA ARG D 277 -15.22 28.19 1.43
C ARG D 277 -15.40 27.12 0.37
N PHE D 278 -14.83 25.93 0.59
CA PHE D 278 -15.03 24.85 -0.38
C PHE D 278 -16.48 24.38 -0.39
N GLU D 279 -17.14 24.37 0.77
CA GLU D 279 -18.56 24.08 0.83
C GLU D 279 -19.37 25.16 0.14
N GLN D 280 -18.94 26.42 0.26
CA GLN D 280 -19.60 27.49 -0.49
C GLN D 280 -19.49 27.27 -1.99
N ILE D 281 -18.30 26.87 -2.45
CA ILE D 281 -18.12 26.60 -3.88
C ILE D 281 -18.99 25.43 -4.31
N THR D 282 -19.03 24.36 -3.51
CA THR D 282 -19.85 23.20 -3.86
C THR D 282 -21.33 23.54 -3.85
N THR D 283 -21.77 24.38 -2.91
CA THR D 283 -23.16 24.81 -2.88
C THR D 283 -23.50 25.67 -4.08
N ARG D 284 -22.58 26.53 -4.51
CA ARG D 284 -22.81 27.30 -5.72
C ARG D 284 -22.91 26.38 -6.93
N ILE D 285 -22.08 25.33 -6.96
CA ILE D 285 -22.13 24.38 -8.07
C ILE D 285 -23.44 23.60 -8.06
N ARG D 286 -23.94 23.26 -6.86
CA ARG D 286 -25.19 22.53 -6.76
C ARG D 286 -26.40 23.41 -7.07
N LYS D 287 -26.29 24.72 -6.83
CA LYS D 287 -27.37 25.65 -7.14
C LYS D 287 -27.62 25.79 -8.63
N LEU D 288 -26.64 25.43 -9.47
CA LEU D 288 -26.80 25.55 -10.92
C LEU D 288 -26.86 24.14 -11.52
N GLU D 289 -27.49 23.23 -10.77
CA GLU D 289 -27.50 21.81 -11.13
C GLU D 289 -28.24 21.55 -12.43
N HIS D 290 -29.54 21.85 -12.46
CA HIS D 290 -30.38 21.54 -13.61
C HIS D 290 -30.60 22.75 -14.51
N GLU D 291 -29.81 23.81 -14.35
CA GLU D 291 -29.93 25.01 -15.16
C GLU D 291 -28.78 25.09 -16.15
N GLU D 292 -29.03 25.78 -17.26
CA GLU D 292 -28.00 26.02 -18.26
C GLU D 292 -27.02 27.05 -17.71
N VAL D 293 -25.77 26.65 -17.55
CA VAL D 293 -24.75 27.49 -16.95
C VAL D 293 -23.98 28.23 -18.03
N CYS D 294 -23.81 29.54 -17.85
CA CYS D 294 -22.99 30.33 -18.75
C CYS D 294 -21.51 30.00 -18.56
N GLU D 295 -20.72 30.30 -19.59
CA GLU D 295 -19.28 30.08 -19.51
C GLU D 295 -18.64 30.98 -18.47
N SER D 296 -19.15 32.20 -18.29
CA SER D 296 -18.57 33.12 -17.32
C SER D 296 -18.70 32.59 -15.90
N VAL D 297 -19.85 32.00 -15.57
CA VAL D 297 -20.05 31.46 -14.23
C VAL D 297 -19.07 30.32 -13.97
N PHE D 298 -18.89 29.43 -14.95
CA PHE D 298 -17.93 28.34 -14.81
C PHE D 298 -16.52 28.87 -14.68
N ILE D 299 -16.18 29.92 -15.44
CA ILE D 299 -14.84 30.51 -15.35
C ILE D 299 -14.61 31.09 -13.96
N GLN D 300 -15.60 31.79 -13.42
CA GLN D 300 -15.44 32.38 -12.09
C GLN D 300 -15.38 31.31 -11.01
N ILE D 301 -16.15 30.23 -11.17
CA ILE D 301 -16.07 29.11 -10.23
C ILE D 301 -14.69 28.48 -10.29
N ARG D 302 -14.15 28.29 -11.50
CA ARG D 302 -12.81 27.72 -11.63
C ARG D 302 -11.76 28.63 -11.03
N GLU D 303 -11.92 29.95 -11.22
CA GLU D 303 -10.96 30.89 -10.67
C GLU D 303 -11.01 30.91 -9.14
N HIS D 304 -12.20 30.86 -8.56
CA HIS D 304 -12.31 30.79 -7.10
C HIS D 304 -11.76 29.46 -6.57
N TYR D 305 -11.98 28.37 -7.31
CA TYR D 305 -11.42 27.09 -6.90
C TYR D 305 -9.89 27.11 -6.97
N VAL D 306 -9.35 27.76 -8.00
CA VAL D 306 -7.89 27.90 -8.12
C VAL D 306 -7.35 28.79 -7.02
N LYS D 307 -8.10 29.84 -6.64
CA LYS D 307 -7.68 30.70 -5.55
C LYS D 307 -7.72 29.96 -4.21
N MET D 308 -8.72 29.09 -4.03
CA MET D 308 -8.76 28.29 -2.81
C MET D 308 -7.63 27.26 -2.79
N CYS D 309 -7.27 26.72 -3.96
CA CYS D 309 -6.10 25.84 -4.04
C CYS D 309 -4.83 26.60 -3.71
N GLU D 310 -4.74 27.86 -4.17
CA GLU D 310 -3.63 28.74 -3.82
C GLU D 310 -3.54 28.96 -2.33
N LEU D 311 -4.67 29.27 -1.69
CA LEU D 311 -4.69 29.49 -0.25
C LEU D 311 -4.33 28.21 0.49
N LEU D 312 -4.83 27.06 0.02
CA LEU D 312 -4.49 25.79 0.64
C LEU D 312 -3.00 25.49 0.50
N GLU D 313 -2.41 25.79 -0.67
CA GLU D 313 -0.99 25.56 -0.84
C GLU D 313 -0.15 26.49 0.03
N PHE D 314 -0.55 27.76 0.12
CA PHE D 314 0.18 28.70 0.96
C PHE D 314 0.09 28.31 2.43
N VAL D 315 -1.11 27.95 2.88
CA VAL D 315 -1.30 27.50 4.25
C VAL D 315 -0.53 26.21 4.50
N ASP D 316 -0.48 25.33 3.51
CA ASP D 316 0.28 24.10 3.66
C ASP D 316 1.77 24.39 3.78
N SER D 317 2.28 25.32 2.99
CA SER D 317 3.69 25.69 3.11
C SER D 317 3.98 26.31 4.48
N ALA D 318 3.10 27.20 4.96
CA ALA D 318 3.31 27.85 6.24
C ALA D 318 3.04 26.92 7.42
N MET D 319 2.27 25.85 7.21
CA MET D 319 1.79 24.96 8.26
C MET D 319 2.35 23.56 8.12
N SER D 320 3.34 23.34 7.25
CA SER D 320 3.90 22.01 7.09
C SER D 320 4.53 21.53 8.39
N SER D 321 5.29 22.39 9.05
CA SER D 321 5.90 22.01 10.33
C SER D 321 4.83 21.64 11.35
N LEU D 322 3.78 22.46 11.46
CA LEU D 322 2.74 22.19 12.45
C LEU D 322 1.94 20.94 12.11
N ILE D 323 1.69 20.71 10.82
CA ILE D 323 0.89 19.56 10.42
C ILE D 323 1.67 18.27 10.64
N LEU D 324 2.95 18.25 10.27
CA LEU D 324 3.79 17.11 10.59
C LEU D 324 3.88 16.90 12.10
N LEU D 325 4.05 18.00 12.85
CA LEU D 325 4.15 17.89 14.30
C LEU D 325 2.90 17.27 14.89
N SER D 326 1.72 17.77 14.50
CA SER D 326 0.48 17.25 15.04
C SER D 326 0.19 15.84 14.56
N CYS D 327 0.51 15.52 13.31
CA CYS D 327 0.28 14.18 12.81
C CYS D 327 1.16 13.16 13.53
N VAL D 328 2.46 13.45 13.66
CA VAL D 328 3.36 12.54 14.38
C VAL D 328 2.99 12.48 15.85
N ASN D 329 2.61 13.62 16.43
CA ASN D 329 2.24 13.66 17.84
C ASN D 329 0.98 12.85 18.11
N ASN D 330 -0.02 12.97 17.23
CA ASN D 330 -1.23 12.17 17.36
C ASN D 330 -0.96 10.71 17.09
N LEU D 331 -0.12 10.40 16.11
CA LEU D 331 0.28 9.00 15.89
C LEU D 331 0.88 8.42 17.16
N TYR D 332 1.81 9.16 17.77
CA TYR D 332 2.48 8.68 18.98
C TYR D 332 1.49 8.48 20.12
N PHE D 333 0.66 9.50 20.39
CA PHE D 333 -0.25 9.41 21.54
C PHE D 333 -1.36 8.39 21.31
N VAL D 334 -1.94 8.32 20.11
CA VAL D 334 -2.97 7.34 19.85
C VAL D 334 -2.40 5.92 19.89
N CYS D 335 -1.21 5.73 19.33
CA CYS D 335 -0.58 4.41 19.41
C CYS D 335 -0.18 4.06 20.83
N TYR D 336 0.12 5.07 21.66
CA TYR D 336 0.38 4.80 23.07
C TYR D 336 -0.89 4.39 23.81
N GLN D 337 -1.97 5.14 23.61
CA GLN D 337 -3.19 4.84 24.35
C GLN D 337 -3.84 3.56 23.87
N LEU D 338 -3.73 3.25 22.58
CA LEU D 338 -4.16 1.94 22.08
C LEU D 338 -3.20 0.85 22.53
N LEU D 339 -1.91 1.18 22.68
CA LEU D 339 -0.98 0.29 23.35
C LEU D 339 -1.40 0.03 24.79
N ASN D 340 -2.11 0.97 25.40
CA ASN D 340 -2.58 0.85 26.77
C ASN D 340 -4.06 0.48 26.84
N VAL D 341 -4.65 -0.01 25.75
CA VAL D 341 -6.05 -0.40 25.77
C VAL D 341 -6.24 -1.66 26.60
N PHE D 342 -5.43 -2.69 26.33
CA PHE D 342 -5.64 -4.00 26.93
C PHE D 342 -4.74 -4.17 28.15
N ASN D 343 -5.00 -3.32 29.15
CA ASN D 343 -4.35 -3.43 30.45
C ASN D 343 -5.33 -2.99 31.54
N LYS D 344 -4.85 -3.04 32.78
CA LYS D 344 -5.66 -2.67 33.92
C LYS D 344 -5.13 -1.40 34.58
N LEU D 345 -6.05 -0.62 35.15
CA LEU D 345 -5.72 0.58 35.90
C LEU D 345 -6.09 0.35 37.36
N ARG D 346 -5.86 1.36 38.19
CA ARG D 346 -5.98 1.15 39.63
C ARG D 346 -7.40 1.34 40.13
N TRP D 347 -8.02 2.49 39.87
CA TRP D 347 -9.38 2.73 40.32
C TRP D 347 -10.29 3.07 39.16
N PRO D 348 -11.62 2.93 39.34
CA PRO D 348 -12.54 3.29 38.25
C PRO D 348 -12.45 4.74 37.82
N ILE D 349 -12.03 5.64 38.70
CA ILE D 349 -11.82 7.03 38.29
C ILE D 349 -10.68 7.10 37.28
N ASN D 350 -9.60 6.36 37.52
CA ASN D 350 -8.54 6.26 36.53
C ASN D 350 -9.05 5.61 35.25
N TYR D 351 -9.96 4.64 35.38
CA TYR D 351 -10.53 4.00 34.20
C TYR D 351 -11.31 4.99 33.35
N ILE D 352 -12.20 5.77 33.96
CA ILE D 352 -13.01 6.70 33.18
C ILE D 352 -12.12 7.81 32.64
N TYR D 353 -11.12 8.25 33.41
CA TYR D 353 -10.20 9.28 32.90
C TYR D 353 -9.43 8.76 31.69
N PHE D 354 -8.89 7.54 31.77
CA PHE D 354 -8.07 7.03 30.68
C PHE D 354 -8.93 6.75 29.44
N TRP D 355 -10.13 6.21 29.64
CA TRP D 355 -10.98 5.94 28.48
C TRP D 355 -11.54 7.23 27.88
N TYR D 356 -11.80 8.24 28.71
CA TYR D 356 -12.20 9.54 28.19
C TYR D 356 -11.05 10.17 27.43
N SER D 357 -9.82 9.99 27.92
CA SER D 357 -8.64 10.39 27.16
C SER D 357 -8.58 9.64 25.84
N LEU D 358 -8.89 8.34 25.86
CA LEU D 358 -8.79 7.54 24.65
C LEU D 358 -9.79 7.99 23.60
N LEU D 359 -11.07 8.11 23.97
CA LEU D 359 -12.05 8.62 23.01
C LEU D 359 -11.74 10.06 22.61
N TYR D 360 -11.33 10.91 23.56
CA TYR D 360 -10.98 12.28 23.18
C TYR D 360 -9.84 12.29 22.17
N LEU D 361 -8.78 11.53 22.41
CA LEU D 361 -7.61 11.54 21.54
C LEU D 361 -7.94 10.95 20.18
N ILE D 362 -8.55 9.76 20.17
CA ILE D 362 -8.86 9.10 18.90
C ILE D 362 -9.88 9.91 18.11
N GLY D 363 -10.94 10.39 18.77
CA GLY D 363 -11.94 11.18 18.09
C GLY D 363 -11.44 12.55 17.66
N ARG D 364 -10.49 13.13 18.40
CA ARG D 364 -9.93 14.40 17.99
C ARG D 364 -9.00 14.24 16.81
N THR D 365 -8.16 13.20 16.82
CA THR D 365 -7.36 12.89 15.64
C THR D 365 -8.26 12.62 14.44
N ALA D 366 -9.29 11.80 14.63
CA ALA D 366 -10.20 11.47 13.54
C ALA D 366 -10.95 12.70 13.05
N PHE D 367 -11.38 13.57 13.96
CA PHE D 367 -12.16 14.74 13.59
C PHE D 367 -11.30 15.80 12.93
N VAL D 368 -10.08 16.02 13.43
CA VAL D 368 -9.18 16.97 12.80
C VAL D 368 -8.78 16.50 11.41
N PHE D 369 -8.41 15.21 11.29
CA PHE D 369 -8.04 14.69 9.98
C PHE D 369 -9.24 14.56 9.06
N LEU D 370 -10.44 14.37 9.62
CA LEU D 370 -11.65 14.35 8.81
C LEU D 370 -12.03 15.74 8.34
N THR D 371 -11.77 16.76 9.15
CA THR D 371 -12.02 18.13 8.69
C THR D 371 -11.00 18.55 7.65
N ALA D 372 -9.74 18.12 7.82
CA ALA D 372 -8.74 18.36 6.79
C ALA D 372 -9.07 17.62 5.50
N ALA D 373 -9.54 16.36 5.63
CA ALA D 373 -10.00 15.60 4.49
C ALA D 373 -11.31 16.11 3.93
N ASP D 374 -12.04 16.91 4.73
CA ASP D 374 -13.26 17.52 4.24
C ASP D 374 -12.95 18.51 3.12
N ILE D 375 -11.75 19.08 3.12
CA ILE D 375 -11.32 19.89 1.99
C ILE D 375 -11.33 19.05 0.72
N ASN D 376 -10.70 17.87 0.76
CA ASN D 376 -10.65 17.01 -0.42
C ASN D 376 -12.03 16.48 -0.78
N GLU D 377 -12.79 16.02 0.21
CA GLU D 377 -14.12 15.50 -0.04
C GLU D 377 -15.06 16.56 -0.58
N GLU D 378 -14.91 17.81 -0.13
CA GLU D 378 -15.77 18.88 -0.60
C GLU D 378 -15.38 19.33 -2.00
N SER D 379 -14.08 19.31 -2.32
CA SER D 379 -13.67 19.55 -3.69
C SER D 379 -14.15 18.44 -4.62
N LYS D 380 -14.17 17.20 -4.15
CA LYS D 380 -14.64 16.08 -4.96
C LYS D 380 -16.16 16.00 -5.04
N ARG D 381 -16.87 16.58 -4.08
CA ARG D 381 -18.34 16.55 -4.12
C ARG D 381 -18.87 17.38 -5.28
N GLY D 382 -18.21 18.51 -5.57
CA GLY D 382 -18.57 19.29 -6.74
C GLY D 382 -18.26 18.59 -8.04
N LEU D 383 -17.34 17.62 -8.02
CA LEU D 383 -17.03 16.87 -9.22
C LEU D 383 -18.23 16.09 -9.72
N GLY D 384 -18.98 15.46 -8.81
CA GLY D 384 -20.17 14.73 -9.21
C GLY D 384 -21.22 15.62 -9.84
N VAL D 385 -21.41 16.81 -9.28
CA VAL D 385 -22.38 17.75 -9.84
C VAL D 385 -21.89 18.30 -11.18
N LEU D 386 -20.56 18.46 -11.34
CA LEU D 386 -20.03 18.86 -12.63
C LEU D 386 -20.22 17.78 -13.68
N ARG D 387 -20.15 16.51 -13.27
CA ARG D 387 -20.45 15.41 -14.19
C ARG D 387 -21.91 15.43 -14.64
N ARG D 388 -22.79 16.09 -13.88
CA ARG D 388 -24.19 16.20 -14.28
C ARG D 388 -24.39 17.07 -15.50
N VAL D 389 -23.40 17.89 -15.84
CA VAL D 389 -23.58 18.94 -16.84
C VAL D 389 -23.84 18.32 -18.20
N SER D 390 -24.89 18.81 -18.88
CA SER D 390 -25.23 18.31 -20.20
C SER D 390 -24.23 18.81 -21.25
N SER D 391 -24.41 18.30 -22.47
CA SER D 391 -23.51 18.66 -23.56
C SER D 391 -23.70 20.10 -24.02
N ARG D 392 -24.77 20.78 -23.59
CA ARG D 392 -25.06 22.11 -24.08
C ARG D 392 -24.05 23.14 -23.58
N SER D 393 -23.57 22.99 -22.34
CA SER D 393 -22.61 23.92 -21.76
C SER D 393 -21.43 23.14 -21.20
N TRP D 394 -20.48 22.78 -22.06
CA TRP D 394 -19.24 22.13 -21.66
C TRP D 394 -18.08 23.11 -21.67
N CYS D 395 -17.86 23.80 -22.79
CA CYS D 395 -17.12 25.07 -22.83
C CYS D 395 -15.71 24.94 -22.25
N VAL D 396 -15.11 23.76 -22.37
CA VAL D 396 -13.71 23.52 -22.05
C VAL D 396 -13.39 23.77 -20.57
N GLU D 397 -13.89 24.89 -20.02
CA GLU D 397 -13.57 25.25 -18.65
C GLU D 397 -14.01 24.17 -17.67
N VAL D 398 -15.20 23.61 -17.88
CA VAL D 398 -15.65 22.51 -17.02
C VAL D 398 -14.72 21.32 -17.15
N GLU D 399 -14.20 21.07 -18.35
CA GLU D 399 -13.23 19.99 -18.52
C GLU D 399 -11.98 20.23 -17.71
N ARG D 400 -11.46 21.47 -17.73
CA ARG D 400 -10.29 21.81 -16.92
C ARG D 400 -10.59 21.63 -15.44
N LEU D 401 -11.76 22.09 -14.99
CA LEU D 401 -12.10 22.02 -13.58
C LEU D 401 -12.26 20.57 -13.12
N ILE D 402 -12.87 19.74 -13.96
CA ILE D 402 -13.03 18.32 -13.65
C ILE D 402 -11.68 17.64 -13.58
N PHE D 403 -10.82 17.90 -14.57
CA PHE D 403 -9.47 17.35 -14.55
C PHE D 403 -8.73 17.78 -13.30
N GLN D 404 -8.93 19.03 -12.88
CA GLN D 404 -8.26 19.56 -11.70
C GLN D 404 -8.69 18.81 -10.44
N MET D 405 -9.99 18.83 -10.13
CA MET D 405 -10.39 18.11 -8.92
C MET D 405 -10.30 16.60 -9.05
N THR D 406 -10.07 16.07 -10.25
CA THR D 406 -9.84 14.64 -10.38
C THR D 406 -8.40 14.25 -10.15
N THR D 407 -7.45 15.13 -10.47
CA THR D 407 -6.04 14.76 -10.43
C THR D 407 -5.18 15.60 -9.49
N GLN D 408 -5.69 16.70 -8.94
CA GLN D 408 -4.85 17.54 -8.09
C GLN D 408 -4.83 17.06 -6.63
N THR D 409 -5.77 16.20 -6.25
CA THR D 409 -5.98 15.75 -4.86
C THR D 409 -5.79 16.91 -3.88
N VAL D 410 -6.67 17.90 -4.01
CA VAL D 410 -6.63 19.11 -3.21
C VAL D 410 -6.91 18.77 -1.75
N ALA D 411 -5.88 18.85 -0.92
CA ALA D 411 -6.02 18.54 0.50
C ALA D 411 -4.80 19.05 1.24
N LEU D 412 -4.91 19.13 2.57
CA LEU D 412 -3.77 19.44 3.40
C LEU D 412 -2.76 18.30 3.36
N SER D 413 -1.49 18.65 3.54
CA SER D 413 -0.42 17.67 3.50
C SER D 413 0.57 17.96 4.62
N GLY D 414 1.33 16.93 5.00
CA GLY D 414 2.37 17.13 5.99
C GLY D 414 3.50 17.95 5.42
N LYS D 415 4.32 17.34 4.57
CA LYS D 415 5.29 18.06 3.74
C LYS D 415 5.32 17.45 2.35
N LYS D 416 4.14 17.17 1.79
CA LYS D 416 3.88 16.41 0.58
C LYS D 416 4.21 14.93 0.79
N PHE D 417 4.59 14.52 2.00
CA PHE D 417 4.76 13.11 2.29
C PHE D 417 3.43 12.36 2.24
N TYR D 418 2.34 13.03 2.62
CA TYR D 418 1.02 12.43 2.62
C TYR D 418 -0.01 13.54 2.59
N PHE D 419 -1.09 13.31 1.85
CA PHE D 419 -2.17 14.28 1.71
C PHE D 419 -3.35 13.86 2.58
N LEU D 420 -3.78 14.76 3.45
CA LEU D 420 -4.81 14.45 4.44
C LEU D 420 -6.14 14.22 3.72
N THR D 421 -6.51 12.96 3.57
CA THR D 421 -7.73 12.56 2.88
C THR D 421 -8.39 11.44 3.68
N ARG D 422 -9.64 11.14 3.31
CA ARG D 422 -10.31 9.99 3.91
C ARG D 422 -9.58 8.70 3.58
N ARG D 423 -9.01 8.62 2.36
CA ARG D 423 -8.13 7.50 2.03
C ARG D 423 -6.93 7.47 2.96
N LEU D 424 -6.33 8.63 3.23
CA LEU D 424 -5.23 8.67 4.18
C LEU D 424 -5.69 8.34 5.59
N LEU D 425 -6.92 8.72 5.96
CA LEU D 425 -7.41 8.36 7.29
C LEU D 425 -7.57 6.85 7.43
N PHE D 426 -8.09 6.19 6.38
CA PHE D 426 -8.21 4.74 6.43
C PHE D 426 -6.83 4.07 6.43
N GLY D 427 -5.90 4.61 5.65
CA GLY D 427 -4.55 4.10 5.67
C GLY D 427 -3.89 4.25 7.02
N MET D 428 -4.15 5.38 7.69
CA MET D 428 -3.65 5.59 9.05
C MET D 428 -4.29 4.61 10.02
N ALA D 429 -5.59 4.35 9.87
CA ALA D 429 -6.25 3.36 10.72
C ALA D 429 -5.63 1.99 10.56
N GLY D 430 -5.39 1.57 9.31
CA GLY D 430 -4.76 0.29 9.08
C GLY D 430 -3.33 0.23 9.58
N THR D 431 -2.59 1.32 9.40
CA THR D 431 -1.21 1.39 9.88
C THR D 431 -1.17 1.31 11.40
N ILE D 432 -2.08 2.00 12.08
CA ILE D 432 -2.15 1.94 13.54
C ILE D 432 -2.56 0.54 13.98
N VAL D 433 -3.45 -0.12 13.23
CA VAL D 433 -3.84 -1.48 13.57
C VAL D 433 -2.64 -2.41 13.48
N THR D 434 -1.86 -2.30 12.41
CA THR D 434 -0.67 -3.15 12.27
C THR D 434 0.37 -2.82 13.35
N TYR D 435 0.56 -1.53 13.63
CA TYR D 435 1.49 -1.13 14.68
C TYR D 435 1.07 -1.71 16.03
N GLU D 436 -0.23 -1.71 16.32
CA GLU D 436 -0.69 -2.34 17.53
C GLU D 436 -0.48 -3.85 17.49
N LEU D 437 -0.75 -4.48 16.34
CA LEU D 437 -0.57 -5.92 16.22
C LEU D 437 0.88 -6.33 16.46
N VAL D 438 1.82 -5.41 16.22
CA VAL D 438 3.20 -5.74 16.59
C VAL D 438 3.56 -5.22 17.98
N LEU D 439 2.83 -4.23 18.51
CA LEU D 439 3.20 -3.64 19.79
C LEU D 439 2.66 -4.42 20.98
N LEU D 440 1.43 -4.93 20.91
CA LEU D 440 1.01 -5.85 21.97
C LEU D 440 1.83 -7.13 21.99
N GLN D 441 2.60 -7.41 20.94
CA GLN D 441 3.67 -8.40 21.04
C GLN D 441 4.95 -7.79 21.59
N PHE D 442 5.18 -6.50 21.34
CA PHE D 442 6.34 -5.82 21.95
C PHE D 442 6.21 -5.80 23.47
N ASP D 443 5.04 -5.41 23.98
CA ASP D 443 4.83 -5.27 25.42
C ASP D 443 3.97 -6.40 25.98
N GLU D 444 3.95 -7.56 25.33
CA GLU D 444 3.19 -8.69 25.84
C GLU D 444 3.64 -9.14 27.23
N PRO D 445 4.93 -9.37 27.51
CA PRO D 445 5.31 -9.83 28.86
C PRO D 445 5.14 -8.77 29.94
N ASN D 446 5.06 -7.49 29.57
CA ASN D 446 4.93 -6.45 30.59
C ASN D 446 3.52 -6.44 31.18
N ARG D 447 2.50 -6.60 30.35
CA ARG D 447 1.12 -6.64 30.83
C ARG D 447 0.71 -8.06 31.20
#